data_6NFM
# 
_entry.id   6NFM 
# 
_audit_conform.dict_name       mmcif_pdbx.dic 
_audit_conform.dict_version    5.397 
_audit_conform.dict_location   http://mmcif.pdb.org/dictionaries/ascii/mmcif_pdbx.dic 
# 
loop_
_database_2.database_id 
_database_2.database_code 
_database_2.pdbx_database_accession 
_database_2.pdbx_DOI 
PDB   6NFM         pdb_00006nfm 10.2210/pdb6nfm/pdb 
WWPDB D_1000238714 ?            ?                   
# 
loop_
_pdbx_audit_revision_history.ordinal 
_pdbx_audit_revision_history.data_content_type 
_pdbx_audit_revision_history.major_revision 
_pdbx_audit_revision_history.minor_revision 
_pdbx_audit_revision_history.revision_date 
1 'Structure model' 1 0 2019-12-25 
2 'Structure model' 1 1 2020-01-29 
3 'Structure model' 1 2 2023-10-11 
4 'Structure model' 1 3 2024-10-23 
# 
_pdbx_audit_revision_details.ordinal             1 
_pdbx_audit_revision_details.revision_ordinal    1 
_pdbx_audit_revision_details.data_content_type   'Structure model' 
_pdbx_audit_revision_details.provider            repository 
_pdbx_audit_revision_details.type                'Initial release' 
_pdbx_audit_revision_details.description         ? 
_pdbx_audit_revision_details.details             ? 
# 
loop_
_pdbx_audit_revision_group.ordinal 
_pdbx_audit_revision_group.revision_ordinal 
_pdbx_audit_revision_group.data_content_type 
_pdbx_audit_revision_group.group 
1 2 'Structure model' 'Database references'    
2 3 'Structure model' 'Data collection'        
3 3 'Structure model' 'Database references'    
4 3 'Structure model' 'Refinement description' 
5 4 'Structure model' 'Structure summary'      
# 
loop_
_pdbx_audit_revision_category.ordinal 
_pdbx_audit_revision_category.revision_ordinal 
_pdbx_audit_revision_category.data_content_type 
_pdbx_audit_revision_category.category 
1 2 'Structure model' citation                      
2 2 'Structure model' citation_author               
3 3 'Structure model' chem_comp_atom                
4 3 'Structure model' chem_comp_bond                
5 3 'Structure model' database_2                    
6 3 'Structure model' pdbx_initial_refinement_model 
7 4 'Structure model' pdbx_entry_details            
8 4 'Structure model' pdbx_modification_feature     
# 
loop_
_pdbx_audit_revision_item.ordinal 
_pdbx_audit_revision_item.revision_ordinal 
_pdbx_audit_revision_item.data_content_type 
_pdbx_audit_revision_item.item 
1  2 'Structure model' '_citation.country'                   
2  2 'Structure model' '_citation.journal_abbrev'            
3  2 'Structure model' '_citation.journal_id_CSD'            
4  2 'Structure model' '_citation.journal_id_ISSN'           
5  2 'Structure model' '_citation.journal_volume'            
6  2 'Structure model' '_citation.page_first'                
7  2 'Structure model' '_citation.page_last'                 
8  2 'Structure model' '_citation.pdbx_database_id_DOI'      
9  2 'Structure model' '_citation.title'                     
10 2 'Structure model' '_citation.year'                      
11 3 'Structure model' '_database_2.pdbx_DOI'                
12 3 'Structure model' '_database_2.pdbx_database_accession' 
# 
_pdbx_database_status.status_code                     REL 
_pdbx_database_status.status_code_sf                  REL 
_pdbx_database_status.status_code_mr                  ? 
_pdbx_database_status.entry_id                        6NFM 
_pdbx_database_status.recvd_initial_deposition_date   2018-12-20 
_pdbx_database_status.SG_entry                        N 
_pdbx_database_status.deposit_site                    RCSB 
_pdbx_database_status.process_site                    RCSB 
_pdbx_database_status.status_code_cs                  ? 
_pdbx_database_status.methods_development_category    ? 
_pdbx_database_status.pdb_format_compatible           Y 
_pdbx_database_status.status_code_nmr_data            ? 
# 
loop_
_audit_author.name 
_audit_author.pdbx_ordinal 
_audit_author.identifier_ORCID 
'Shi, K.'    1 0000-0003-4175-3714 
'Aihara, H.' 2 0000-0001-7508-6230 
# 
_citation.abstract                  ? 
_citation.abstract_id_CAS           ? 
_citation.book_id_ISBN              ? 
_citation.book_publisher            ? 
_citation.book_publisher_city       ? 
_citation.book_title                ? 
_citation.coordinate_linkage        ? 
_citation.country                   US 
_citation.database_id_Medline       ? 
_citation.details                   ? 
_citation.id                        primary 
_citation.journal_abbrev            'Faseb Bioadv' 
_citation.journal_id_ASTM           ? 
_citation.journal_id_CSD            ? 
_citation.journal_id_ISSN           2573-9832 
_citation.journal_full              ? 
_citation.journal_issue             ? 
_citation.journal_volume            2 
_citation.language                  ? 
_citation.page_first                49 
_citation.page_last                 58 
_citation.title                     
'Active site plasticity and possible modes of chemical inhibition of the human DNA deaminase APOBEC3B' 
_citation.year                      2020 
_citation.database_id_CSD           ? 
_citation.pdbx_database_id_DOI      10.1096/fba.2019-00068 
_citation.pdbx_database_id_PubMed   ? 
_citation.unpublished_flag          ? 
# 
loop_
_citation_author.citation_id 
_citation_author.name 
_citation_author.ordinal 
_citation_author.identifier_ORCID 
primary 'Shi, K.'         1 0000-0003-4175-3714 
primary 'Demir, O.'       2 ?                   
primary 'Carpenter, M.A.' 3 ?                   
primary 'Banerjee, S.'    4 ?                   
primary 'Harki, D.A.'     5 ?                   
primary 'Amaro, R.E.'     6 ?                   
primary 'Harris, R.S.'    7 ?                   
primary 'Aihara, H.'      8 0000-0001-7508-6230 
# 
loop_
_entity.id 
_entity.type 
_entity.src_method 
_entity.pdbx_description 
_entity.formula_weight 
_entity.pdbx_number_of_molecules 
_entity.pdbx_ec 
_entity.pdbx_mutation 
_entity.pdbx_fragment 
_entity.details 
1 polymer     man 'DNA dC->dU-editing enzyme APOBEC-3B' 22844.803 1  3.5.4.38 
'F200S, W228S, L230K, Y250S, F308K, Y315D, D316Q, P317G, L318R, Y319C, K320Q' ? ? 
2 non-polymer syn 'CHLORIDE ION'                        35.453    1  ?        ? ? ? 
3 water       nat water                                 18.015    22 ?        ? ? ? 
# 
_entity_name_com.entity_id   1 
_entity_name_com.name        'A3B,Phorbolin-1-related protein,Phorbolin-2/3' 
# 
_entity_poly.entity_id                      1 
_entity_poly.type                           'polypeptide(L)' 
_entity_poly.nstd_linkage                   no 
_entity_poly.nstd_monomer                   no 
_entity_poly.pdbx_seq_one_letter_code       
;MEILRYLMDPDTFTSNFNNDPLVLRRRQTYLCYEVERLDNGTSVKMDQHMGFLCNESGRHAELRFLDLVPSLQLDPAQIY
RVTWFISWSPCFSWGCAGEVRAFLQENTHVRLRIKAARIYDDQGRCQEALQMLRDAGAQVSIMTYDEFEYCWDTFVYRQG
CPFQPWDGLEEHSQALSGRLRAILQLEHHHHHH
;
_entity_poly.pdbx_seq_one_letter_code_can   
;MEILRYLMDPDTFTSNFNNDPLVLRRRQTYLCYEVERLDNGTSVKMDQHMGFLCNESGRHAELRFLDLVPSLQLDPAQIY
RVTWFISWSPCFSWGCAGEVRAFLQENTHVRLRIKAARIYDDQGRCQEALQMLRDAGAQVSIMTYDEFEYCWDTFVYRQG
CPFQPWDGLEEHSQALSGRLRAILQLEHHHHHH
;
_entity_poly.pdbx_strand_id                 A 
_entity_poly.pdbx_target_identifier         ? 
# 
loop_
_pdbx_entity_nonpoly.entity_id 
_pdbx_entity_nonpoly.name 
_pdbx_entity_nonpoly.comp_id 
2 'CHLORIDE ION' CL  
3 water          HOH 
# 
loop_
_entity_poly_seq.entity_id 
_entity_poly_seq.num 
_entity_poly_seq.mon_id 
_entity_poly_seq.hetero 
1 1   MET n 
1 2   GLU n 
1 3   ILE n 
1 4   LEU n 
1 5   ARG n 
1 6   TYR n 
1 7   LEU n 
1 8   MET n 
1 9   ASP n 
1 10  PRO n 
1 11  ASP n 
1 12  THR n 
1 13  PHE n 
1 14  THR n 
1 15  SER n 
1 16  ASN n 
1 17  PHE n 
1 18  ASN n 
1 19  ASN n 
1 20  ASP n 
1 21  PRO n 
1 22  LEU n 
1 23  VAL n 
1 24  LEU n 
1 25  ARG n 
1 26  ARG n 
1 27  ARG n 
1 28  GLN n 
1 29  THR n 
1 30  TYR n 
1 31  LEU n 
1 32  CYS n 
1 33  TYR n 
1 34  GLU n 
1 35  VAL n 
1 36  GLU n 
1 37  ARG n 
1 38  LEU n 
1 39  ASP n 
1 40  ASN n 
1 41  GLY n 
1 42  THR n 
1 43  SER n 
1 44  VAL n 
1 45  LYS n 
1 46  MET n 
1 47  ASP n 
1 48  GLN n 
1 49  HIS n 
1 50  MET n 
1 51  GLY n 
1 52  PHE n 
1 53  LEU n 
1 54  CYS n 
1 55  ASN n 
1 56  GLU n 
1 57  SER n 
1 58  GLY n 
1 59  ARG n 
1 60  HIS n 
1 61  ALA n 
1 62  GLU n 
1 63  LEU n 
1 64  ARG n 
1 65  PHE n 
1 66  LEU n 
1 67  ASP n 
1 68  LEU n 
1 69  VAL n 
1 70  PRO n 
1 71  SER n 
1 72  LEU n 
1 73  GLN n 
1 74  LEU n 
1 75  ASP n 
1 76  PRO n 
1 77  ALA n 
1 78  GLN n 
1 79  ILE n 
1 80  TYR n 
1 81  ARG n 
1 82  VAL n 
1 83  THR n 
1 84  TRP n 
1 85  PHE n 
1 86  ILE n 
1 87  SER n 
1 88  TRP n 
1 89  SER n 
1 90  PRO n 
1 91  CYS n 
1 92  PHE n 
1 93  SER n 
1 94  TRP n 
1 95  GLY n 
1 96  CYS n 
1 97  ALA n 
1 98  GLY n 
1 99  GLU n 
1 100 VAL n 
1 101 ARG n 
1 102 ALA n 
1 103 PHE n 
1 104 LEU n 
1 105 GLN n 
1 106 GLU n 
1 107 ASN n 
1 108 THR n 
1 109 HIS n 
1 110 VAL n 
1 111 ARG n 
1 112 LEU n 
1 113 ARG n 
1 114 ILE n 
1 115 LYS n 
1 116 ALA n 
1 117 ALA n 
1 118 ARG n 
1 119 ILE n 
1 120 TYR n 
1 121 ASP n 
1 122 ASP n 
1 123 GLN n 
1 124 GLY n 
1 125 ARG n 
1 126 CYS n 
1 127 GLN n 
1 128 GLU n 
1 129 ALA n 
1 130 LEU n 
1 131 GLN n 
1 132 MET n 
1 133 LEU n 
1 134 ARG n 
1 135 ASP n 
1 136 ALA n 
1 137 GLY n 
1 138 ALA n 
1 139 GLN n 
1 140 VAL n 
1 141 SER n 
1 142 ILE n 
1 143 MET n 
1 144 THR n 
1 145 TYR n 
1 146 ASP n 
1 147 GLU n 
1 148 PHE n 
1 149 GLU n 
1 150 TYR n 
1 151 CYS n 
1 152 TRP n 
1 153 ASP n 
1 154 THR n 
1 155 PHE n 
1 156 VAL n 
1 157 TYR n 
1 158 ARG n 
1 159 GLN n 
1 160 GLY n 
1 161 CYS n 
1 162 PRO n 
1 163 PHE n 
1 164 GLN n 
1 165 PRO n 
1 166 TRP n 
1 167 ASP n 
1 168 GLY n 
1 169 LEU n 
1 170 GLU n 
1 171 GLU n 
1 172 HIS n 
1 173 SER n 
1 174 GLN n 
1 175 ALA n 
1 176 LEU n 
1 177 SER n 
1 178 GLY n 
1 179 ARG n 
1 180 LEU n 
1 181 ARG n 
1 182 ALA n 
1 183 ILE n 
1 184 LEU n 
1 185 GLN n 
1 186 LEU n 
1 187 GLU n 
1 188 HIS n 
1 189 HIS n 
1 190 HIS n 
1 191 HIS n 
1 192 HIS n 
1 193 HIS n 
# 
_entity_src_gen.entity_id                          1 
_entity_src_gen.pdbx_src_id                        1 
_entity_src_gen.pdbx_alt_source_flag               sample 
_entity_src_gen.pdbx_seq_type                      'Biological sequence' 
_entity_src_gen.pdbx_beg_seq_num                   1 
_entity_src_gen.pdbx_end_seq_num                   193 
_entity_src_gen.gene_src_common_name               Human 
_entity_src_gen.gene_src_genus                     ? 
_entity_src_gen.pdbx_gene_src_gene                 APOBEC3B 
_entity_src_gen.gene_src_species                   ? 
_entity_src_gen.gene_src_strain                    ? 
_entity_src_gen.gene_src_tissue                    ? 
_entity_src_gen.gene_src_tissue_fraction           ? 
_entity_src_gen.gene_src_details                   ? 
_entity_src_gen.pdbx_gene_src_fragment             ? 
_entity_src_gen.pdbx_gene_src_scientific_name      'Homo sapiens' 
_entity_src_gen.pdbx_gene_src_ncbi_taxonomy_id     9606 
_entity_src_gen.pdbx_gene_src_variant              ? 
_entity_src_gen.pdbx_gene_src_cell_line            ? 
_entity_src_gen.pdbx_gene_src_atcc                 ? 
_entity_src_gen.pdbx_gene_src_organ                ? 
_entity_src_gen.pdbx_gene_src_organelle            ? 
_entity_src_gen.pdbx_gene_src_cell                 ? 
_entity_src_gen.pdbx_gene_src_cellular_location    ? 
_entity_src_gen.host_org_common_name               ? 
_entity_src_gen.pdbx_host_org_scientific_name      'Escherichia coli' 
_entity_src_gen.pdbx_host_org_ncbi_taxonomy_id     562 
_entity_src_gen.host_org_genus                     ? 
_entity_src_gen.pdbx_host_org_gene                 ? 
_entity_src_gen.pdbx_host_org_organ                ? 
_entity_src_gen.host_org_species                   ? 
_entity_src_gen.pdbx_host_org_tissue               ? 
_entity_src_gen.pdbx_host_org_tissue_fraction      ? 
_entity_src_gen.pdbx_host_org_strain               ? 
_entity_src_gen.pdbx_host_org_variant              ? 
_entity_src_gen.pdbx_host_org_cell_line            ? 
_entity_src_gen.pdbx_host_org_atcc                 ? 
_entity_src_gen.pdbx_host_org_culture_collection   ? 
_entity_src_gen.pdbx_host_org_cell                 ? 
_entity_src_gen.pdbx_host_org_organelle            ? 
_entity_src_gen.pdbx_host_org_cellular_location    ? 
_entity_src_gen.pdbx_host_org_vector_type          ? 
_entity_src_gen.pdbx_host_org_vector               ? 
_entity_src_gen.host_org_details                   ? 
_entity_src_gen.expression_system_id               ? 
_entity_src_gen.plasmid_name                       ? 
_entity_src_gen.plasmid_details                    ? 
_entity_src_gen.pdbx_description                   ? 
# 
loop_
_chem_comp.id 
_chem_comp.type 
_chem_comp.mon_nstd_flag 
_chem_comp.name 
_chem_comp.pdbx_synonyms 
_chem_comp.formula 
_chem_comp.formula_weight 
ALA 'L-peptide linking' y ALANINE         ? 'C3 H7 N O2'     89.093  
ARG 'L-peptide linking' y ARGININE        ? 'C6 H15 N4 O2 1' 175.209 
ASN 'L-peptide linking' y ASPARAGINE      ? 'C4 H8 N2 O3'    132.118 
ASP 'L-peptide linking' y 'ASPARTIC ACID' ? 'C4 H7 N O4'     133.103 
CL  non-polymer         . 'CHLORIDE ION'  ? 'Cl -1'          35.453  
CYS 'L-peptide linking' y CYSTEINE        ? 'C3 H7 N O2 S'   121.158 
GLN 'L-peptide linking' y GLUTAMINE       ? 'C5 H10 N2 O3'   146.144 
GLU 'L-peptide linking' y 'GLUTAMIC ACID' ? 'C5 H9 N O4'     147.129 
GLY 'peptide linking'   y GLYCINE         ? 'C2 H5 N O2'     75.067  
HIS 'L-peptide linking' y HISTIDINE       ? 'C6 H10 N3 O2 1' 156.162 
HOH non-polymer         . WATER           ? 'H2 O'           18.015  
ILE 'L-peptide linking' y ISOLEUCINE      ? 'C6 H13 N O2'    131.173 
LEU 'L-peptide linking' y LEUCINE         ? 'C6 H13 N O2'    131.173 
LYS 'L-peptide linking' y LYSINE          ? 'C6 H15 N2 O2 1' 147.195 
MET 'L-peptide linking' y METHIONINE      ? 'C5 H11 N O2 S'  149.211 
PHE 'L-peptide linking' y PHENYLALANINE   ? 'C9 H11 N O2'    165.189 
PRO 'L-peptide linking' y PROLINE         ? 'C5 H9 N O2'     115.130 
SER 'L-peptide linking' y SERINE          ? 'C3 H7 N O3'     105.093 
THR 'L-peptide linking' y THREONINE       ? 'C4 H9 N O3'     119.119 
TRP 'L-peptide linking' y TRYPTOPHAN      ? 'C11 H12 N2 O2'  204.225 
TYR 'L-peptide linking' y TYROSINE        ? 'C9 H11 N O3'    181.189 
VAL 'L-peptide linking' y VALINE          ? 'C5 H11 N O2'    117.146 
# 
loop_
_pdbx_poly_seq_scheme.asym_id 
_pdbx_poly_seq_scheme.entity_id 
_pdbx_poly_seq_scheme.seq_id 
_pdbx_poly_seq_scheme.mon_id 
_pdbx_poly_seq_scheme.ndb_seq_num 
_pdbx_poly_seq_scheme.pdb_seq_num 
_pdbx_poly_seq_scheme.auth_seq_num 
_pdbx_poly_seq_scheme.pdb_mon_id 
_pdbx_poly_seq_scheme.auth_mon_id 
_pdbx_poly_seq_scheme.pdb_strand_id 
_pdbx_poly_seq_scheme.pdb_ins_code 
_pdbx_poly_seq_scheme.hetero 
A 1 1   MET 1   186 ?   ?   ?   A . n 
A 1 2   GLU 2   187 ?   ?   ?   A . n 
A 1 3   ILE 3   188 ?   ?   ?   A . n 
A 1 4   LEU 4   189 189 LEU LEU A . n 
A 1 5   ARG 5   190 190 ARG ARG A . n 
A 1 6   TYR 6   191 191 TYR TYR A . n 
A 1 7   LEU 7   192 192 LEU LEU A . n 
A 1 8   MET 8   193 193 MET MET A . n 
A 1 9   ASP 9   194 194 ASP ASP A . n 
A 1 10  PRO 10  195 195 PRO PRO A . n 
A 1 11  ASP 11  196 196 ASP ASP A . n 
A 1 12  THR 12  197 197 THR THR A . n 
A 1 13  PHE 13  198 198 PHE PHE A . n 
A 1 14  THR 14  199 199 THR THR A . n 
A 1 15  SER 15  200 200 SER SER A . n 
A 1 16  ASN 16  201 201 ASN ASN A . n 
A 1 17  PHE 17  202 202 PHE PHE A . n 
A 1 18  ASN 18  203 203 ASN ASN A . n 
A 1 19  ASN 19  204 204 ASN ASN A . n 
A 1 20  ASP 20  205 205 ASP ASP A . n 
A 1 21  PRO 21  206 206 PRO PRO A . n 
A 1 22  LEU 22  207 207 LEU LEU A . n 
A 1 23  VAL 23  208 208 VAL VAL A . n 
A 1 24  LEU 24  209 209 LEU LEU A . n 
A 1 25  ARG 25  210 210 ARG ARG A . n 
A 1 26  ARG 26  211 211 ARG ARG A . n 
A 1 27  ARG 27  212 212 ARG ARG A . n 
A 1 28  GLN 28  213 213 GLN GLN A . n 
A 1 29  THR 29  214 214 THR THR A . n 
A 1 30  TYR 30  215 215 TYR TYR A . n 
A 1 31  LEU 31  216 216 LEU LEU A . n 
A 1 32  CYS 32  217 217 CYS CYS A . n 
A 1 33  TYR 33  218 218 TYR TYR A . n 
A 1 34  GLU 34  219 219 GLU GLU A . n 
A 1 35  VAL 35  220 220 VAL VAL A . n 
A 1 36  GLU 36  221 221 GLU GLU A . n 
A 1 37  ARG 37  222 222 ARG ARG A . n 
A 1 38  LEU 38  223 223 LEU LEU A . n 
A 1 39  ASP 39  224 224 ASP ASP A . n 
A 1 40  ASN 40  225 225 ASN ASN A . n 
A 1 41  GLY 41  226 226 GLY GLY A . n 
A 1 42  THR 42  227 227 THR THR A . n 
A 1 43  SER 43  228 228 SER SER A . n 
A 1 44  VAL 44  229 229 VAL VAL A . n 
A 1 45  LYS 45  230 230 LYS LYS A . n 
A 1 46  MET 46  231 231 MET MET A . n 
A 1 47  ASP 47  232 232 ASP ASP A . n 
A 1 48  GLN 48  233 233 GLN GLN A . n 
A 1 49  HIS 49  234 234 HIS HIS A . n 
A 1 50  MET 50  235 235 MET MET A . n 
A 1 51  GLY 51  236 236 GLY GLY A . n 
A 1 52  PHE 52  237 237 PHE PHE A . n 
A 1 53  LEU 53  238 238 LEU LEU A . n 
A 1 54  CYS 54  239 239 CYS CYS A . n 
A 1 55  ASN 55  240 240 ASN ASN A . n 
A 1 56  GLU 56  241 241 GLU GLU A . n 
A 1 57  SER 57  250 250 SER SER A . n 
A 1 58  GLY 58  251 251 GLY GLY A . n 
A 1 59  ARG 59  252 252 ARG ARG A . n 
A 1 60  HIS 60  253 253 HIS HIS A . n 
A 1 61  ALA 61  254 254 ALA ALA A . n 
A 1 62  GLU 62  255 255 GLU GLU A . n 
A 1 63  LEU 63  256 256 LEU LEU A . n 
A 1 64  ARG 64  257 257 ARG ARG A . n 
A 1 65  PHE 65  258 258 PHE PHE A . n 
A 1 66  LEU 66  259 259 LEU LEU A . n 
A 1 67  ASP 67  260 260 ASP ASP A . n 
A 1 68  LEU 68  261 261 LEU LEU A . n 
A 1 69  VAL 69  262 262 VAL VAL A . n 
A 1 70  PRO 70  263 263 PRO PRO A . n 
A 1 71  SER 71  264 264 SER SER A . n 
A 1 72  LEU 72  265 265 LEU LEU A . n 
A 1 73  GLN 73  266 266 GLN GLN A . n 
A 1 74  LEU 74  267 267 LEU LEU A . n 
A 1 75  ASP 75  268 268 ASP ASP A . n 
A 1 76  PRO 76  269 269 PRO PRO A . n 
A 1 77  ALA 77  270 270 ALA ALA A . n 
A 1 78  GLN 78  271 271 GLN GLN A . n 
A 1 79  ILE 79  272 272 ILE ILE A . n 
A 1 80  TYR 80  273 273 TYR TYR A . n 
A 1 81  ARG 81  274 274 ARG ARG A . n 
A 1 82  VAL 82  275 275 VAL VAL A . n 
A 1 83  THR 83  276 276 THR THR A . n 
A 1 84  TRP 84  277 277 TRP TRP A . n 
A 1 85  PHE 85  278 278 PHE PHE A . n 
A 1 86  ILE 86  279 279 ILE ILE A . n 
A 1 87  SER 87  280 280 SER SER A . n 
A 1 88  TRP 88  281 281 TRP TRP A . n 
A 1 89  SER 89  282 282 SER SER A . n 
A 1 90  PRO 90  283 283 PRO PRO A . n 
A 1 91  CYS 91  284 284 CYS CYS A . n 
A 1 92  PHE 92  285 285 PHE PHE A . n 
A 1 93  SER 93  286 286 SER SER A . n 
A 1 94  TRP 94  287 287 TRP TRP A . n 
A 1 95  GLY 95  288 288 GLY GLY A . n 
A 1 96  CYS 96  289 289 CYS CYS A . n 
A 1 97  ALA 97  290 290 ALA ALA A . n 
A 1 98  GLY 98  291 291 GLY GLY A . n 
A 1 99  GLU 99  292 292 GLU GLU A . n 
A 1 100 VAL 100 293 293 VAL VAL A . n 
A 1 101 ARG 101 294 294 ARG ARG A . n 
A 1 102 ALA 102 295 295 ALA ALA A . n 
A 1 103 PHE 103 296 296 PHE PHE A . n 
A 1 104 LEU 104 297 297 LEU LEU A . n 
A 1 105 GLN 105 298 298 GLN GLN A . n 
A 1 106 GLU 106 299 299 GLU GLU A . n 
A 1 107 ASN 107 300 300 ASN ASN A . n 
A 1 108 THR 108 301 301 THR THR A . n 
A 1 109 HIS 109 302 302 HIS HIS A . n 
A 1 110 VAL 110 303 303 VAL VAL A . n 
A 1 111 ARG 111 304 304 ARG ARG A . n 
A 1 112 LEU 112 305 305 LEU LEU A . n 
A 1 113 ARG 113 306 306 ARG ARG A . n 
A 1 114 ILE 114 307 307 ILE ILE A . n 
A 1 115 LYS 115 308 308 LYS LYS A . n 
A 1 116 ALA 116 309 309 ALA ALA A . n 
A 1 117 ALA 117 310 310 ALA ALA A . n 
A 1 118 ARG 118 311 311 ARG ARG A . n 
A 1 119 ILE 119 312 312 ILE ILE A . n 
A 1 120 TYR 120 313 313 TYR TYR A . n 
A 1 121 ASP 121 314 314 ASP ASP A . n 
A 1 122 ASP 122 315 315 ASP ASP A . n 
A 1 123 GLN 123 316 316 GLN GLN A . n 
A 1 124 GLY 124 317 317 GLY GLY A . n 
A 1 125 ARG 125 318 318 ARG ARG A . n 
A 1 126 CYS 126 319 319 CYS CYS A . n 
A 1 127 GLN 127 320 320 GLN GLN A . n 
A 1 128 GLU 128 321 321 GLU GLU A . n 
A 1 129 ALA 129 322 322 ALA ALA A . n 
A 1 130 LEU 130 323 323 LEU LEU A . n 
A 1 131 GLN 131 324 324 GLN GLN A . n 
A 1 132 MET 132 325 325 MET MET A . n 
A 1 133 LEU 133 326 326 LEU LEU A . n 
A 1 134 ARG 134 327 327 ARG ARG A . n 
A 1 135 ASP 135 328 328 ASP ASP A . n 
A 1 136 ALA 136 329 329 ALA ALA A . n 
A 1 137 GLY 137 330 330 GLY GLY A . n 
A 1 138 ALA 138 331 331 ALA ALA A . n 
A 1 139 GLN 139 332 332 GLN GLN A . n 
A 1 140 VAL 140 333 333 VAL VAL A . n 
A 1 141 SER 141 334 334 SER SER A . n 
A 1 142 ILE 142 335 335 ILE ILE A . n 
A 1 143 MET 143 336 336 MET MET A . n 
A 1 144 THR 144 337 337 THR THR A . n 
A 1 145 TYR 145 338 338 TYR TYR A . n 
A 1 146 ASP 146 339 339 ASP ASP A . n 
A 1 147 GLU 147 340 340 GLU GLU A . n 
A 1 148 PHE 148 341 341 PHE PHE A . n 
A 1 149 GLU 149 342 342 GLU GLU A . n 
A 1 150 TYR 150 343 343 TYR TYR A . n 
A 1 151 CYS 151 344 344 CYS CYS A . n 
A 1 152 TRP 152 345 345 TRP TRP A . n 
A 1 153 ASP 153 346 346 ASP ASP A . n 
A 1 154 THR 154 347 347 THR THR A . n 
A 1 155 PHE 155 348 348 PHE PHE A . n 
A 1 156 VAL 156 349 349 VAL VAL A . n 
A 1 157 TYR 157 350 350 TYR TYR A . n 
A 1 158 ARG 158 351 351 ARG ARG A . n 
A 1 159 GLN 159 352 352 GLN GLN A . n 
A 1 160 GLY 160 353 353 GLY GLY A . n 
A 1 161 CYS 161 354 354 CYS CYS A . n 
A 1 162 PRO 162 355 355 PRO PRO A . n 
A 1 163 PHE 163 356 356 PHE PHE A . n 
A 1 164 GLN 164 357 357 GLN GLN A . n 
A 1 165 PRO 165 358 358 PRO PRO A . n 
A 1 166 TRP 166 359 359 TRP TRP A . n 
A 1 167 ASP 167 360 360 ASP ASP A . n 
A 1 168 GLY 168 361 361 GLY GLY A . n 
A 1 169 LEU 169 362 362 LEU LEU A . n 
A 1 170 GLU 170 363 363 GLU GLU A . n 
A 1 171 GLU 171 364 364 GLU GLU A . n 
A 1 172 HIS 172 365 365 HIS HIS A . n 
A 1 173 SER 173 366 366 SER SER A . n 
A 1 174 GLN 174 367 367 GLN GLN A . n 
A 1 175 ALA 175 368 368 ALA ALA A . n 
A 1 176 LEU 176 369 369 LEU LEU A . n 
A 1 177 SER 177 370 370 SER SER A . n 
A 1 178 GLY 178 371 371 GLY GLY A . n 
A 1 179 ARG 179 372 372 ARG ARG A . n 
A 1 180 LEU 180 373 373 LEU LEU A . n 
A 1 181 ARG 181 374 374 ARG ARG A . n 
A 1 182 ALA 182 375 375 ALA ALA A . n 
A 1 183 ILE 183 376 376 ILE ILE A . n 
A 1 184 LEU 184 377 377 LEU LEU A . n 
A 1 185 GLN 185 378 378 GLN GLN A . n 
A 1 186 LEU 186 379 379 LEU LEU A . n 
A 1 187 GLU 187 380 ?   ?   ?   A . n 
A 1 188 HIS 188 381 ?   ?   ?   A . n 
A 1 189 HIS 189 382 ?   ?   ?   A . n 
A 1 190 HIS 190 383 ?   ?   ?   A . n 
A 1 191 HIS 191 384 ?   ?   ?   A . n 
A 1 192 HIS 192 385 ?   ?   ?   A . n 
A 1 193 HIS 193 386 ?   ?   ?   A . n 
# 
loop_
_pdbx_nonpoly_scheme.asym_id 
_pdbx_nonpoly_scheme.entity_id 
_pdbx_nonpoly_scheme.mon_id 
_pdbx_nonpoly_scheme.ndb_seq_num 
_pdbx_nonpoly_scheme.pdb_seq_num 
_pdbx_nonpoly_scheme.auth_seq_num 
_pdbx_nonpoly_scheme.pdb_mon_id 
_pdbx_nonpoly_scheme.auth_mon_id 
_pdbx_nonpoly_scheme.pdb_strand_id 
_pdbx_nonpoly_scheme.pdb_ins_code 
B 2 CL  1  401 382 CL  CL  A . 
C 3 HOH 1  501 15  HOH HOH A . 
C 3 HOH 2  502 1   HOH HOH A . 
C 3 HOH 3  503 6   HOH HOH A . 
C 3 HOH 4  504 8   HOH HOH A . 
C 3 HOH 5  505 17  HOH HOH A . 
C 3 HOH 6  506 19  HOH HOH A . 
C 3 HOH 7  507 14  HOH HOH A . 
C 3 HOH 8  508 3   HOH HOH A . 
C 3 HOH 9  509 21  HOH HOH A . 
C 3 HOH 10 510 18  HOH HOH A . 
C 3 HOH 11 511 11  HOH HOH A . 
C 3 HOH 12 512 22  HOH HOH A . 
C 3 HOH 13 513 13  HOH HOH A . 
C 3 HOH 14 514 20  HOH HOH A . 
C 3 HOH 15 515 24  HOH HOH A . 
C 3 HOH 16 516 9   HOH HOH A . 
C 3 HOH 17 517 23  HOH HOH A . 
C 3 HOH 18 518 2   HOH HOH A . 
C 3 HOH 19 519 12  HOH HOH A . 
C 3 HOH 20 520 5   HOH HOH A . 
C 3 HOH 21 521 10  HOH HOH A . 
C 3 HOH 22 522 16  HOH HOH A . 
# 
loop_
_software.citation_id 
_software.classification 
_software.compiler_name 
_software.compiler_version 
_software.contact_author 
_software.contact_author_email 
_software.date 
_software.description 
_software.dependencies 
_software.hardware 
_software.language 
_software.location 
_software.mods 
_software.name 
_software.os 
_software.os_version 
_software.type 
_software.version 
_software.pdbx_ordinal 
? refinement       ? ? ? ? ? ? ? ? ? ? ? PHENIX ? ? ? '(dev_3357: ???)' 1 
? 'data reduction' ? ? ? ? ? ? ? ? ? ? ? XDS    ? ? ? .                 2 
? 'data scaling'   ? ? ? ? ? ? ? ? ? ? ? XSCALE ? ? ? .                 3 
? phasing          ? ? ? ? ? ? ? ? ? ? ? PHASER ? ? ? .                 4 
# 
_cell.angle_alpha                  90.00 
_cell.angle_alpha_esd              ? 
_cell.angle_beta                   90.00 
_cell.angle_beta_esd               ? 
_cell.angle_gamma                  90.00 
_cell.angle_gamma_esd              ? 
_cell.entry_id                     6NFM 
_cell.details                      ? 
_cell.formula_units_Z              ? 
_cell.length_a                     50.314 
_cell.length_a_esd                 ? 
_cell.length_b                     50.314 
_cell.length_b_esd                 ? 
_cell.length_c                     149.808 
_cell.length_c_esd                 ? 
_cell.volume                       ? 
_cell.volume_esd                   ? 
_cell.Z_PDB                        8 
_cell.reciprocal_angle_alpha       ? 
_cell.reciprocal_angle_beta        ? 
_cell.reciprocal_angle_gamma       ? 
_cell.reciprocal_angle_alpha_esd   ? 
_cell.reciprocal_angle_beta_esd    ? 
_cell.reciprocal_angle_gamma_esd   ? 
_cell.reciprocal_length_a          ? 
_cell.reciprocal_length_b          ? 
_cell.reciprocal_length_c          ? 
_cell.reciprocal_length_a_esd      ? 
_cell.reciprocal_length_b_esd      ? 
_cell.reciprocal_length_c_esd      ? 
_cell.pdbx_unique_axis             ? 
# 
_symmetry.entry_id                         6NFM 
_symmetry.cell_setting                     ? 
_symmetry.Int_Tables_number                92 
_symmetry.space_group_name_Hall            ? 
_symmetry.space_group_name_H-M             'P 41 21 2' 
_symmetry.pdbx_full_space_group_name_H-M   ? 
# 
_exptl.absorpt_coefficient_mu     ? 
_exptl.absorpt_correction_T_max   ? 
_exptl.absorpt_correction_T_min   ? 
_exptl.absorpt_correction_type    ? 
_exptl.absorpt_process_details    ? 
_exptl.entry_id                   6NFM 
_exptl.crystals_number            1 
_exptl.details                    ? 
_exptl.method                     'X-RAY DIFFRACTION' 
_exptl.method_details             ? 
# 
_exptl_crystal.colour                      ? 
_exptl_crystal.density_diffrn              ? 
_exptl_crystal.density_Matthews            2.08 
_exptl_crystal.density_method              ? 
_exptl_crystal.density_percent_sol         40.73 
_exptl_crystal.description                 ? 
_exptl_crystal.F_000                       ? 
_exptl_crystal.id                          1 
_exptl_crystal.preparation                 ? 
_exptl_crystal.size_max                    ? 
_exptl_crystal.size_mid                    ? 
_exptl_crystal.size_min                    ? 
_exptl_crystal.size_rad                    ? 
_exptl_crystal.colour_lustre               ? 
_exptl_crystal.colour_modifier             ? 
_exptl_crystal.colour_primary              ? 
_exptl_crystal.density_meas                ? 
_exptl_crystal.density_meas_esd            ? 
_exptl_crystal.density_meas_gt             ? 
_exptl_crystal.density_meas_lt             ? 
_exptl_crystal.density_meas_temp           ? 
_exptl_crystal.density_meas_temp_esd       ? 
_exptl_crystal.density_meas_temp_gt        ? 
_exptl_crystal.density_meas_temp_lt        ? 
_exptl_crystal.pdbx_crystal_image_url      ? 
_exptl_crystal.pdbx_crystal_image_format   ? 
_exptl_crystal.pdbx_mosaicity              ? 
_exptl_crystal.pdbx_mosaicity_esd          ? 
# 
_exptl_crystal_grow.apparatus       ? 
_exptl_crystal_grow.atmosphere      ? 
_exptl_crystal_grow.crystal_id      1 
_exptl_crystal_grow.details         ? 
_exptl_crystal_grow.method          'VAPOR DIFFUSION, SITTING DROP' 
_exptl_crystal_grow.method_ref      ? 
_exptl_crystal_grow.pH              ? 
_exptl_crystal_grow.pressure        ? 
_exptl_crystal_grow.pressure_esd    ? 
_exptl_crystal_grow.seeding         ? 
_exptl_crystal_grow.seeding_ref     ? 
_exptl_crystal_grow.temp            293 
_exptl_crystal_grow.temp_details    ? 
_exptl_crystal_grow.temp_esd        ? 
_exptl_crystal_grow.time            ? 
_exptl_crystal_grow.pdbx_details    'LiCl, HEPES,PEG3350' 
_exptl_crystal_grow.pdbx_pH_range   ? 
# 
_diffrn.ambient_environment              ? 
_diffrn.ambient_temp                     100 
_diffrn.ambient_temp_details             ? 
_diffrn.ambient_temp_esd                 ? 
_diffrn.crystal_id                       1 
_diffrn.crystal_support                  ? 
_diffrn.crystal_treatment                ? 
_diffrn.details                          ? 
_diffrn.id                               1 
_diffrn.ambient_pressure                 ? 
_diffrn.ambient_pressure_esd             ? 
_diffrn.ambient_pressure_gt              ? 
_diffrn.ambient_pressure_lt              ? 
_diffrn.ambient_temp_gt                  ? 
_diffrn.ambient_temp_lt                  ? 
_diffrn.pdbx_serial_crystal_experiment   N 
# 
_diffrn_detector.details                      ? 
_diffrn_detector.detector                     PIXEL 
_diffrn_detector.diffrn_id                    1 
_diffrn_detector.type                         'DECTRIS EIGER X 16M' 
_diffrn_detector.area_resol_mean              ? 
_diffrn_detector.dtime                        ? 
_diffrn_detector.pdbx_frames_total            ? 
_diffrn_detector.pdbx_collection_time_total   ? 
_diffrn_detector.pdbx_collection_date         2016-02-26 
_diffrn_detector.pdbx_frequency               ? 
# 
_diffrn_radiation.collimation                      ? 
_diffrn_radiation.diffrn_id                        1 
_diffrn_radiation.filter_edge                      ? 
_diffrn_radiation.inhomogeneity                    ? 
_diffrn_radiation.monochromator                    ? 
_diffrn_radiation.polarisn_norm                    ? 
_diffrn_radiation.polarisn_ratio                   ? 
_diffrn_radiation.probe                            ? 
_diffrn_radiation.type                             ? 
_diffrn_radiation.xray_symbol                      ? 
_diffrn_radiation.wavelength_id                    1 
_diffrn_radiation.pdbx_monochromatic_or_laue_m_l   M 
_diffrn_radiation.pdbx_wavelength_list             ? 
_diffrn_radiation.pdbx_wavelength                  ? 
_diffrn_radiation.pdbx_diffrn_protocol             'SINGLE WAVELENGTH' 
_diffrn_radiation.pdbx_analyzer                    ? 
_diffrn_radiation.pdbx_scattering_type             x-ray 
# 
_diffrn_radiation_wavelength.id           1 
_diffrn_radiation_wavelength.wavelength   0.979 
_diffrn_radiation_wavelength.wt           1.0 
# 
_diffrn_source.current                     ? 
_diffrn_source.details                     ? 
_diffrn_source.diffrn_id                   1 
_diffrn_source.power                       ? 
_diffrn_source.size                        ? 
_diffrn_source.source                      SYNCHROTRON 
_diffrn_source.target                      ? 
_diffrn_source.type                        'APS BEAMLINE 24-ID-E' 
_diffrn_source.voltage                     ? 
_diffrn_source.take-off_angle              ? 
_diffrn_source.pdbx_wavelength_list        0.979 
_diffrn_source.pdbx_wavelength             ? 
_diffrn_source.pdbx_synchrotron_beamline   24-ID-E 
_diffrn_source.pdbx_synchrotron_site       APS 
# 
_reflns.B_iso_Wilson_estimate            ? 
_reflns.entry_id                         6NFM 
_reflns.data_reduction_details           ? 
_reflns.data_reduction_method            ? 
_reflns.d_resolution_high                2.53 
_reflns.d_resolution_low                 41.8 
_reflns.details                          ? 
_reflns.limit_h_max                      ? 
_reflns.limit_h_min                      ? 
_reflns.limit_k_max                      ? 
_reflns.limit_k_min                      ? 
_reflns.limit_l_max                      ? 
_reflns.limit_l_min                      ? 
_reflns.number_all                       ? 
_reflns.number_obs                       6968 
_reflns.observed_criterion               ? 
_reflns.observed_criterion_F_max         ? 
_reflns.observed_criterion_F_min         ? 
_reflns.observed_criterion_I_max         ? 
_reflns.observed_criterion_I_min         ? 
_reflns.observed_criterion_sigma_F       ? 
_reflns.observed_criterion_sigma_I       ? 
_reflns.percent_possible_obs             99.9 
_reflns.R_free_details                   ? 
_reflns.Rmerge_F_all                     ? 
_reflns.Rmerge_F_obs                     ? 
_reflns.Friedel_coverage                 ? 
_reflns.number_gt                        ? 
_reflns.threshold_expression             ? 
_reflns.pdbx_redundancy                  7.5 
_reflns.pdbx_Rmerge_I_obs                0.18 
_reflns.pdbx_Rmerge_I_all                ? 
_reflns.pdbx_Rsym_value                  0.18 
_reflns.pdbx_netI_over_av_sigmaI         ? 
_reflns.pdbx_netI_over_sigmaI            10.9 
_reflns.pdbx_res_netI_over_av_sigmaI_2   ? 
_reflns.pdbx_res_netI_over_sigmaI_2      ? 
_reflns.pdbx_chi_squared                 ? 
_reflns.pdbx_scaling_rejects             ? 
_reflns.pdbx_d_res_high_opt              ? 
_reflns.pdbx_d_res_low_opt               ? 
_reflns.pdbx_d_res_opt_method            ? 
_reflns.phase_calculation_details        ? 
_reflns.pdbx_Rrim_I_all                  0.19 
_reflns.pdbx_Rpim_I_all                  0.07 
_reflns.pdbx_d_opt                       ? 
_reflns.pdbx_number_measured_all         ? 
_reflns.pdbx_diffrn_id                   1 
_reflns.pdbx_ordinal                     1 
_reflns.pdbx_CC_half                     0.996 
_reflns.pdbx_R_split                     ? 
# 
_reflns_shell.d_res_high                  2.53 
_reflns_shell.d_res_low                   2.62 
_reflns_shell.meanI_over_sigI_all         ? 
_reflns_shell.meanI_over_sigI_obs         1.2 
_reflns_shell.number_measured_all         ? 
_reflns_shell.number_measured_obs         ? 
_reflns_shell.number_possible             ? 
_reflns_shell.number_unique_all           ? 
_reflns_shell.number_unique_obs           674 
_reflns_shell.percent_possible_all        100.00 
_reflns_shell.percent_possible_obs        ? 
_reflns_shell.Rmerge_F_all                ? 
_reflns_shell.Rmerge_F_obs                ? 
_reflns_shell.Rmerge_I_all                ? 
_reflns_shell.Rmerge_I_obs                1.9 
_reflns_shell.meanI_over_sigI_gt          ? 
_reflns_shell.meanI_over_uI_all           ? 
_reflns_shell.meanI_over_uI_gt            ? 
_reflns_shell.number_measured_gt          ? 
_reflns_shell.number_unique_gt            ? 
_reflns_shell.percent_possible_gt         ? 
_reflns_shell.Rmerge_F_gt                 ? 
_reflns_shell.Rmerge_I_gt                 ? 
_reflns_shell.pdbx_redundancy             7.8 
_reflns_shell.pdbx_Rsym_value             1.9 
_reflns_shell.pdbx_chi_squared            ? 
_reflns_shell.pdbx_netI_over_sigmaI_all   ? 
_reflns_shell.pdbx_netI_over_sigmaI_obs   ? 
_reflns_shell.pdbx_Rrim_I_all             1.9 
_reflns_shell.pdbx_Rpim_I_all             0.7 
_reflns_shell.pdbx_rejects                ? 
_reflns_shell.pdbx_ordinal                1 
_reflns_shell.pdbx_diffrn_id              1 
_reflns_shell.pdbx_CC_half                0.5 
_reflns_shell.pdbx_R_split                ? 
# 
_refine.aniso_B[1][1]                            ? 
_refine.aniso_B[1][2]                            ? 
_refine.aniso_B[1][3]                            ? 
_refine.aniso_B[2][2]                            ? 
_refine.aniso_B[2][3]                            ? 
_refine.aniso_B[3][3]                            ? 
_refine.B_iso_max                                ? 
_refine.B_iso_mean                               ? 
_refine.B_iso_min                                ? 
_refine.correlation_coeff_Fo_to_Fc               ? 
_refine.correlation_coeff_Fo_to_Fc_free          ? 
_refine.details                                  ? 
_refine.diff_density_max                         ? 
_refine.diff_density_max_esd                     ? 
_refine.diff_density_min                         ? 
_refine.diff_density_min_esd                     ? 
_refine.diff_density_rms                         ? 
_refine.diff_density_rms_esd                     ? 
_refine.entry_id                                 6NFM 
_refine.pdbx_refine_id                           'X-RAY DIFFRACTION' 
_refine.ls_abs_structure_details                 ? 
_refine.ls_abs_structure_Flack                   ? 
_refine.ls_abs_structure_Flack_esd               ? 
_refine.ls_abs_structure_Rogers                  ? 
_refine.ls_abs_structure_Rogers_esd              ? 
_refine.ls_d_res_high                            2.530 
_refine.ls_d_res_low                             41.766 
_refine.ls_extinction_coef                       ? 
_refine.ls_extinction_coef_esd                   ? 
_refine.ls_extinction_expression                 ? 
_refine.ls_extinction_method                     ? 
_refine.ls_goodness_of_fit_all                   ? 
_refine.ls_goodness_of_fit_all_esd               ? 
_refine.ls_goodness_of_fit_obs                   ? 
_refine.ls_goodness_of_fit_obs_esd               ? 
_refine.ls_hydrogen_treatment                    ? 
_refine.ls_matrix_type                           ? 
_refine.ls_number_constraints                    ? 
_refine.ls_number_parameters                     ? 
_refine.ls_number_reflns_all                     ? 
_refine.ls_number_reflns_obs                     6965 
_refine.ls_number_reflns_R_free                  325 
_refine.ls_number_reflns_R_work                  ? 
_refine.ls_number_restraints                     ? 
_refine.ls_percent_reflns_obs                    99.94 
_refine.ls_percent_reflns_R_free                 4.67 
_refine.ls_R_factor_all                          ? 
_refine.ls_R_factor_obs                          0.2207 
_refine.ls_R_factor_R_free                       0.2757 
_refine.ls_R_factor_R_free_error                 ? 
_refine.ls_R_factor_R_free_error_details         ? 
_refine.ls_R_factor_R_work                       0.2181 
_refine.ls_R_Fsqd_factor_obs                     ? 
_refine.ls_R_I_factor_obs                        ? 
_refine.ls_redundancy_reflns_all                 ? 
_refine.ls_redundancy_reflns_obs                 ? 
_refine.ls_restrained_S_all                      ? 
_refine.ls_restrained_S_obs                      ? 
_refine.ls_shift_over_esd_max                    ? 
_refine.ls_shift_over_esd_mean                   ? 
_refine.ls_structure_factor_coef                 ? 
_refine.ls_weighting_details                     ? 
_refine.ls_weighting_scheme                      ? 
_refine.ls_wR_factor_all                         ? 
_refine.ls_wR_factor_obs                         ? 
_refine.ls_wR_factor_R_free                      ? 
_refine.ls_wR_factor_R_work                      ? 
_refine.occupancy_max                            ? 
_refine.occupancy_min                            ? 
_refine.solvent_model_details                    ? 
_refine.solvent_model_param_bsol                 ? 
_refine.solvent_model_param_ksol                 ? 
_refine.ls_R_factor_gt                           ? 
_refine.ls_goodness_of_fit_gt                    ? 
_refine.ls_goodness_of_fit_ref                   ? 
_refine.ls_shift_over_su_max                     ? 
_refine.ls_shift_over_su_max_lt                  ? 
_refine.ls_shift_over_su_mean                    ? 
_refine.ls_shift_over_su_mean_lt                 ? 
_refine.pdbx_ls_sigma_I                          ? 
_refine.pdbx_ls_sigma_F                          1.33 
_refine.pdbx_ls_sigma_Fsqd                       ? 
_refine.pdbx_data_cutoff_high_absF               ? 
_refine.pdbx_data_cutoff_high_rms_absF           ? 
_refine.pdbx_data_cutoff_low_absF                ? 
_refine.pdbx_isotropic_thermal_model             ? 
_refine.pdbx_ls_cross_valid_method               'FREE R-VALUE' 
_refine.pdbx_method_to_determine_struct          'MOLECULAR REPLACEMENT' 
_refine.pdbx_starting_model                      5CQD 
_refine.pdbx_stereochemistry_target_values       ? 
_refine.pdbx_R_Free_selection_details            ? 
_refine.pdbx_stereochem_target_val_spec_case     ? 
_refine.pdbx_overall_ESU_R                       ? 
_refine.pdbx_overall_ESU_R_Free                  ? 
_refine.pdbx_solvent_vdw_probe_radii             1.11 
_refine.pdbx_solvent_ion_probe_radii             ? 
_refine.pdbx_solvent_shrinkage_radii             0.90 
_refine.pdbx_real_space_R                        ? 
_refine.pdbx_density_correlation                 ? 
_refine.pdbx_pd_number_of_powder_patterns        ? 
_refine.pdbx_pd_number_of_points                 ? 
_refine.pdbx_pd_meas_number_of_points            ? 
_refine.pdbx_pd_proc_ls_prof_R_factor            ? 
_refine.pdbx_pd_proc_ls_prof_wR_factor           ? 
_refine.pdbx_pd_Marquardt_correlation_coeff      ? 
_refine.pdbx_pd_Fsqrd_R_factor                   ? 
_refine.pdbx_pd_ls_matrix_band_width             ? 
_refine.pdbx_overall_phase_error                 29.29 
_refine.pdbx_overall_SU_R_free_Cruickshank_DPI   ? 
_refine.pdbx_overall_SU_R_free_Blow_DPI          ? 
_refine.pdbx_overall_SU_R_Blow_DPI               ? 
_refine.pdbx_TLS_residual_ADP_flag               ? 
_refine.pdbx_diffrn_id                           1 
_refine.overall_SU_B                             ? 
_refine.overall_SU_ML                            0.40 
_refine.overall_SU_R_Cruickshank_DPI             ? 
_refine.overall_SU_R_free                        ? 
_refine.overall_FOM_free_R_set                   ? 
_refine.overall_FOM_work_R_set                   ? 
_refine.pdbx_average_fsc_overall                 ? 
_refine.pdbx_average_fsc_work                    ? 
_refine.pdbx_average_fsc_free                    ? 
# 
_refine_hist.pdbx_refine_id                   'X-RAY DIFFRACTION' 
_refine_hist.cycle_id                         LAST 
_refine_hist.pdbx_number_atoms_protein        1510 
_refine_hist.pdbx_number_atoms_nucleic_acid   0 
_refine_hist.pdbx_number_atoms_ligand         1 
_refine_hist.number_atoms_solvent             22 
_refine_hist.number_atoms_total               1533 
_refine_hist.d_res_high                       2.530 
_refine_hist.d_res_low                        41.766 
# 
loop_
_refine_ls_restr.pdbx_refine_id 
_refine_ls_restr.criterion 
_refine_ls_restr.dev_ideal 
_refine_ls_restr.dev_ideal_target 
_refine_ls_restr.number 
_refine_ls_restr.rejects 
_refine_ls_restr.type 
_refine_ls_restr.weight 
_refine_ls_restr.pdbx_restraint_function 
'X-RAY DIFFRACTION' ? 0.003  ? 1548 ? f_bond_d           ? ? 
'X-RAY DIFFRACTION' ? 0.531  ? 2097 ? f_angle_d          ? ? 
'X-RAY DIFFRACTION' ? 19.966 ? 920  ? f_dihedral_angle_d ? ? 
'X-RAY DIFFRACTION' ? 0.040  ? 217  ? f_chiral_restr     ? ? 
'X-RAY DIFFRACTION' ? 0.003  ? 276  ? f_plane_restr      ? ? 
# 
loop_
_refine_ls_shell.pdbx_refine_id 
_refine_ls_shell.d_res_high 
_refine_ls_shell.d_res_low 
_refine_ls_shell.number_reflns_all 
_refine_ls_shell.number_reflns_obs 
_refine_ls_shell.number_reflns_R_free 
_refine_ls_shell.number_reflns_R_work 
_refine_ls_shell.percent_reflns_obs 
_refine_ls_shell.percent_reflns_R_free 
_refine_ls_shell.R_factor_all 
_refine_ls_shell.R_factor_obs 
_refine_ls_shell.R_factor_R_free 
_refine_ls_shell.R_factor_R_free_error 
_refine_ls_shell.R_factor_R_work 
_refine_ls_shell.redundancy_reflns_all 
_refine_ls_shell.redundancy_reflns_obs 
_refine_ls_shell.wR_factor_all 
_refine_ls_shell.wR_factor_obs 
_refine_ls_shell.wR_factor_R_free 
_refine_ls_shell.wR_factor_R_work 
_refine_ls_shell.pdbx_total_number_of_bins_used 
_refine_ls_shell.pdbx_phase_error 
_refine_ls_shell.pdbx_fsc_work 
_refine_ls_shell.pdbx_fsc_free 
'X-RAY DIFFRACTION' 2.5300 3.1874  . . 174 3205 100.00 . . . 0.3444 . 0.2735 . . . . . . . . . . 
'X-RAY DIFFRACTION' 3.1874 41.7719 . . 151 3435 100.00 . . . 0.2510 . 0.2017 . . . . . . . . . . 
# 
_struct.entry_id                     6NFM 
_struct.title                        'Crystal Structure of the Cancer Genomic DNA Mutator APOBEC3B with loop 7 from APOBEC3G' 
_struct.pdbx_model_details           ? 
_struct.pdbx_formula_weight          ? 
_struct.pdbx_formula_weight_method   ? 
_struct.pdbx_model_type_details      ? 
_struct.pdbx_CASP_flag               N 
# 
_struct_keywords.entry_id        6NFM 
_struct_keywords.text            'APOBEC, deaminase, HYDROLASE' 
_struct_keywords.pdbx_keywords   HYDROLASE 
# 
loop_
_struct_asym.id 
_struct_asym.pdbx_blank_PDB_chainid_flag 
_struct_asym.pdbx_modified 
_struct_asym.entity_id 
_struct_asym.details 
A N N 1 ? 
B N N 2 ? 
C N N 3 ? 
# 
_struct_ref.id                         1 
_struct_ref.db_name                    UNP 
_struct_ref.db_code                    ABC3B_HUMAN 
_struct_ref.pdbx_db_accession          Q9UH17 
_struct_ref.pdbx_db_isoform            ? 
_struct_ref.entity_id                  1 
_struct_ref.pdbx_seq_one_letter_code   
;EILRYLMDPDTFTFNFNNDPLVLRRRQTYLCYEVERLDNGTWVLMDQHMGFLCNEAKNLLCGFYGRHAELRFLDLVPSLQ
LDPAQIYRVTWFISWSPCFSWGCAGEVRAFLQENTHVRLRIFAARIYDYDPLYKEALQMLRDAGAQVSIMTYDEFEYCWD
TFVYRQGCPFQPWDGLEEHSQALSGRLRAILQ
;
_struct_ref.pdbx_align_begin           187 
# 
_struct_ref_seq.align_id                      1 
_struct_ref_seq.ref_id                        1 
_struct_ref_seq.pdbx_PDB_id_code              6NFM 
_struct_ref_seq.pdbx_strand_id                A 
_struct_ref_seq.seq_align_beg                 2 
_struct_ref_seq.pdbx_seq_align_beg_ins_code   ? 
_struct_ref_seq.seq_align_end                 185 
_struct_ref_seq.pdbx_seq_align_end_ins_code   ? 
_struct_ref_seq.pdbx_db_accession             Q9UH17 
_struct_ref_seq.db_align_beg                  187 
_struct_ref_seq.pdbx_db_align_beg_ins_code    ? 
_struct_ref_seq.db_align_end                  378 
_struct_ref_seq.pdbx_db_align_end_ins_code    ? 
_struct_ref_seq.pdbx_auth_seq_align_beg       187 
_struct_ref_seq.pdbx_auth_seq_align_end       378 
# 
loop_
_struct_ref_seq_dif.align_id 
_struct_ref_seq_dif.pdbx_pdb_id_code 
_struct_ref_seq_dif.mon_id 
_struct_ref_seq_dif.pdbx_pdb_strand_id 
_struct_ref_seq_dif.seq_num 
_struct_ref_seq_dif.pdbx_pdb_ins_code 
_struct_ref_seq_dif.pdbx_seq_db_name 
_struct_ref_seq_dif.pdbx_seq_db_accession_code 
_struct_ref_seq_dif.db_mon_id 
_struct_ref_seq_dif.pdbx_seq_db_seq_num 
_struct_ref_seq_dif.details 
_struct_ref_seq_dif.pdbx_auth_seq_num 
_struct_ref_seq_dif.pdbx_ordinal 
1 6NFM MET A 1   ? UNP Q9UH17 ?   ?   'initiating methionine' 186 1  
1 6NFM SER A 15  ? UNP Q9UH17 PHE 200 'engineered mutation'   200 2  
1 6NFM SER A 43  ? UNP Q9UH17 TRP 228 'engineered mutation'   228 3  
1 6NFM LYS A 45  ? UNP Q9UH17 LEU 230 'engineered mutation'   230 4  
1 6NFM SER A 57  ? UNP Q9UH17 ALA 242 'engineered mutation'   250 5  
1 6NFM ?   A ?   ? UNP Q9UH17 LYS 243 deletion                ?   6  
1 6NFM ?   A ?   ? UNP Q9UH17 ASN 244 deletion                ?   7  
1 6NFM ?   A ?   ? UNP Q9UH17 LEU 245 deletion                ?   8  
1 6NFM ?   A ?   ? UNP Q9UH17 LEU 246 deletion                ?   9  
1 6NFM ?   A ?   ? UNP Q9UH17 CYS 247 deletion                ?   10 
1 6NFM ?   A ?   ? UNP Q9UH17 GLY 248 deletion                ?   11 
1 6NFM ?   A ?   ? UNP Q9UH17 PHE 249 deletion                ?   12 
1 6NFM ?   A ?   ? UNP Q9UH17 TYR 250 deletion                ?   13 
1 6NFM LYS A 115 ? UNP Q9UH17 PHE 308 'engineered mutation'   308 14 
1 6NFM ASP A 122 ? UNP Q9UH17 TYR 315 'engineered mutation'   315 15 
1 6NFM GLN A 123 ? UNP Q9UH17 ASP 316 'engineered mutation'   316 16 
1 6NFM GLY A 124 ? UNP Q9UH17 PRO 317 'engineered mutation'   317 17 
1 6NFM ARG A 125 ? UNP Q9UH17 LEU 318 'engineered mutation'   318 18 
1 6NFM CYS A 126 ? UNP Q9UH17 TYR 319 'engineered mutation'   319 19 
1 6NFM GLN A 127 ? UNP Q9UH17 LYS 320 'engineered mutation'   320 20 
1 6NFM LEU A 186 ? UNP Q9UH17 ?   ?   'expression tag'        379 21 
1 6NFM GLU A 187 ? UNP Q9UH17 ?   ?   'expression tag'        380 22 
1 6NFM HIS A 188 ? UNP Q9UH17 ?   ?   'expression tag'        381 23 
1 6NFM HIS A 189 ? UNP Q9UH17 ?   ?   'expression tag'        382 24 
1 6NFM HIS A 190 ? UNP Q9UH17 ?   ?   'expression tag'        383 25 
1 6NFM HIS A 191 ? UNP Q9UH17 ?   ?   'expression tag'        384 26 
1 6NFM HIS A 192 ? UNP Q9UH17 ?   ?   'expression tag'        385 27 
1 6NFM HIS A 193 ? UNP Q9UH17 ?   ?   'expression tag'        386 28 
# 
_pdbx_struct_assembly.id                   1 
_pdbx_struct_assembly.details              author_and_software_defined_assembly 
_pdbx_struct_assembly.method_details       PISA 
_pdbx_struct_assembly.oligomeric_details   monomeric 
_pdbx_struct_assembly.oligomeric_count     1 
# 
_pdbx_struct_assembly_gen.assembly_id       1 
_pdbx_struct_assembly_gen.oper_expression   1 
_pdbx_struct_assembly_gen.asym_id_list      A,B,C 
# 
_pdbx_struct_assembly_auth_evidence.id                     1 
_pdbx_struct_assembly_auth_evidence.assembly_id            1 
_pdbx_struct_assembly_auth_evidence.experimental_support   'gel filtration' 
_pdbx_struct_assembly_auth_evidence.details                ? 
# 
_pdbx_struct_oper_list.id                   1 
_pdbx_struct_oper_list.type                 'identity operation' 
_pdbx_struct_oper_list.name                 1_555 
_pdbx_struct_oper_list.symmetry_operation   x,y,z 
_pdbx_struct_oper_list.matrix[1][1]         1.0000000000 
_pdbx_struct_oper_list.matrix[1][2]         0.0000000000 
_pdbx_struct_oper_list.matrix[1][3]         0.0000000000 
_pdbx_struct_oper_list.vector[1]            0.0000000000 
_pdbx_struct_oper_list.matrix[2][1]         0.0000000000 
_pdbx_struct_oper_list.matrix[2][2]         1.0000000000 
_pdbx_struct_oper_list.matrix[2][3]         0.0000000000 
_pdbx_struct_oper_list.vector[2]            0.0000000000 
_pdbx_struct_oper_list.matrix[3][1]         0.0000000000 
_pdbx_struct_oper_list.matrix[3][2]         0.0000000000 
_pdbx_struct_oper_list.matrix[3][3]         1.0000000000 
_pdbx_struct_oper_list.vector[3]            0.0000000000 
# 
loop_
_struct_conf.conf_type_id 
_struct_conf.id 
_struct_conf.pdbx_PDB_helix_id 
_struct_conf.beg_label_comp_id 
_struct_conf.beg_label_asym_id 
_struct_conf.beg_label_seq_id 
_struct_conf.pdbx_beg_PDB_ins_code 
_struct_conf.end_label_comp_id 
_struct_conf.end_label_asym_id 
_struct_conf.end_label_seq_id 
_struct_conf.pdbx_end_PDB_ins_code 
_struct_conf.beg_auth_comp_id 
_struct_conf.beg_auth_asym_id 
_struct_conf.beg_auth_seq_id 
_struct_conf.end_auth_comp_id 
_struct_conf.end_auth_asym_id 
_struct_conf.end_auth_seq_id 
_struct_conf.pdbx_PDB_helix_class 
_struct_conf.details 
_struct_conf.pdbx_PDB_helix_length 
HELX_P HELX_P1 AA1 ASP A 9   ? ASN A 18  ? ASP A 194 ASN A 203 1 ? 10 
HELX_P HELX_P2 AA2 HIS A 60  ? LEU A 68  ? HIS A 253 LEU A 261 1 ? 9  
HELX_P HELX_P3 AA3 VAL A 69  ? GLN A 73  ? VAL A 262 GLN A 266 5 ? 5  
HELX_P HELX_P4 AA4 GLY A 95  ? ASN A 107 ? GLY A 288 ASN A 300 1 ? 13 
HELX_P HELX_P5 AA5 GLY A 124 ? ALA A 136 ? GLY A 317 ALA A 329 1 ? 13 
HELX_P HELX_P6 AA6 THR A 144 ? VAL A 156 ? THR A 337 VAL A 349 1 ? 13 
HELX_P HELX_P7 AA7 GLY A 168 ? GLN A 185 ? GLY A 361 GLN A 378 1 ? 18 
# 
_struct_conf_type.id          HELX_P 
_struct_conf_type.criteria    ? 
_struct_conf_type.reference   ? 
# 
_struct_conn.id                            disulf1 
_struct_conn.conn_type_id                  disulf 
_struct_conn.pdbx_leaving_atom_flag        ? 
_struct_conn.pdbx_PDB_id                   ? 
_struct_conn.ptnr1_label_asym_id           A 
_struct_conn.ptnr1_label_comp_id           CYS 
_struct_conn.ptnr1_label_seq_id            91 
_struct_conn.ptnr1_label_atom_id           SG 
_struct_conn.pdbx_ptnr1_label_alt_id       ? 
_struct_conn.pdbx_ptnr1_PDB_ins_code       ? 
_struct_conn.pdbx_ptnr1_standard_comp_id   ? 
_struct_conn.ptnr1_symmetry                1_555 
_struct_conn.ptnr2_label_asym_id           A 
_struct_conn.ptnr2_label_comp_id           CYS 
_struct_conn.ptnr2_label_seq_id            96 
_struct_conn.ptnr2_label_atom_id           SG 
_struct_conn.pdbx_ptnr2_label_alt_id       ? 
_struct_conn.pdbx_ptnr2_PDB_ins_code       ? 
_struct_conn.ptnr1_auth_asym_id            A 
_struct_conn.ptnr1_auth_comp_id            CYS 
_struct_conn.ptnr1_auth_seq_id             284 
_struct_conn.ptnr2_auth_asym_id            A 
_struct_conn.ptnr2_auth_comp_id            CYS 
_struct_conn.ptnr2_auth_seq_id             289 
_struct_conn.ptnr2_symmetry                1_555 
_struct_conn.pdbx_ptnr3_label_atom_id      ? 
_struct_conn.pdbx_ptnr3_label_seq_id       ? 
_struct_conn.pdbx_ptnr3_label_comp_id      ? 
_struct_conn.pdbx_ptnr3_label_asym_id      ? 
_struct_conn.pdbx_ptnr3_label_alt_id       ? 
_struct_conn.pdbx_ptnr3_PDB_ins_code       ? 
_struct_conn.details                       ? 
_struct_conn.pdbx_dist_value               2.773 
_struct_conn.pdbx_value_order              ? 
_struct_conn.pdbx_role                     ? 
# 
_struct_conn_type.id          disulf 
_struct_conn_type.criteria    ? 
_struct_conn_type.reference   ? 
# 
_pdbx_modification_feature.ordinal                            1 
_pdbx_modification_feature.label_comp_id                      CYS 
_pdbx_modification_feature.label_asym_id                      A 
_pdbx_modification_feature.label_seq_id                       91 
_pdbx_modification_feature.label_alt_id                       ? 
_pdbx_modification_feature.modified_residue_label_comp_id     CYS 
_pdbx_modification_feature.modified_residue_label_asym_id     A 
_pdbx_modification_feature.modified_residue_label_seq_id      96 
_pdbx_modification_feature.modified_residue_label_alt_id      ? 
_pdbx_modification_feature.auth_comp_id                       CYS 
_pdbx_modification_feature.auth_asym_id                       A 
_pdbx_modification_feature.auth_seq_id                        284 
_pdbx_modification_feature.PDB_ins_code                       ? 
_pdbx_modification_feature.symmetry                           1_555 
_pdbx_modification_feature.modified_residue_auth_comp_id      CYS 
_pdbx_modification_feature.modified_residue_auth_asym_id      A 
_pdbx_modification_feature.modified_residue_auth_seq_id       289 
_pdbx_modification_feature.modified_residue_PDB_ins_code      ? 
_pdbx_modification_feature.modified_residue_symmetry          1_555 
_pdbx_modification_feature.comp_id_linking_atom               SG 
_pdbx_modification_feature.modified_residue_id_linking_atom   SG 
_pdbx_modification_feature.modified_residue_id                . 
_pdbx_modification_feature.ref_pcm_id                         . 
_pdbx_modification_feature.ref_comp_id                        . 
_pdbx_modification_feature.type                               None 
_pdbx_modification_feature.category                           'Disulfide bridge' 
# 
_struct_sheet.id               AA1 
_struct_sheet.type             ? 
_struct_sheet.number_strands   5 
_struct_sheet.details          ? 
# 
loop_
_struct_sheet_order.sheet_id 
_struct_sheet_order.range_id_1 
_struct_sheet_order.range_id_2 
_struct_sheet_order.offset 
_struct_sheet_order.sense 
AA1 1 2 ? anti-parallel 
AA1 2 3 ? anti-parallel 
AA1 3 4 ? parallel      
AA1 4 5 ? parallel      
# 
loop_
_struct_sheet_range.sheet_id 
_struct_sheet_range.id 
_struct_sheet_range.beg_label_comp_id 
_struct_sheet_range.beg_label_asym_id 
_struct_sheet_range.beg_label_seq_id 
_struct_sheet_range.pdbx_beg_PDB_ins_code 
_struct_sheet_range.end_label_comp_id 
_struct_sheet_range.end_label_asym_id 
_struct_sheet_range.end_label_seq_id 
_struct_sheet_range.pdbx_end_PDB_ins_code 
_struct_sheet_range.beg_auth_comp_id 
_struct_sheet_range.beg_auth_asym_id 
_struct_sheet_range.beg_auth_seq_id 
_struct_sheet_range.end_auth_comp_id 
_struct_sheet_range.end_auth_asym_id 
_struct_sheet_range.end_auth_seq_id 
AA1 1 THR A 42  ? LEU A 53  ? THR A 227 LEU A 238 
AA1 2 LEU A 31  ? ASP A 39  ? LEU A 216 ASP A 224 
AA1 3 TYR A 80  ? ILE A 86  ? TYR A 273 ILE A 279 
AA1 4 VAL A 110 ? ALA A 116 ? VAL A 303 ALA A 309 
AA1 5 GLN A 139 ? ILE A 142 ? GLN A 332 ILE A 335 
# 
loop_
_pdbx_struct_sheet_hbond.sheet_id 
_pdbx_struct_sheet_hbond.range_id_1 
_pdbx_struct_sheet_hbond.range_id_2 
_pdbx_struct_sheet_hbond.range_1_label_atom_id 
_pdbx_struct_sheet_hbond.range_1_label_comp_id 
_pdbx_struct_sheet_hbond.range_1_label_asym_id 
_pdbx_struct_sheet_hbond.range_1_label_seq_id 
_pdbx_struct_sheet_hbond.range_1_PDB_ins_code 
_pdbx_struct_sheet_hbond.range_1_auth_atom_id 
_pdbx_struct_sheet_hbond.range_1_auth_comp_id 
_pdbx_struct_sheet_hbond.range_1_auth_asym_id 
_pdbx_struct_sheet_hbond.range_1_auth_seq_id 
_pdbx_struct_sheet_hbond.range_2_label_atom_id 
_pdbx_struct_sheet_hbond.range_2_label_comp_id 
_pdbx_struct_sheet_hbond.range_2_label_asym_id 
_pdbx_struct_sheet_hbond.range_2_label_seq_id 
_pdbx_struct_sheet_hbond.range_2_PDB_ins_code 
_pdbx_struct_sheet_hbond.range_2_auth_atom_id 
_pdbx_struct_sheet_hbond.range_2_auth_comp_id 
_pdbx_struct_sheet_hbond.range_2_auth_asym_id 
_pdbx_struct_sheet_hbond.range_2_auth_seq_id 
AA1 1 2 O VAL A 44  ? O VAL A 229 N ARG A 37  ? N ARG A 222 
AA1 2 3 N GLU A 36  ? N GLU A 221 O ARG A 81  ? O ARG A 274 
AA1 3 4 N TRP A 84  ? N TRP A 277 O LYS A 115 ? O LYS A 308 
AA1 4 5 N ILE A 114 ? N ILE A 307 O GLN A 139 ? O GLN A 332 
# 
_struct_site.id                   AC1 
_struct_site.pdbx_evidence_code   Software 
_struct_site.pdbx_auth_asym_id    A 
_struct_site.pdbx_auth_comp_id    CL 
_struct_site.pdbx_auth_seq_id     401 
_struct_site.pdbx_auth_ins_code   ? 
_struct_site.pdbx_num_residues    4 
_struct_site.details              'binding site for residue CL A 401' 
# 
loop_
_struct_site_gen.id 
_struct_site_gen.site_id 
_struct_site_gen.pdbx_num_res 
_struct_site_gen.label_comp_id 
_struct_site_gen.label_asym_id 
_struct_site_gen.label_seq_id 
_struct_site_gen.pdbx_auth_ins_code 
_struct_site_gen.auth_comp_id 
_struct_site_gen.auth_asym_id 
_struct_site_gen.auth_seq_id 
_struct_site_gen.label_atom_id 
_struct_site_gen.label_alt_id 
_struct_site_gen.symmetry 
_struct_site_gen.details 
1 AC1 4 ILE A 142 ? ILE A 335 . ? 1_555 ? 
2 AC1 4 SER A 177 ? SER A 370 . ? 1_555 ? 
3 AC1 4 ARG A 181 ? ARG A 374 . ? 1_555 ? 
4 AC1 4 HOH C .   ? HOH A 506 . ? 6_544 ? 
# 
_pdbx_entry_details.entry_id                   6NFM 
_pdbx_entry_details.compound_details           ? 
_pdbx_entry_details.source_details             ? 
_pdbx_entry_details.nonpolymer_details         ? 
_pdbx_entry_details.sequence_details           ? 
_pdbx_entry_details.has_ligand_of_interest     ? 
_pdbx_entry_details.has_protein_modification   Y 
# 
loop_
_pdbx_validate_torsion.id 
_pdbx_validate_torsion.PDB_model_num 
_pdbx_validate_torsion.auth_comp_id 
_pdbx_validate_torsion.auth_asym_id 
_pdbx_validate_torsion.auth_seq_id 
_pdbx_validate_torsion.PDB_ins_code 
_pdbx_validate_torsion.label_alt_id 
_pdbx_validate_torsion.phi 
_pdbx_validate_torsion.psi 
1 1 SER A 250 ? ? 58.38   -124.84 
2 1 PRO A 269 ? ? -69.85  0.84    
3 1 ASN A 300 ? ? -104.10 73.84   
# 
loop_
_pdbx_unobs_or_zero_occ_residues.id 
_pdbx_unobs_or_zero_occ_residues.PDB_model_num 
_pdbx_unobs_or_zero_occ_residues.polymer_flag 
_pdbx_unobs_or_zero_occ_residues.occupancy_flag 
_pdbx_unobs_or_zero_occ_residues.auth_asym_id 
_pdbx_unobs_or_zero_occ_residues.auth_comp_id 
_pdbx_unobs_or_zero_occ_residues.auth_seq_id 
_pdbx_unobs_or_zero_occ_residues.PDB_ins_code 
_pdbx_unobs_or_zero_occ_residues.label_asym_id 
_pdbx_unobs_or_zero_occ_residues.label_comp_id 
_pdbx_unobs_or_zero_occ_residues.label_seq_id 
1  1 Y 1 A MET 186 ? A MET 1   
2  1 Y 1 A GLU 187 ? A GLU 2   
3  1 Y 1 A ILE 188 ? A ILE 3   
4  1 Y 1 A GLU 380 ? A GLU 187 
5  1 Y 1 A HIS 381 ? A HIS 188 
6  1 Y 1 A HIS 382 ? A HIS 189 
7  1 Y 1 A HIS 383 ? A HIS 190 
8  1 Y 1 A HIS 384 ? A HIS 191 
9  1 Y 1 A HIS 385 ? A HIS 192 
10 1 Y 1 A HIS 386 ? A HIS 193 
# 
loop_
_chem_comp_atom.comp_id 
_chem_comp_atom.atom_id 
_chem_comp_atom.type_symbol 
_chem_comp_atom.pdbx_aromatic_flag 
_chem_comp_atom.pdbx_stereo_config 
_chem_comp_atom.pdbx_ordinal 
ALA N    N  N N 1   
ALA CA   C  N S 2   
ALA C    C  N N 3   
ALA O    O  N N 4   
ALA CB   C  N N 5   
ALA OXT  O  N N 6   
ALA H    H  N N 7   
ALA H2   H  N N 8   
ALA HA   H  N N 9   
ALA HB1  H  N N 10  
ALA HB2  H  N N 11  
ALA HB3  H  N N 12  
ALA HXT  H  N N 13  
ARG N    N  N N 14  
ARG CA   C  N S 15  
ARG C    C  N N 16  
ARG O    O  N N 17  
ARG CB   C  N N 18  
ARG CG   C  N N 19  
ARG CD   C  N N 20  
ARG NE   N  N N 21  
ARG CZ   C  N N 22  
ARG NH1  N  N N 23  
ARG NH2  N  N N 24  
ARG OXT  O  N N 25  
ARG H    H  N N 26  
ARG H2   H  N N 27  
ARG HA   H  N N 28  
ARG HB2  H  N N 29  
ARG HB3  H  N N 30  
ARG HG2  H  N N 31  
ARG HG3  H  N N 32  
ARG HD2  H  N N 33  
ARG HD3  H  N N 34  
ARG HE   H  N N 35  
ARG HH11 H  N N 36  
ARG HH12 H  N N 37  
ARG HH21 H  N N 38  
ARG HH22 H  N N 39  
ARG HXT  H  N N 40  
ASN N    N  N N 41  
ASN CA   C  N S 42  
ASN C    C  N N 43  
ASN O    O  N N 44  
ASN CB   C  N N 45  
ASN CG   C  N N 46  
ASN OD1  O  N N 47  
ASN ND2  N  N N 48  
ASN OXT  O  N N 49  
ASN H    H  N N 50  
ASN H2   H  N N 51  
ASN HA   H  N N 52  
ASN HB2  H  N N 53  
ASN HB3  H  N N 54  
ASN HD21 H  N N 55  
ASN HD22 H  N N 56  
ASN HXT  H  N N 57  
ASP N    N  N N 58  
ASP CA   C  N S 59  
ASP C    C  N N 60  
ASP O    O  N N 61  
ASP CB   C  N N 62  
ASP CG   C  N N 63  
ASP OD1  O  N N 64  
ASP OD2  O  N N 65  
ASP OXT  O  N N 66  
ASP H    H  N N 67  
ASP H2   H  N N 68  
ASP HA   H  N N 69  
ASP HB2  H  N N 70  
ASP HB3  H  N N 71  
ASP HD2  H  N N 72  
ASP HXT  H  N N 73  
CL  CL   CL N N 74  
CYS N    N  N N 75  
CYS CA   C  N R 76  
CYS C    C  N N 77  
CYS O    O  N N 78  
CYS CB   C  N N 79  
CYS SG   S  N N 80  
CYS OXT  O  N N 81  
CYS H    H  N N 82  
CYS H2   H  N N 83  
CYS HA   H  N N 84  
CYS HB2  H  N N 85  
CYS HB3  H  N N 86  
CYS HG   H  N N 87  
CYS HXT  H  N N 88  
GLN N    N  N N 89  
GLN CA   C  N S 90  
GLN C    C  N N 91  
GLN O    O  N N 92  
GLN CB   C  N N 93  
GLN CG   C  N N 94  
GLN CD   C  N N 95  
GLN OE1  O  N N 96  
GLN NE2  N  N N 97  
GLN OXT  O  N N 98  
GLN H    H  N N 99  
GLN H2   H  N N 100 
GLN HA   H  N N 101 
GLN HB2  H  N N 102 
GLN HB3  H  N N 103 
GLN HG2  H  N N 104 
GLN HG3  H  N N 105 
GLN HE21 H  N N 106 
GLN HE22 H  N N 107 
GLN HXT  H  N N 108 
GLU N    N  N N 109 
GLU CA   C  N S 110 
GLU C    C  N N 111 
GLU O    O  N N 112 
GLU CB   C  N N 113 
GLU CG   C  N N 114 
GLU CD   C  N N 115 
GLU OE1  O  N N 116 
GLU OE2  O  N N 117 
GLU OXT  O  N N 118 
GLU H    H  N N 119 
GLU H2   H  N N 120 
GLU HA   H  N N 121 
GLU HB2  H  N N 122 
GLU HB3  H  N N 123 
GLU HG2  H  N N 124 
GLU HG3  H  N N 125 
GLU HE2  H  N N 126 
GLU HXT  H  N N 127 
GLY N    N  N N 128 
GLY CA   C  N N 129 
GLY C    C  N N 130 
GLY O    O  N N 131 
GLY OXT  O  N N 132 
GLY H    H  N N 133 
GLY H2   H  N N 134 
GLY HA2  H  N N 135 
GLY HA3  H  N N 136 
GLY HXT  H  N N 137 
HIS N    N  N N 138 
HIS CA   C  N S 139 
HIS C    C  N N 140 
HIS O    O  N N 141 
HIS CB   C  N N 142 
HIS CG   C  Y N 143 
HIS ND1  N  Y N 144 
HIS CD2  C  Y N 145 
HIS CE1  C  Y N 146 
HIS NE2  N  Y N 147 
HIS OXT  O  N N 148 
HIS H    H  N N 149 
HIS H2   H  N N 150 
HIS HA   H  N N 151 
HIS HB2  H  N N 152 
HIS HB3  H  N N 153 
HIS HD1  H  N N 154 
HIS HD2  H  N N 155 
HIS HE1  H  N N 156 
HIS HE2  H  N N 157 
HIS HXT  H  N N 158 
HOH O    O  N N 159 
HOH H1   H  N N 160 
HOH H2   H  N N 161 
ILE N    N  N N 162 
ILE CA   C  N S 163 
ILE C    C  N N 164 
ILE O    O  N N 165 
ILE CB   C  N S 166 
ILE CG1  C  N N 167 
ILE CG2  C  N N 168 
ILE CD1  C  N N 169 
ILE OXT  O  N N 170 
ILE H    H  N N 171 
ILE H2   H  N N 172 
ILE HA   H  N N 173 
ILE HB   H  N N 174 
ILE HG12 H  N N 175 
ILE HG13 H  N N 176 
ILE HG21 H  N N 177 
ILE HG22 H  N N 178 
ILE HG23 H  N N 179 
ILE HD11 H  N N 180 
ILE HD12 H  N N 181 
ILE HD13 H  N N 182 
ILE HXT  H  N N 183 
LEU N    N  N N 184 
LEU CA   C  N S 185 
LEU C    C  N N 186 
LEU O    O  N N 187 
LEU CB   C  N N 188 
LEU CG   C  N N 189 
LEU CD1  C  N N 190 
LEU CD2  C  N N 191 
LEU OXT  O  N N 192 
LEU H    H  N N 193 
LEU H2   H  N N 194 
LEU HA   H  N N 195 
LEU HB2  H  N N 196 
LEU HB3  H  N N 197 
LEU HG   H  N N 198 
LEU HD11 H  N N 199 
LEU HD12 H  N N 200 
LEU HD13 H  N N 201 
LEU HD21 H  N N 202 
LEU HD22 H  N N 203 
LEU HD23 H  N N 204 
LEU HXT  H  N N 205 
LYS N    N  N N 206 
LYS CA   C  N S 207 
LYS C    C  N N 208 
LYS O    O  N N 209 
LYS CB   C  N N 210 
LYS CG   C  N N 211 
LYS CD   C  N N 212 
LYS CE   C  N N 213 
LYS NZ   N  N N 214 
LYS OXT  O  N N 215 
LYS H    H  N N 216 
LYS H2   H  N N 217 
LYS HA   H  N N 218 
LYS HB2  H  N N 219 
LYS HB3  H  N N 220 
LYS HG2  H  N N 221 
LYS HG3  H  N N 222 
LYS HD2  H  N N 223 
LYS HD3  H  N N 224 
LYS HE2  H  N N 225 
LYS HE3  H  N N 226 
LYS HZ1  H  N N 227 
LYS HZ2  H  N N 228 
LYS HZ3  H  N N 229 
LYS HXT  H  N N 230 
MET N    N  N N 231 
MET CA   C  N S 232 
MET C    C  N N 233 
MET O    O  N N 234 
MET CB   C  N N 235 
MET CG   C  N N 236 
MET SD   S  N N 237 
MET CE   C  N N 238 
MET OXT  O  N N 239 
MET H    H  N N 240 
MET H2   H  N N 241 
MET HA   H  N N 242 
MET HB2  H  N N 243 
MET HB3  H  N N 244 
MET HG2  H  N N 245 
MET HG3  H  N N 246 
MET HE1  H  N N 247 
MET HE2  H  N N 248 
MET HE3  H  N N 249 
MET HXT  H  N N 250 
PHE N    N  N N 251 
PHE CA   C  N S 252 
PHE C    C  N N 253 
PHE O    O  N N 254 
PHE CB   C  N N 255 
PHE CG   C  Y N 256 
PHE CD1  C  Y N 257 
PHE CD2  C  Y N 258 
PHE CE1  C  Y N 259 
PHE CE2  C  Y N 260 
PHE CZ   C  Y N 261 
PHE OXT  O  N N 262 
PHE H    H  N N 263 
PHE H2   H  N N 264 
PHE HA   H  N N 265 
PHE HB2  H  N N 266 
PHE HB3  H  N N 267 
PHE HD1  H  N N 268 
PHE HD2  H  N N 269 
PHE HE1  H  N N 270 
PHE HE2  H  N N 271 
PHE HZ   H  N N 272 
PHE HXT  H  N N 273 
PRO N    N  N N 274 
PRO CA   C  N S 275 
PRO C    C  N N 276 
PRO O    O  N N 277 
PRO CB   C  N N 278 
PRO CG   C  N N 279 
PRO CD   C  N N 280 
PRO OXT  O  N N 281 
PRO H    H  N N 282 
PRO HA   H  N N 283 
PRO HB2  H  N N 284 
PRO HB3  H  N N 285 
PRO HG2  H  N N 286 
PRO HG3  H  N N 287 
PRO HD2  H  N N 288 
PRO HD3  H  N N 289 
PRO HXT  H  N N 290 
SER N    N  N N 291 
SER CA   C  N S 292 
SER C    C  N N 293 
SER O    O  N N 294 
SER CB   C  N N 295 
SER OG   O  N N 296 
SER OXT  O  N N 297 
SER H    H  N N 298 
SER H2   H  N N 299 
SER HA   H  N N 300 
SER HB2  H  N N 301 
SER HB3  H  N N 302 
SER HG   H  N N 303 
SER HXT  H  N N 304 
THR N    N  N N 305 
THR CA   C  N S 306 
THR C    C  N N 307 
THR O    O  N N 308 
THR CB   C  N R 309 
THR OG1  O  N N 310 
THR CG2  C  N N 311 
THR OXT  O  N N 312 
THR H    H  N N 313 
THR H2   H  N N 314 
THR HA   H  N N 315 
THR HB   H  N N 316 
THR HG1  H  N N 317 
THR HG21 H  N N 318 
THR HG22 H  N N 319 
THR HG23 H  N N 320 
THR HXT  H  N N 321 
TRP N    N  N N 322 
TRP CA   C  N S 323 
TRP C    C  N N 324 
TRP O    O  N N 325 
TRP CB   C  N N 326 
TRP CG   C  Y N 327 
TRP CD1  C  Y N 328 
TRP CD2  C  Y N 329 
TRP NE1  N  Y N 330 
TRP CE2  C  Y N 331 
TRP CE3  C  Y N 332 
TRP CZ2  C  Y N 333 
TRP CZ3  C  Y N 334 
TRP CH2  C  Y N 335 
TRP OXT  O  N N 336 
TRP H    H  N N 337 
TRP H2   H  N N 338 
TRP HA   H  N N 339 
TRP HB2  H  N N 340 
TRP HB3  H  N N 341 
TRP HD1  H  N N 342 
TRP HE1  H  N N 343 
TRP HE3  H  N N 344 
TRP HZ2  H  N N 345 
TRP HZ3  H  N N 346 
TRP HH2  H  N N 347 
TRP HXT  H  N N 348 
TYR N    N  N N 349 
TYR CA   C  N S 350 
TYR C    C  N N 351 
TYR O    O  N N 352 
TYR CB   C  N N 353 
TYR CG   C  Y N 354 
TYR CD1  C  Y N 355 
TYR CD2  C  Y N 356 
TYR CE1  C  Y N 357 
TYR CE2  C  Y N 358 
TYR CZ   C  Y N 359 
TYR OH   O  N N 360 
TYR OXT  O  N N 361 
TYR H    H  N N 362 
TYR H2   H  N N 363 
TYR HA   H  N N 364 
TYR HB2  H  N N 365 
TYR HB3  H  N N 366 
TYR HD1  H  N N 367 
TYR HD2  H  N N 368 
TYR HE1  H  N N 369 
TYR HE2  H  N N 370 
TYR HH   H  N N 371 
TYR HXT  H  N N 372 
VAL N    N  N N 373 
VAL CA   C  N S 374 
VAL C    C  N N 375 
VAL O    O  N N 376 
VAL CB   C  N N 377 
VAL CG1  C  N N 378 
VAL CG2  C  N N 379 
VAL OXT  O  N N 380 
VAL H    H  N N 381 
VAL H2   H  N N 382 
VAL HA   H  N N 383 
VAL HB   H  N N 384 
VAL HG11 H  N N 385 
VAL HG12 H  N N 386 
VAL HG13 H  N N 387 
VAL HG21 H  N N 388 
VAL HG22 H  N N 389 
VAL HG23 H  N N 390 
VAL HXT  H  N N 391 
# 
loop_
_chem_comp_bond.comp_id 
_chem_comp_bond.atom_id_1 
_chem_comp_bond.atom_id_2 
_chem_comp_bond.value_order 
_chem_comp_bond.pdbx_aromatic_flag 
_chem_comp_bond.pdbx_stereo_config 
_chem_comp_bond.pdbx_ordinal 
ALA N   CA   sing N N 1   
ALA N   H    sing N N 2   
ALA N   H2   sing N N 3   
ALA CA  C    sing N N 4   
ALA CA  CB   sing N N 5   
ALA CA  HA   sing N N 6   
ALA C   O    doub N N 7   
ALA C   OXT  sing N N 8   
ALA CB  HB1  sing N N 9   
ALA CB  HB2  sing N N 10  
ALA CB  HB3  sing N N 11  
ALA OXT HXT  sing N N 12  
ARG N   CA   sing N N 13  
ARG N   H    sing N N 14  
ARG N   H2   sing N N 15  
ARG CA  C    sing N N 16  
ARG CA  CB   sing N N 17  
ARG CA  HA   sing N N 18  
ARG C   O    doub N N 19  
ARG C   OXT  sing N N 20  
ARG CB  CG   sing N N 21  
ARG CB  HB2  sing N N 22  
ARG CB  HB3  sing N N 23  
ARG CG  CD   sing N N 24  
ARG CG  HG2  sing N N 25  
ARG CG  HG3  sing N N 26  
ARG CD  NE   sing N N 27  
ARG CD  HD2  sing N N 28  
ARG CD  HD3  sing N N 29  
ARG NE  CZ   sing N N 30  
ARG NE  HE   sing N N 31  
ARG CZ  NH1  sing N N 32  
ARG CZ  NH2  doub N N 33  
ARG NH1 HH11 sing N N 34  
ARG NH1 HH12 sing N N 35  
ARG NH2 HH21 sing N N 36  
ARG NH2 HH22 sing N N 37  
ARG OXT HXT  sing N N 38  
ASN N   CA   sing N N 39  
ASN N   H    sing N N 40  
ASN N   H2   sing N N 41  
ASN CA  C    sing N N 42  
ASN CA  CB   sing N N 43  
ASN CA  HA   sing N N 44  
ASN C   O    doub N N 45  
ASN C   OXT  sing N N 46  
ASN CB  CG   sing N N 47  
ASN CB  HB2  sing N N 48  
ASN CB  HB3  sing N N 49  
ASN CG  OD1  doub N N 50  
ASN CG  ND2  sing N N 51  
ASN ND2 HD21 sing N N 52  
ASN ND2 HD22 sing N N 53  
ASN OXT HXT  sing N N 54  
ASP N   CA   sing N N 55  
ASP N   H    sing N N 56  
ASP N   H2   sing N N 57  
ASP CA  C    sing N N 58  
ASP CA  CB   sing N N 59  
ASP CA  HA   sing N N 60  
ASP C   O    doub N N 61  
ASP C   OXT  sing N N 62  
ASP CB  CG   sing N N 63  
ASP CB  HB2  sing N N 64  
ASP CB  HB3  sing N N 65  
ASP CG  OD1  doub N N 66  
ASP CG  OD2  sing N N 67  
ASP OD2 HD2  sing N N 68  
ASP OXT HXT  sing N N 69  
CYS N   CA   sing N N 70  
CYS N   H    sing N N 71  
CYS N   H2   sing N N 72  
CYS CA  C    sing N N 73  
CYS CA  CB   sing N N 74  
CYS CA  HA   sing N N 75  
CYS C   O    doub N N 76  
CYS C   OXT  sing N N 77  
CYS CB  SG   sing N N 78  
CYS CB  HB2  sing N N 79  
CYS CB  HB3  sing N N 80  
CYS SG  HG   sing N N 81  
CYS OXT HXT  sing N N 82  
GLN N   CA   sing N N 83  
GLN N   H    sing N N 84  
GLN N   H2   sing N N 85  
GLN CA  C    sing N N 86  
GLN CA  CB   sing N N 87  
GLN CA  HA   sing N N 88  
GLN C   O    doub N N 89  
GLN C   OXT  sing N N 90  
GLN CB  CG   sing N N 91  
GLN CB  HB2  sing N N 92  
GLN CB  HB3  sing N N 93  
GLN CG  CD   sing N N 94  
GLN CG  HG2  sing N N 95  
GLN CG  HG3  sing N N 96  
GLN CD  OE1  doub N N 97  
GLN CD  NE2  sing N N 98  
GLN NE2 HE21 sing N N 99  
GLN NE2 HE22 sing N N 100 
GLN OXT HXT  sing N N 101 
GLU N   CA   sing N N 102 
GLU N   H    sing N N 103 
GLU N   H2   sing N N 104 
GLU CA  C    sing N N 105 
GLU CA  CB   sing N N 106 
GLU CA  HA   sing N N 107 
GLU C   O    doub N N 108 
GLU C   OXT  sing N N 109 
GLU CB  CG   sing N N 110 
GLU CB  HB2  sing N N 111 
GLU CB  HB3  sing N N 112 
GLU CG  CD   sing N N 113 
GLU CG  HG2  sing N N 114 
GLU CG  HG3  sing N N 115 
GLU CD  OE1  doub N N 116 
GLU CD  OE2  sing N N 117 
GLU OE2 HE2  sing N N 118 
GLU OXT HXT  sing N N 119 
GLY N   CA   sing N N 120 
GLY N   H    sing N N 121 
GLY N   H2   sing N N 122 
GLY CA  C    sing N N 123 
GLY CA  HA2  sing N N 124 
GLY CA  HA3  sing N N 125 
GLY C   O    doub N N 126 
GLY C   OXT  sing N N 127 
GLY OXT HXT  sing N N 128 
HIS N   CA   sing N N 129 
HIS N   H    sing N N 130 
HIS N   H2   sing N N 131 
HIS CA  C    sing N N 132 
HIS CA  CB   sing N N 133 
HIS CA  HA   sing N N 134 
HIS C   O    doub N N 135 
HIS C   OXT  sing N N 136 
HIS CB  CG   sing N N 137 
HIS CB  HB2  sing N N 138 
HIS CB  HB3  sing N N 139 
HIS CG  ND1  sing Y N 140 
HIS CG  CD2  doub Y N 141 
HIS ND1 CE1  doub Y N 142 
HIS ND1 HD1  sing N N 143 
HIS CD2 NE2  sing Y N 144 
HIS CD2 HD2  sing N N 145 
HIS CE1 NE2  sing Y N 146 
HIS CE1 HE1  sing N N 147 
HIS NE2 HE2  sing N N 148 
HIS OXT HXT  sing N N 149 
HOH O   H1   sing N N 150 
HOH O   H2   sing N N 151 
ILE N   CA   sing N N 152 
ILE N   H    sing N N 153 
ILE N   H2   sing N N 154 
ILE CA  C    sing N N 155 
ILE CA  CB   sing N N 156 
ILE CA  HA   sing N N 157 
ILE C   O    doub N N 158 
ILE C   OXT  sing N N 159 
ILE CB  CG1  sing N N 160 
ILE CB  CG2  sing N N 161 
ILE CB  HB   sing N N 162 
ILE CG1 CD1  sing N N 163 
ILE CG1 HG12 sing N N 164 
ILE CG1 HG13 sing N N 165 
ILE CG2 HG21 sing N N 166 
ILE CG2 HG22 sing N N 167 
ILE CG2 HG23 sing N N 168 
ILE CD1 HD11 sing N N 169 
ILE CD1 HD12 sing N N 170 
ILE CD1 HD13 sing N N 171 
ILE OXT HXT  sing N N 172 
LEU N   CA   sing N N 173 
LEU N   H    sing N N 174 
LEU N   H2   sing N N 175 
LEU CA  C    sing N N 176 
LEU CA  CB   sing N N 177 
LEU CA  HA   sing N N 178 
LEU C   O    doub N N 179 
LEU C   OXT  sing N N 180 
LEU CB  CG   sing N N 181 
LEU CB  HB2  sing N N 182 
LEU CB  HB3  sing N N 183 
LEU CG  CD1  sing N N 184 
LEU CG  CD2  sing N N 185 
LEU CG  HG   sing N N 186 
LEU CD1 HD11 sing N N 187 
LEU CD1 HD12 sing N N 188 
LEU CD1 HD13 sing N N 189 
LEU CD2 HD21 sing N N 190 
LEU CD2 HD22 sing N N 191 
LEU CD2 HD23 sing N N 192 
LEU OXT HXT  sing N N 193 
LYS N   CA   sing N N 194 
LYS N   H    sing N N 195 
LYS N   H2   sing N N 196 
LYS CA  C    sing N N 197 
LYS CA  CB   sing N N 198 
LYS CA  HA   sing N N 199 
LYS C   O    doub N N 200 
LYS C   OXT  sing N N 201 
LYS CB  CG   sing N N 202 
LYS CB  HB2  sing N N 203 
LYS CB  HB3  sing N N 204 
LYS CG  CD   sing N N 205 
LYS CG  HG2  sing N N 206 
LYS CG  HG3  sing N N 207 
LYS CD  CE   sing N N 208 
LYS CD  HD2  sing N N 209 
LYS CD  HD3  sing N N 210 
LYS CE  NZ   sing N N 211 
LYS CE  HE2  sing N N 212 
LYS CE  HE3  sing N N 213 
LYS NZ  HZ1  sing N N 214 
LYS NZ  HZ2  sing N N 215 
LYS NZ  HZ3  sing N N 216 
LYS OXT HXT  sing N N 217 
MET N   CA   sing N N 218 
MET N   H    sing N N 219 
MET N   H2   sing N N 220 
MET CA  C    sing N N 221 
MET CA  CB   sing N N 222 
MET CA  HA   sing N N 223 
MET C   O    doub N N 224 
MET C   OXT  sing N N 225 
MET CB  CG   sing N N 226 
MET CB  HB2  sing N N 227 
MET CB  HB3  sing N N 228 
MET CG  SD   sing N N 229 
MET CG  HG2  sing N N 230 
MET CG  HG3  sing N N 231 
MET SD  CE   sing N N 232 
MET CE  HE1  sing N N 233 
MET CE  HE2  sing N N 234 
MET CE  HE3  sing N N 235 
MET OXT HXT  sing N N 236 
PHE N   CA   sing N N 237 
PHE N   H    sing N N 238 
PHE N   H2   sing N N 239 
PHE CA  C    sing N N 240 
PHE CA  CB   sing N N 241 
PHE CA  HA   sing N N 242 
PHE C   O    doub N N 243 
PHE C   OXT  sing N N 244 
PHE CB  CG   sing N N 245 
PHE CB  HB2  sing N N 246 
PHE CB  HB3  sing N N 247 
PHE CG  CD1  doub Y N 248 
PHE CG  CD2  sing Y N 249 
PHE CD1 CE1  sing Y N 250 
PHE CD1 HD1  sing N N 251 
PHE CD2 CE2  doub Y N 252 
PHE CD2 HD2  sing N N 253 
PHE CE1 CZ   doub Y N 254 
PHE CE1 HE1  sing N N 255 
PHE CE2 CZ   sing Y N 256 
PHE CE2 HE2  sing N N 257 
PHE CZ  HZ   sing N N 258 
PHE OXT HXT  sing N N 259 
PRO N   CA   sing N N 260 
PRO N   CD   sing N N 261 
PRO N   H    sing N N 262 
PRO CA  C    sing N N 263 
PRO CA  CB   sing N N 264 
PRO CA  HA   sing N N 265 
PRO C   O    doub N N 266 
PRO C   OXT  sing N N 267 
PRO CB  CG   sing N N 268 
PRO CB  HB2  sing N N 269 
PRO CB  HB3  sing N N 270 
PRO CG  CD   sing N N 271 
PRO CG  HG2  sing N N 272 
PRO CG  HG3  sing N N 273 
PRO CD  HD2  sing N N 274 
PRO CD  HD3  sing N N 275 
PRO OXT HXT  sing N N 276 
SER N   CA   sing N N 277 
SER N   H    sing N N 278 
SER N   H2   sing N N 279 
SER CA  C    sing N N 280 
SER CA  CB   sing N N 281 
SER CA  HA   sing N N 282 
SER C   O    doub N N 283 
SER C   OXT  sing N N 284 
SER CB  OG   sing N N 285 
SER CB  HB2  sing N N 286 
SER CB  HB3  sing N N 287 
SER OG  HG   sing N N 288 
SER OXT HXT  sing N N 289 
THR N   CA   sing N N 290 
THR N   H    sing N N 291 
THR N   H2   sing N N 292 
THR CA  C    sing N N 293 
THR CA  CB   sing N N 294 
THR CA  HA   sing N N 295 
THR C   O    doub N N 296 
THR C   OXT  sing N N 297 
THR CB  OG1  sing N N 298 
THR CB  CG2  sing N N 299 
THR CB  HB   sing N N 300 
THR OG1 HG1  sing N N 301 
THR CG2 HG21 sing N N 302 
THR CG2 HG22 sing N N 303 
THR CG2 HG23 sing N N 304 
THR OXT HXT  sing N N 305 
TRP N   CA   sing N N 306 
TRP N   H    sing N N 307 
TRP N   H2   sing N N 308 
TRP CA  C    sing N N 309 
TRP CA  CB   sing N N 310 
TRP CA  HA   sing N N 311 
TRP C   O    doub N N 312 
TRP C   OXT  sing N N 313 
TRP CB  CG   sing N N 314 
TRP CB  HB2  sing N N 315 
TRP CB  HB3  sing N N 316 
TRP CG  CD1  doub Y N 317 
TRP CG  CD2  sing Y N 318 
TRP CD1 NE1  sing Y N 319 
TRP CD1 HD1  sing N N 320 
TRP CD2 CE2  doub Y N 321 
TRP CD2 CE3  sing Y N 322 
TRP NE1 CE2  sing Y N 323 
TRP NE1 HE1  sing N N 324 
TRP CE2 CZ2  sing Y N 325 
TRP CE3 CZ3  doub Y N 326 
TRP CE3 HE3  sing N N 327 
TRP CZ2 CH2  doub Y N 328 
TRP CZ2 HZ2  sing N N 329 
TRP CZ3 CH2  sing Y N 330 
TRP CZ3 HZ3  sing N N 331 
TRP CH2 HH2  sing N N 332 
TRP OXT HXT  sing N N 333 
TYR N   CA   sing N N 334 
TYR N   H    sing N N 335 
TYR N   H2   sing N N 336 
TYR CA  C    sing N N 337 
TYR CA  CB   sing N N 338 
TYR CA  HA   sing N N 339 
TYR C   O    doub N N 340 
TYR C   OXT  sing N N 341 
TYR CB  CG   sing N N 342 
TYR CB  HB2  sing N N 343 
TYR CB  HB3  sing N N 344 
TYR CG  CD1  doub Y N 345 
TYR CG  CD2  sing Y N 346 
TYR CD1 CE1  sing Y N 347 
TYR CD1 HD1  sing N N 348 
TYR CD2 CE2  doub Y N 349 
TYR CD2 HD2  sing N N 350 
TYR CE1 CZ   doub Y N 351 
TYR CE1 HE1  sing N N 352 
TYR CE2 CZ   sing Y N 353 
TYR CE2 HE2  sing N N 354 
TYR CZ  OH   sing N N 355 
TYR OH  HH   sing N N 356 
TYR OXT HXT  sing N N 357 
VAL N   CA   sing N N 358 
VAL N   H    sing N N 359 
VAL N   H2   sing N N 360 
VAL CA  C    sing N N 361 
VAL CA  CB   sing N N 362 
VAL CA  HA   sing N N 363 
VAL C   O    doub N N 364 
VAL C   OXT  sing N N 365 
VAL CB  CG1  sing N N 366 
VAL CB  CG2  sing N N 367 
VAL CB  HB   sing N N 368 
VAL CG1 HG11 sing N N 369 
VAL CG1 HG12 sing N N 370 
VAL CG1 HG13 sing N N 371 
VAL CG2 HG21 sing N N 372 
VAL CG2 HG22 sing N N 373 
VAL CG2 HG23 sing N N 374 
VAL OXT HXT  sing N N 375 
# 
_pdbx_audit_support.funding_organization   
'National Institutes of Health/National Institute of General Medical Sciences (NIH/NIGMS)' 
_pdbx_audit_support.country                'United States' 
_pdbx_audit_support.grant_number           GM118047 
_pdbx_audit_support.ordinal                1 
# 
_pdbx_initial_refinement_model.id               1 
_pdbx_initial_refinement_model.entity_id_list   ? 
_pdbx_initial_refinement_model.type             'experimental model' 
_pdbx_initial_refinement_model.source_name      PDB 
_pdbx_initial_refinement_model.accession_code   5CQD 
_pdbx_initial_refinement_model.details          ? 
# 
_atom_sites.entry_id                    6NFM 
_atom_sites.fract_transf_matrix[1][1]   0.00209624 
_atom_sites.fract_transf_matrix[1][2]   0.01692962 
_atom_sites.fract_transf_matrix[1][3]   -0.01019850 
_atom_sites.fract_transf_matrix[2][1]   -0.00750222 
_atom_sites.fract_transf_matrix[2][2]   -0.00880653 
_atom_sites.fract_transf_matrix[2][3]   -0.01616098 
_atom_sites.fract_transf_matrix[3][1]   -0.00614097 
_atom_sites.fract_transf_matrix[3][2]   0.00186536 
_atom_sites.fract_transf_matrix[3][3]   0.00183427 
_atom_sites.fract_transf_vector[1]      -0.139723 
_atom_sites.fract_transf_vector[2]      -0.408459 
_atom_sites.fract_transf_vector[3]      -0.108144 
# 
loop_
_atom_type.symbol 
C  
CL 
N  
O  
S  
# 
loop_
_atom_site.group_PDB 
_atom_site.id 
_atom_site.type_symbol 
_atom_site.label_atom_id 
_atom_site.label_alt_id 
_atom_site.label_comp_id 
_atom_site.label_asym_id 
_atom_site.label_entity_id 
_atom_site.label_seq_id 
_atom_site.pdbx_PDB_ins_code 
_atom_site.Cartn_x 
_atom_site.Cartn_y 
_atom_site.Cartn_z 
_atom_site.occupancy 
_atom_site.B_iso_or_equiv 
_atom_site.pdbx_formal_charge 
_atom_site.auth_seq_id 
_atom_site.auth_comp_id 
_atom_site.auth_asym_id 
_atom_site.auth_atom_id 
_atom_site.pdbx_PDB_model_num 
ATOM   1    N  N   . LEU A 1 4   ? 12.765  -7.478  -3.787  1.00 87.61 ? 189 LEU A N   1 
ATOM   2    C  CA  . LEU A 1 4   ? 11.727  -8.429  -4.162  1.00 85.71 ? 189 LEU A CA  1 
ATOM   3    C  C   . LEU A 1 4   ? 12.294  -9.846  -4.227  1.00 85.97 ? 189 LEU A C   1 
ATOM   4    O  O   . LEU A 1 4   ? 12.111  -10.544 -5.223  1.00 89.20 ? 189 LEU A O   1 
ATOM   5    C  CB  . LEU A 1 4   ? 11.103  -8.036  -5.506  1.00 82.81 ? 189 LEU A CB  1 
ATOM   6    C  CG  . LEU A 1 4   ? 12.078  -7.669  -6.629  1.00 81.59 ? 189 LEU A CG  1 
ATOM   7    C  CD1 . LEU A 1 4   ? 11.920  -8.592  -7.829  1.00 82.23 ? 189 LEU A CD1 1 
ATOM   8    C  CD2 . LEU A 1 4   ? 11.900  -6.228  -7.050  1.00 80.50 ? 189 LEU A CD2 1 
ATOM   9    N  N   . ARG A 1 5   ? 12.974  -10.266 -3.157  1.00 82.19 ? 190 ARG A N   1 
ATOM   10   C  CA  . ARG A 1 5   ? 13.656  -11.557 -3.163  1.00 78.80 ? 190 ARG A CA  1 
ATOM   11   C  C   . ARG A 1 5   ? 12.677  -12.701 -3.411  1.00 71.59 ? 190 ARG A C   1 
ATOM   12   O  O   . ARG A 1 5   ? 12.753  -13.385 -4.439  1.00 71.76 ? 190 ARG A O   1 
ATOM   13   C  CB  . ARG A 1 5   ? 14.417  -11.757 -1.851  1.00 83.74 ? 190 ARG A CB  1 
ATOM   14   C  CG  . ARG A 1 5   ? 15.561  -10.771 -1.651  1.00 88.10 ? 190 ARG A CG  1 
ATOM   15   C  CD  . ARG A 1 5   ? 16.368  -11.091 -0.402  1.00 91.70 ? 190 ARG A CD  1 
ATOM   16   N  NE  . ARG A 1 5   ? 17.452  -10.133 -0.187  1.00 94.34 ? 190 ARG A NE  1 
ATOM   17   C  CZ  . ARG A 1 5   ? 18.352  -10.228 0.788   1.00 96.51 ? 190 ARG A CZ  1 
ATOM   18   N  NH1 . ARG A 1 5   ? 18.304  -11.242 1.642   1.00 96.98 ? 190 ARG A NH1 1 
ATOM   19   N  NH2 . ARG A 1 5   ? 19.303  -9.312  0.908   1.00 97.62 ? 190 ARG A NH2 1 
ATOM   20   N  N   . TYR A 1 6   ? 11.744  -12.921 -2.486  1.00 65.23 ? 191 TYR A N   1 
ATOM   21   C  CA  . TYR A 1 6   ? 10.742  -13.968 -2.649  1.00 59.24 ? 191 TYR A CA  1 
ATOM   22   C  C   . TYR A 1 6   ? 9.510   -13.385 -3.333  1.00 54.57 ? 191 TYR A C   1 
ATOM   23   O  O   . TYR A 1 6   ? 8.930   -12.406 -2.854  1.00 54.16 ? 191 TYR A O   1 
ATOM   24   C  CB  . TYR A 1 6   ? 10.368  -14.599 -1.307  1.00 57.49 ? 191 TYR A CB  1 
ATOM   25   C  CG  . TYR A 1 6   ? 9.241   -15.599 -1.426  1.00 56.46 ? 191 TYR A CG  1 
ATOM   26   C  CD1 . TYR A 1 6   ? 9.441   -16.836 -2.029  1.00 55.23 ? 191 TYR A CD1 1 
ATOM   27   C  CD2 . TYR A 1 6   ? 7.971   -15.299 -0.947  1.00 57.73 ? 191 TYR A CD2 1 
ATOM   28   C  CE1 . TYR A 1 6   ? 8.408   -17.750 -2.147  1.00 57.47 ? 191 TYR A CE1 1 
ATOM   29   C  CE2 . TYR A 1 6   ? 6.932   -16.202 -1.059  1.00 58.91 ? 191 TYR A CE2 1 
ATOM   30   C  CZ  . TYR A 1 6   ? 7.154   -17.425 -1.657  1.00 60.15 ? 191 TYR A CZ  1 
ATOM   31   O  OH  . TYR A 1 6   ? 6.112   -18.317 -1.763  1.00 61.61 ? 191 TYR A OH  1 
ATOM   32   N  N   . LEU A 1 7   ? 9.111   -13.992 -4.443  1.00 50.60 ? 192 LEU A N   1 
ATOM   33   C  CA  . LEU A 1 7   ? 8.026   -13.469 -5.255  1.00 49.12 ? 192 LEU A CA  1 
ATOM   34   C  C   . LEU A 1 7   ? 6.689   -14.072 -4.841  1.00 50.71 ? 192 LEU A C   1 
ATOM   35   O  O   . LEU A 1 7   ? 6.605   -15.228 -4.417  1.00 52.08 ? 192 LEU A O   1 
ATOM   36   C  CB  . LEU A 1 7   ? 8.287   -13.743 -6.733  1.00 47.35 ? 192 LEU A CB  1 
ATOM   37   C  CG  . LEU A 1 7   ? 9.578   -13.120 -7.264  1.00 45.87 ? 192 LEU A CG  1 
ATOM   38   C  CD1 . LEU A 1 7   ? 9.767   -13.453 -8.735  1.00 46.29 ? 192 LEU A CD1 1 
ATOM   39   C  CD2 . LEU A 1 7   ? 9.567   -11.617 -7.041  1.00 44.25 ? 192 LEU A CD2 1 
ATOM   40   N  N   . MET A 1 8   ? 5.641   -13.266 -4.978  1.00 49.08 ? 193 MET A N   1 
ATOM   41   C  CA  . MET A 1 8   ? 4.301   -13.689 -4.608  1.00 47.75 ? 193 MET A CA  1 
ATOM   42   C  C   . MET A 1 8   ? 3.761   -14.712 -5.601  1.00 47.23 ? 193 MET A C   1 
ATOM   43   O  O   . MET A 1 8   ? 4.067   -14.677 -6.796  1.00 44.59 ? 193 MET A O   1 
ATOM   44   C  CB  . MET A 1 8   ? 3.363   -12.480 -4.544  1.00 44.95 ? 193 MET A CB  1 
ATOM   45   C  CG  . MET A 1 8   ? 1.983   -12.777 -3.995  1.00 44.84 ? 193 MET A CG  1 
ATOM   46   S  SD  . MET A 1 8   ? 0.874   -11.355 -4.048  1.00 46.32 ? 193 MET A SD  1 
ATOM   47   C  CE  . MET A 1 8   ? 1.787   -10.164 -3.072  1.00 44.10 ? 193 MET A CE  1 
ATOM   48   N  N   . ASP A 1 9   ? 2.959   -15.632 -5.085  1.00 48.95 ? 194 ASP A N   1 
ATOM   49   C  CA  . ASP A 1 9   ? 2.230   -16.559 -5.935  1.00 50.13 ? 194 ASP A CA  1 
ATOM   50   C  C   . ASP A 1 9   ? 1.288   -15.780 -6.851  1.00 49.78 ? 194 ASP A C   1 
ATOM   51   O  O   . ASP A 1 9   ? 0.568   -14.893 -6.376  1.00 48.60 ? 194 ASP A O   1 
ATOM   52   C  CB  . ASP A 1 9   ? 1.445   -17.543 -5.064  1.00 52.44 ? 194 ASP A CB  1 
ATOM   53   C  CG  . ASP A 1 9   ? 0.745   -18.610 -5.872  1.00 55.55 ? 194 ASP A CG  1 
ATOM   54   O  OD1 . ASP A 1 9   ? 1.441   -19.484 -6.428  1.00 57.30 ? 194 ASP A OD1 1 
ATOM   55   O  OD2 . ASP A 1 9   ? -0.501  -18.578 -5.947  1.00 56.68 ? 194 ASP A OD2 1 
ATOM   56   N  N   . PRO A 1 10  ? 1.264   -16.073 -8.157  1.00 51.09 ? 195 PRO A N   1 
ATOM   57   C  CA  . PRO A 1 10  ? 0.438   -15.257 -9.065  1.00 52.22 ? 195 PRO A CA  1 
ATOM   58   C  C   . PRO A 1 10  ? -1.052  -15.379 -8.806  1.00 55.33 ? 195 PRO A C   1 
ATOM   59   O  O   . PRO A 1 10  ? -1.769  -14.370 -8.852  1.00 56.30 ? 195 PRO A O   1 
ATOM   60   C  CB  . PRO A 1 10  ? 0.821   -15.787 -10.455 1.00 50.26 ? 195 PRO A CB  1 
ATOM   61   C  CG  . PRO A 1 10  ? 1.284   -17.172 -10.210 1.00 49.99 ? 195 PRO A CG  1 
ATOM   62   C  CD  . PRO A 1 10  ? 1.973   -17.146 -8.872  1.00 50.44 ? 195 PRO A CD  1 
ATOM   63   N  N   . ASP A 1 11  ? -1.544  -16.589 -8.537  1.00 56.22 ? 196 ASP A N   1 
ATOM   64   C  CA  . ASP A 1 11  ? -2.953  -16.748 -8.205  1.00 56.54 ? 196 ASP A CA  1 
ATOM   65   C  C   . ASP A 1 11  ? -3.301  -16.014 -6.916  1.00 55.01 ? 196 ASP A C   1 
ATOM   66   O  O   . ASP A 1 11  ? -4.413  -15.489 -6.777  1.00 53.33 ? 196 ASP A O   1 
ATOM   67   C  CB  . ASP A 1 11  ? -3.292  -18.232 -8.102  1.00 60.27 ? 196 ASP A CB  1 
ATOM   68   C  CG  . ASP A 1 11  ? -4.718  -18.472 -7.676  1.00 66.42 ? 196 ASP A CG  1 
ATOM   69   O  OD1 . ASP A 1 11  ? -5.633  -17.949 -8.348  1.00 68.54 ? 196 ASP A OD1 1 
ATOM   70   O  OD2 . ASP A 1 11  ? -4.923  -19.183 -6.670  1.00 69.51 ? 196 ASP A OD2 1 
ATOM   71   N  N   . THR A 1 12  ? -2.357  -15.949 -5.973  1.00 53.36 ? 197 THR A N   1 
ATOM   72   C  CA  . THR A 1 12  ? -2.572  -15.165 -4.762  1.00 51.86 ? 197 THR A CA  1 
ATOM   73   C  C   . THR A 1 12  ? -2.755  -13.689 -5.088  1.00 48.78 ? 197 THR A C   1 
ATOM   74   O  O   . THR A 1 12  ? -3.564  -13.002 -4.454  1.00 50.65 ? 197 THR A O   1 
ATOM   75   C  CB  . THR A 1 12  ? -1.399  -15.359 -3.800  1.00 53.78 ? 197 THR A CB  1 
ATOM   76   O  OG1 . THR A 1 12  ? -1.309  -16.741 -3.424  1.00 55.82 ? 197 THR A OG1 1 
ATOM   77   C  CG2 . THR A 1 12  ? -1.575  -14.507 -2.549  1.00 52.31 ? 197 THR A CG2 1 
ATOM   78   N  N   . PHE A 1 13  ? -2.025  -13.184 -6.083  1.00 46.08 ? 198 PHE A N   1 
ATOM   79   C  CA  . PHE A 1 13  ? -2.076  -11.756 -6.386  1.00 43.40 ? 198 PHE A CA  1 
ATOM   80   C  C   . PHE A 1 13  ? -3.428  -11.356 -6.958  1.00 41.71 ? 198 PHE A C   1 
ATOM   81   O  O   . PHE A 1 13  ? -4.003  -10.338 -6.561  1.00 41.40 ? 198 PHE A O   1 
ATOM   82   C  CB  . PHE A 1 13  ? -0.961  -11.378 -7.361  1.00 40.50 ? 198 PHE A CB  1 
ATOM   83   C  CG  . PHE A 1 13  ? -1.011  -9.941  -7.807  1.00 39.69 ? 198 PHE A CG  1 
ATOM   84   C  CD1 . PHE A 1 13  ? -0.485  -8.935  -7.013  1.00 37.20 ? 198 PHE A CD1 1 
ATOM   85   C  CD2 . PHE A 1 13  ? -1.580  -9.593  -9.026  1.00 39.22 ? 198 PHE A CD2 1 
ATOM   86   C  CE1 . PHE A 1 13  ? -0.528  -7.613  -7.423  1.00 36.88 ? 198 PHE A CE1 1 
ATOM   87   C  CE2 . PHE A 1 13  ? -1.624  -8.273  -9.439  1.00 36.29 ? 198 PHE A CE2 1 
ATOM   88   C  CZ  . PHE A 1 13  ? -1.098  -7.283  -8.634  1.00 35.52 ? 198 PHE A CZ  1 
ATOM   89   N  N   . THR A 1 14  ? -3.943  -12.137 -7.908  1.00 41.34 ? 199 THR A N   1 
ATOM   90   C  CA  . THR A 1 14  ? -5.178  -11.765 -8.585  1.00 40.53 ? 199 THR A CA  1 
ATOM   91   C  C   . THR A 1 14  ? -6.369  -11.836 -7.638  1.00 43.95 ? 199 THR A C   1 
ATOM   92   O  O   . THR A 1 14  ? -7.271  -10.991 -7.702  1.00 43.39 ? 199 THR A O   1 
ATOM   93   C  CB  . THR A 1 14  ? -5.397  -12.668 -9.798  1.00 39.83 ? 199 THR A CB  1 
ATOM   94   O  OG1 . THR A 1 14  ? -4.256  -12.593 -10.663 1.00 39.30 ? 199 THR A OG1 1 
ATOM   95   C  CG2 . THR A 1 14  ? -6.637  -12.243 -10.571 1.00 40.18 ? 199 THR A CG2 1 
ATOM   96   N  N   . SER A 1 15  ? -6.376  -12.823 -6.739  1.00 46.26 ? 200 SER A N   1 
ATOM   97   C  CA  . SER A 1 15  ? -7.499  -12.993 -5.822  1.00 48.54 ? 200 SER A CA  1 
ATOM   98   C  C   . SER A 1 15  ? -7.651  -11.793 -4.898  1.00 47.57 ? 200 SER A C   1 
ATOM   99   O  O   . SER A 1 15  ? -8.745  -11.232 -4.767  1.00 48.87 ? 200 SER A O   1 
ATOM   100  C  CB  . SER A 1 15  ? -7.322  -14.272 -5.005  1.00 52.86 ? 200 SER A CB  1 
ATOM   101  O  OG  . SER A 1 15  ? -7.303  -15.416 -5.839  1.00 56.29 ? 200 SER A OG  1 
ATOM   102  N  N   . ASN A 1 16  ? -6.566  -11.381 -4.244  1.00 45.86 ? 201 ASN A N   1 
ATOM   103  C  CA  . ASN A 1 16  ? -6.677  -10.378 -3.193  1.00 44.52 ? 201 ASN A CA  1 
ATOM   104  C  C   . ASN A 1 16  ? -6.583  -8.947  -3.700  1.00 40.38 ? 201 ASN A C   1 
ATOM   105  O  O   . ASN A 1 16  ? -7.070  -8.039  -3.023  1.00 40.86 ? 201 ASN A O   1 
ATOM   106  C  CB  . ASN A 1 16  ? -5.604  -10.613 -2.128  1.00 47.10 ? 201 ASN A CB  1 
ATOM   107  C  CG  . ASN A 1 16  ? -5.612  -12.029 -1.612  1.00 49.54 ? 201 ASN A CG  1 
ATOM   108  O  OD1 . ASN A 1 16  ? -6.399  -12.380 -0.732  1.00 51.97 ? 201 ASN A OD1 1 
ATOM   109  N  ND2 . ASN A 1 16  ? -4.746  -12.863 -2.171  1.00 48.76 ? 201 ASN A ND2 1 
ATOM   110  N  N   . PHE A 1 17  ? -5.977  -8.717  -4.860  1.00 38.19 ? 202 PHE A N   1 
ATOM   111  C  CA  . PHE A 1 17  ? -5.893  -7.367  -5.398  1.00 37.05 ? 202 PHE A CA  1 
ATOM   112  C  C   . PHE A 1 17  ? -7.037  -7.037  -6.344  1.00 36.96 ? 202 PHE A C   1 
ATOM   113  O  O   . PHE A 1 17  ? -7.163  -5.876  -6.750  1.00 36.69 ? 202 PHE A O   1 
ATOM   114  C  CB  . PHE A 1 17  ? -4.543  -7.153  -6.100  1.00 37.76 ? 202 PHE A CB  1 
ATOM   115  C  CG  . PHE A 1 17  ? -3.452  -6.710  -5.166  1.00 39.53 ? 202 PHE A CG  1 
ATOM   116  C  CD1 . PHE A 1 17  ? -2.764  -7.632  -4.390  1.00 40.35 ? 202 PHE A CD1 1 
ATOM   117  C  CD2 . PHE A 1 17  ? -3.142  -5.365  -5.033  1.00 40.51 ? 202 PHE A CD2 1 
ATOM   118  C  CE1 . PHE A 1 17  ? -1.775  -7.222  -3.513  1.00 40.43 ? 202 PHE A CE1 1 
ATOM   119  C  CE2 . PHE A 1 17  ? -2.155  -4.948  -4.157  1.00 40.67 ? 202 PHE A CE2 1 
ATOM   120  C  CZ  . PHE A 1 17  ? -1.471  -5.877  -3.398  1.00 40.88 ? 202 PHE A CZ  1 
ATOM   121  N  N   . ASN A 1 18  ? -7.862  -8.022  -6.701  1.00 38.40 ? 203 ASN A N   1 
ATOM   122  C  CA  . ASN A 1 18  ? -9.108  -7.757  -7.409  1.00 39.95 ? 203 ASN A CA  1 
ATOM   123  C  C   . ASN A 1 18  ? -9.873  -6.637  -6.718  1.00 40.67 ? 203 ASN A C   1 
ATOM   124  O  O   . ASN A 1 18  ? -10.045 -6.651  -5.497  1.00 41.37 ? 203 ASN A O   1 
ATOM   125  C  CB  . ASN A 1 18  ? -9.965  -9.023  -7.462  1.00 40.95 ? 203 ASN A CB  1 
ATOM   126  C  CG  . ASN A 1 18  ? -11.343 -8.770  -8.044  1.00 42.86 ? 203 ASN A CG  1 
ATOM   127  O  OD1 . ASN A 1 18  ? -11.529 -7.871  -8.862  1.00 43.38 ? 203 ASN A OD1 1 
ATOM   128  N  ND2 . ASN A 1 18  ? -12.323 -9.559  -7.615  1.00 44.92 ? 203 ASN A ND2 1 
ATOM   129  N  N   . ASN A 1 19  ? -10.320 -5.659  -7.507  1.00 40.50 ? 204 ASN A N   1 
ATOM   130  C  CA  . ASN A 1 19  ? -10.953 -4.458  -6.976  1.00 41.92 ? 204 ASN A CA  1 
ATOM   131  C  C   . ASN A 1 19  ? -12.446 -4.400  -7.294  1.00 43.63 ? 204 ASN A C   1 
ATOM   132  O  O   . ASN A 1 19  ? -13.012 -3.314  -7.431  1.00 45.18 ? 204 ASN A O   1 
ATOM   133  C  CB  . ASN A 1 19  ? -10.238 -3.208  -7.494  1.00 40.68 ? 204 ASN A CB  1 
ATOM   134  C  CG  . ASN A 1 19  ? -10.346 -3.046  -8.998  1.00 39.85 ? 204 ASN A CG  1 
ATOM   135  O  OD1 . ASN A 1 19  ? -10.758 -3.964  -9.708  1.00 40.04 ? 204 ASN A OD1 1 
ATOM   136  N  ND2 . ASN A 1 19  ? -9.966  -1.873  -9.492  1.00 38.68 ? 204 ASN A ND2 1 
ATOM   137  N  N   . ASP A 1 20  ? -13.089 -5.554  -7.409  1.00 43.11 ? 205 ASP A N   1 
ATOM   138  C  CA  . ASP A 1 20  ? -14.534 -5.642  -7.588  1.00 42.82 ? 205 ASP A CA  1 
ATOM   139  C  C   . ASP A 1 20  ? -15.239 -5.186  -6.315  1.00 43.30 ? 205 ASP A C   1 
ATOM   140  O  O   . ASP A 1 20  ? -15.137 -5.872  -5.290  1.00 42.60 ? 205 ASP A O   1 
ATOM   141  C  CB  . ASP A 1 20  ? -14.922 -7.084  -7.934  1.00 42.60 ? 205 ASP A CB  1 
ATOM   142  C  CG  . ASP A 1 20  ? -16.388 -7.234  -8.342  1.00 42.36 ? 205 ASP A CG  1 
ATOM   143  O  OD1 . ASP A 1 20  ? -17.211 -6.335  -8.067  1.00 42.81 ? 205 ASP A OD1 1 
ATOM   144  O  OD2 . ASP A 1 20  ? -16.717 -8.280  -8.939  1.00 42.26 ? 205 ASP A OD2 1 
ATOM   145  N  N   . PRO A 1 21  ? -15.956 -4.058  -6.327  1.00 44.74 ? 206 PRO A N   1 
ATOM   146  C  CA  . PRO A 1 21  ? -16.644 -3.618  -5.099  1.00 45.16 ? 206 PRO A CA  1 
ATOM   147  C  C   . PRO A 1 21  ? -17.653 -4.623  -4.576  1.00 42.17 ? 206 PRO A C   1 
ATOM   148  O  O   . PRO A 1 21  ? -17.885 -4.679  -3.362  1.00 40.60 ? 206 PRO A O   1 
ATOM   149  C  CB  . PRO A 1 21  ? -17.327 -2.311  -5.529  1.00 46.45 ? 206 PRO A CB  1 
ATOM   150  C  CG  . PRO A 1 21  ? -16.525 -1.836  -6.717  1.00 47.06 ? 206 PRO A CG  1 
ATOM   151  C  CD  . PRO A 1 21  ? -16.115 -3.092  -7.428  1.00 46.41 ? 206 PRO A CD  1 
ATOM   152  N  N   . LEU A 1 22  ? -18.245 -5.432  -5.452  1.00 42.06 ? 207 LEU A N   1 
ATOM   153  C  CA  . LEU A 1 22  ? -19.253 -6.404  -5.050  1.00 43.34 ? 207 LEU A CA  1 
ATOM   154  C  C   . LEU A 1 22  ? -18.668 -7.635  -4.362  1.00 43.81 ? 207 LEU A C   1 
ATOM   155  O  O   . LEU A 1 22  ? -19.438 -8.463  -3.863  1.00 45.65 ? 207 LEU A O   1 
ATOM   156  C  CB  . LEU A 1 22  ? -20.073 -6.829  -6.273  1.00 43.58 ? 207 LEU A CB  1 
ATOM   157  C  CG  . LEU A 1 22  ? -20.626 -5.668  -7.108  1.00 43.39 ? 207 LEU A CG  1 
ATOM   158  C  CD1 . LEU A 1 22  ? -21.416 -6.161  -8.317  1.00 42.88 ? 207 LEU A CD1 1 
ATOM   159  C  CD2 . LEU A 1 22  ? -21.476 -4.745  -6.246  1.00 41.91 ? 207 LEU A CD2 1 
ATOM   160  N  N   . VAL A 1 23  ? -17.346 -7.784  -4.324  1.00 42.05 ? 208 VAL A N   1 
ATOM   161  C  CA  . VAL A 1 23  ? -16.684 -8.865  -3.598  1.00 42.84 ? 208 VAL A CA  1 
ATOM   162  C  C   . VAL A 1 23  ? -15.967 -8.260  -2.400  1.00 42.75 ? 208 VAL A C   1 
ATOM   163  O  O   . VAL A 1 23  ? -15.174 -7.324  -2.552  1.00 42.73 ? 208 VAL A O   1 
ATOM   164  C  CB  . VAL A 1 23  ? -15.698 -9.638  -4.493  1.00 43.84 ? 208 VAL A CB  1 
ATOM   165  C  CG1 . VAL A 1 23  ? -15.038 -10.762 -3.705  1.00 43.03 ? 208 VAL A CG1 1 
ATOM   166  C  CG2 . VAL A 1 23  ? -16.405 -10.185 -5.727  1.00 44.13 ? 208 VAL A CG2 1 
ATOM   167  N  N   . LEU A 1 24  ? -16.240 -8.791  -1.209  1.00 44.04 ? 209 LEU A N   1 
ATOM   168  C  CA  . LEU A 1 24  ? -15.710 -8.233  0.037   1.00 48.20 ? 209 LEU A CA  1 
ATOM   169  C  C   . LEU A 1 24  ? -15.111 -9.365  0.869   1.00 51.71 ? 209 LEU A C   1 
ATOM   170  O  O   . LEU A 1 24  ? -15.692 -9.806  1.864   1.00 51.71 ? 209 LEU A O   1 
ATOM   171  C  CB  . LEU A 1 24  ? -16.802 -7.475  0.791   1.00 49.22 ? 209 LEU A CB  1 
ATOM   172  C  CG  . LEU A 1 24  ? -17.310 -6.234  0.051   1.00 50.66 ? 209 LEU A CG  1 
ATOM   173  C  CD1 . LEU A 1 24  ? -18.522 -5.638  0.737   1.00 51.82 ? 209 LEU A CD1 1 
ATOM   174  C  CD2 . LEU A 1 24  ? -16.201 -5.200  -0.073  1.00 51.83 ? 209 LEU A CD2 1 
ATOM   175  N  N   . ARG A 1 25  ? -13.931 -9.826  0.458   1.00 54.48 ? 210 ARG A N   1 
ATOM   176  C  CA  . ARG A 1 25  ? -13.236 -10.889 1.166   1.00 57.91 ? 210 ARG A CA  1 
ATOM   177  C  C   . ARG A 1 25  ? -12.440 -10.322 2.330   1.00 61.19 ? 210 ARG A C   1 
ATOM   178  O  O   . ARG A 1 25  ? -11.672 -9.368  2.166   1.00 61.89 ? 210 ARG A O   1 
ATOM   179  C  CB  . ARG A 1 25  ? -12.300 -11.639 0.222   1.00 60.85 ? 210 ARG A CB  1 
ATOM   180  C  CG  . ARG A 1 25  ? -12.983 -12.318 -0.937  1.00 62.91 ? 210 ARG A CG  1 
ATOM   181  C  CD  . ARG A 1 25  ? -12.239 -13.588 -1.298  1.00 64.11 ? 210 ARG A CD  1 
ATOM   182  N  NE  . ARG A 1 25  ? -10.808 -13.361 -1.465  1.00 64.54 ? 210 ARG A NE  1 
ATOM   183  C  CZ  . ARG A 1 25  ? -9.913  -14.337 -1.567  1.00 66.02 ? 210 ARG A CZ  1 
ATOM   184  N  NH1 . ARG A 1 25  ? -8.625  -14.050 -1.720  1.00 66.45 ? 210 ARG A NH1 1 
ATOM   185  N  NH2 . ARG A 1 25  ? -10.306 -15.602 -1.509  1.00 65.91 ? 210 ARG A NH2 1 
ATOM   186  N  N   . ARG A 1 26  ? -12.612 -10.922 3.506   1.00 65.54 ? 211 ARG A N   1 
ATOM   187  C  CA  . ARG A 1 26  ? -11.834 -10.586 4.692   1.00 71.53 ? 211 ARG A CA  1 
ATOM   188  C  C   . ARG A 1 26  ? -10.732 -11.607 4.961   1.00 71.24 ? 211 ARG A C   1 
ATOM   189  O  O   . ARG A 1 26  ? -10.309 -11.780 6.109   1.00 71.11 ? 211 ARG A O   1 
ATOM   190  C  CB  . ARG A 1 26  ? -12.755 -10.467 5.905   1.00 78.23 ? 211 ARG A CB  1 
ATOM   191  C  CG  . ARG A 1 26  ? -13.887 -9.465  5.734   1.00 83.31 ? 211 ARG A CG  1 
ATOM   192  C  CD  . ARG A 1 26  ? -14.917 -9.630  6.836   1.00 87.40 ? 211 ARG A CD  1 
ATOM   193  N  NE  . ARG A 1 26  ? -15.895 -8.546  6.852   1.00 90.01 ? 211 ARG A NE  1 
ATOM   194  C  CZ  . ARG A 1 26  ? -16.942 -8.500  7.672   1.00 90.87 ? 211 ARG A CZ  1 
ATOM   195  N  NH1 . ARG A 1 26  ? -17.782 -7.475  7.622   1.00 90.82 ? 211 ARG A NH1 1 
ATOM   196  N  NH2 . ARG A 1 26  ? -17.151 -9.483  8.539   1.00 90.71 ? 211 ARG A NH2 1 
ATOM   197  N  N   . ARG A 1 27  ? -10.260 -12.289 3.915   1.00 71.31 ? 212 ARG A N   1 
ATOM   198  C  CA  . ARG A 1 27  ? -9.293  -13.367 4.093   1.00 71.75 ? 212 ARG A CA  1 
ATOM   199  C  C   . ARG A 1 27  ? -7.947  -12.828 4.566   1.00 72.19 ? 212 ARG A C   1 
ATOM   200  O  O   . ARG A 1 27  ? -7.436  -13.233 5.618   1.00 73.32 ? 212 ARG A O   1 
ATOM   201  C  CB  . ARG A 1 27  ? -9.142  -14.149 2.784   1.00 71.92 ? 212 ARG A CB  1 
ATOM   202  C  CG  . ARG A 1 27  ? -8.133  -15.292 2.834   1.00 72.50 ? 212 ARG A CG  1 
ATOM   203  C  CD  . ARG A 1 27  ? -8.288  -16.222 1.628   1.00 71.95 ? 212 ARG A CD  1 
ATOM   204  N  NE  . ARG A 1 27  ? -7.251  -17.250 1.577   1.00 70.53 ? 212 ARG A NE  1 
ATOM   205  C  CZ  . ARG A 1 27  ? -7.258  -18.284 0.739   1.00 69.03 ? 212 ARG A CZ  1 
ATOM   206  N  NH1 . ARG A 1 27  ? -8.254  -18.441 -0.121  1.00 68.44 ? 212 ARG A NH1 1 
ATOM   207  N  NH2 . ARG A 1 27  ? -6.268  -19.166 0.764   1.00 68.53 ? 212 ARG A NH2 1 
ATOM   208  N  N   . GLN A 1 28  ? -7.361  -11.903 3.808   1.00 69.46 ? 213 GLN A N   1 
ATOM   209  C  CA  . GLN A 1 28  ? -6.041  -11.382 4.130   1.00 63.71 ? 213 GLN A CA  1 
ATOM   210  C  C   . GLN A 1 28  ? -5.886  -9.988  3.544   1.00 61.63 ? 213 GLN A C   1 
ATOM   211  O  O   . GLN A 1 28  ? -6.721  -9.515  2.767   1.00 64.03 ? 213 GLN A O   1 
ATOM   212  C  CB  . GLN A 1 28  ? -4.934  -12.309 3.612   1.00 59.61 ? 213 GLN A CB  1 
ATOM   213  C  CG  . GLN A 1 28  ? -4.382  -13.271 4.650   1.00 54.85 ? 213 GLN A CG  1 
ATOM   214  C  CD  . GLN A 1 28  ? -3.576  -12.572 5.724   1.00 52.22 ? 213 GLN A CD  1 
ATOM   215  O  OE1 . GLN A 1 28  ? -3.290  -11.378 5.628   1.00 51.72 ? 213 GLN A OE1 1 
ATOM   216  N  NE2 . GLN A 1 28  ? -3.201  -13.315 6.758   1.00 52.06 ? 213 GLN A NE2 1 
ATOM   217  N  N   . THR A 1 29  ? -4.796  -9.330  3.937   1.00 57.12 ? 214 THR A N   1 
ATOM   218  C  CA  . THR A 1 29  ? -4.426  -8.017  3.422   1.00 53.34 ? 214 THR A CA  1 
ATOM   219  C  C   . THR A 1 29  ? -2.949  -8.048  3.067   1.00 53.49 ? 214 THR A C   1 
ATOM   220  O  O   . THR A 1 29  ? -2.104  -8.274  3.939   1.00 54.76 ? 214 THR A O   1 
ATOM   221  C  CB  . THR A 1 29  ? -4.702  -6.916  4.448   1.00 49.90 ? 214 THR A CB  1 
ATOM   222  O  OG1 . THR A 1 29  ? -6.105  -6.862  4.727   1.00 49.74 ? 214 THR A OG1 1 
ATOM   223  C  CG2 . THR A 1 29  ? -4.235  -5.570  3.911   1.00 49.86 ? 214 THR A CG2 1 
ATOM   224  N  N   . TYR A 1 30  ? -2.637  -7.823  1.797   1.00 50.61 ? 215 TYR A N   1 
ATOM   225  C  CA  . TYR A 1 30  ? -1.262  -7.872  1.323   1.00 47.05 ? 215 TYR A CA  1 
ATOM   226  C  C   . TYR A 1 30  ? -0.712  -6.467  1.120   1.00 44.45 ? 215 TYR A C   1 
ATOM   227  O  O   . TYR A 1 30  ? -1.419  -5.570  0.654   1.00 43.58 ? 215 TYR A O   1 
ATOM   228  C  CB  . TYR A 1 30  ? -1.162  -8.669  0.024   1.00 46.16 ? 215 TYR A CB  1 
ATOM   229  C  CG  . TYR A 1 30  ? -1.181  -10.162 0.241   1.00 46.65 ? 215 TYR A CG  1 
ATOM   230  C  CD1 . TYR A 1 30  ? -2.369  -10.832 0.515   1.00 47.61 ? 215 TYR A CD1 1 
ATOM   231  C  CD2 . TYR A 1 30  ? -0.011  -10.901 0.177   1.00 46.59 ? 215 TYR A CD2 1 
ATOM   232  C  CE1 . TYR A 1 30  ? -2.385  -12.199 0.715   1.00 47.87 ? 215 TYR A CE1 1 
ATOM   233  C  CE2 . TYR A 1 30  ? -0.015  -12.260 0.372   1.00 47.60 ? 215 TYR A CE2 1 
ATOM   234  C  CZ  . TYR A 1 30  ? -1.202  -12.906 0.642   1.00 48.65 ? 215 TYR A CZ  1 
ATOM   235  O  OH  . TYR A 1 30  ? -1.193  -14.265 0.836   1.00 49.92 ? 215 TYR A OH  1 
ATOM   236  N  N   . LEU A 1 31  ? 0.557   -6.286  1.475   1.00 42.19 ? 216 LEU A N   1 
ATOM   237  C  CA  . LEU A 1 31  ? 1.235   -4.998  1.368   1.00 41.95 ? 216 LEU A CA  1 
ATOM   238  C  C   . LEU A 1 31  ? 2.597   -5.222  0.712   1.00 41.15 ? 216 LEU A C   1 
ATOM   239  O  O   . LEU A 1 31  ? 3.522   -5.730  1.353   1.00 39.89 ? 216 LEU A O   1 
ATOM   240  C  CB  . LEU A 1 31  ? 1.366   -4.342  2.742   1.00 41.03 ? 216 LEU A CB  1 
ATOM   241  C  CG  . LEU A 1 31  ? 1.898   -2.909  2.844   1.00 41.31 ? 216 LEU A CG  1 
ATOM   242  C  CD1 . LEU A 1 31  ? 1.347   -2.236  4.089   1.00 42.15 ? 216 LEU A CD1 1 
ATOM   243  C  CD2 . LEU A 1 31  ? 3.419   -2.869  2.870   1.00 41.18 ? 216 LEU A CD2 1 
ATOM   244  N  N   . CYS A 1 32  ? 2.714   -4.855  -0.563  1.00 41.72 ? 217 CYS A N   1 
ATOM   245  C  CA  . CYS A 1 32  ? 4.011   -4.786  -1.226  1.00 41.93 ? 217 CYS A CA  1 
ATOM   246  C  C   . CYS A 1 32  ? 4.654   -3.439  -0.935  1.00 41.46 ? 217 CYS A C   1 
ATOM   247  O  O   . CYS A 1 32  ? 3.995   -2.396  -0.995  1.00 41.42 ? 217 CYS A O   1 
ATOM   248  C  CB  . CYS A 1 32  ? 3.869   -4.968  -2.738  1.00 42.45 ? 217 CYS A CB  1 
ATOM   249  S  SG  . CYS A 1 32  ? 2.901   -6.391  -3.254  1.00 43.26 ? 217 CYS A SG  1 
ATOM   250  N  N   . TYR A 1 33  ? 5.948   -3.458  -0.628  1.00 40.83 ? 218 TYR A N   1 
ATOM   251  C  CA  . TYR A 1 33  ? 6.629   -2.254  -0.179  1.00 40.97 ? 218 TYR A CA  1 
ATOM   252  C  C   . TYR A 1 33  ? 7.932   -2.045  -0.939  1.00 40.88 ? 218 TYR A C   1 
ATOM   253  O  O   . TYR A 1 33  ? 8.605   -3.000  -1.338  1.00 41.15 ? 218 TYR A O   1 
ATOM   254  C  CB  . TYR A 1 33  ? 6.901   -2.307  1.331   1.00 42.43 ? 218 TYR A CB  1 
ATOM   255  C  CG  . TYR A 1 33  ? 7.758   -3.471  1.781   1.00 45.07 ? 218 TYR A CG  1 
ATOM   256  C  CD1 . TYR A 1 33  ? 9.147   -3.385  1.759   1.00 46.44 ? 218 TYR A CD1 1 
ATOM   257  C  CD2 . TYR A 1 33  ? 7.181   -4.649  2.245   1.00 45.57 ? 218 TYR A CD2 1 
ATOM   258  C  CE1 . TYR A 1 33  ? 9.936   -4.437  2.176   1.00 47.32 ? 218 TYR A CE1 1 
ATOM   259  C  CE2 . TYR A 1 33  ? 7.966   -5.712  2.668   1.00 47.47 ? 218 TYR A CE2 1 
ATOM   260  C  CZ  . TYR A 1 33  ? 9.345   -5.595  2.630   1.00 48.38 ? 218 TYR A CZ  1 
ATOM   261  O  OH  . TYR A 1 33  ? 10.146  -6.634  3.044   1.00 49.13 ? 218 TYR A OH  1 
ATOM   262  N  N   . GLU A 1 34  ? 8.277   -0.776  -1.134  1.00 41.16 ? 219 GLU A N   1 
ATOM   263  C  CA  . GLU A 1 34  ? 9.571   -0.402  -1.678  1.00 42.29 ? 219 GLU A CA  1 
ATOM   264  C  C   . GLU A 1 34  ? 9.984   0.924   -1.062  1.00 45.37 ? 219 GLU A C   1 
ATOM   265  O  O   . GLU A 1 34  ? 9.144   1.797   -0.826  1.00 47.97 ? 219 GLU A O   1 
ATOM   266  C  CB  . GLU A 1 34  ? 9.544   -0.314  -3.209  1.00 42.16 ? 219 GLU A CB  1 
ATOM   267  C  CG  . GLU A 1 34  ? 8.570   0.698   -3.771  1.00 45.15 ? 219 GLU A CG  1 
ATOM   268  C  CD  . GLU A 1 34  ? 8.508   0.671   -5.288  1.00 48.72 ? 219 GLU A CD  1 
ATOM   269  O  OE1 . GLU A 1 34  ? 9.000   -0.307  -5.896  1.00 46.87 ? 219 GLU A OE1 1 
ATOM   270  O  OE2 . GLU A 1 34  ? 7.960   1.634   -5.869  1.00 52.32 ? 219 GLU A OE2 1 
ATOM   271  N  N   . VAL A 1 35  ? 11.276  1.055   -0.778  1.00 46.39 ? 220 VAL A N   1 
ATOM   272  C  CA  . VAL A 1 35  ? 11.839  2.257   -0.177  1.00 47.52 ? 220 VAL A CA  1 
ATOM   273  C  C   . VAL A 1 35  ? 12.807  2.869   -1.178  1.00 50.56 ? 220 VAL A C   1 
ATOM   274  O  O   . VAL A 1 35  ? 13.805  2.239   -1.553  1.00 51.25 ? 220 VAL A O   1 
ATOM   275  C  CB  . VAL A 1 35  ? 12.542  1.958   1.154   1.00 44.81 ? 220 VAL A CB  1 
ATOM   276  C  CG1 . VAL A 1 35  ? 13.048  3.245   1.783   1.00 43.46 ? 220 VAL A CG1 1 
ATOM   277  C  CG2 . VAL A 1 35  ? 11.601  1.228   2.100   1.00 43.52 ? 220 VAL A CG2 1 
ATOM   278  N  N   . GLU A 1 36  ? 12.509  4.089   -1.613  1.00 52.41 ? 221 GLU A N   1 
ATOM   279  C  CA  . GLU A 1 36  ? 13.360  4.838   -2.524  1.00 55.74 ? 221 GLU A CA  1 
ATOM   280  C  C   . GLU A 1 36  ? 14.020  5.978   -1.768  1.00 57.05 ? 221 GLU A C   1 
ATOM   281  O  O   . GLU A 1 36  ? 13.340  6.741   -1.075  1.00 58.89 ? 221 GLU A O   1 
ATOM   282  C  CB  . GLU A 1 36  ? 12.553  5.393   -3.700  1.00 58.95 ? 221 GLU A CB  1 
ATOM   283  C  CG  . GLU A 1 36  ? 11.994  4.341   -4.643  1.00 62.63 ? 221 GLU A CG  1 
ATOM   284  C  CD  . GLU A 1 36  ? 10.912  4.898   -5.552  1.00 65.02 ? 221 GLU A CD  1 
ATOM   285  O  OE1 . GLU A 1 36  ? 10.304  5.929   -5.188  1.00 65.06 ? 221 GLU A OE1 1 
ATOM   286  O  OE2 . GLU A 1 36  ? 10.670  4.310   -6.629  1.00 66.13 ? 221 GLU A OE2 1 
ATOM   287  N  N   . ARG A 1 37  ? 15.338  6.092   -1.898  1.00 55.53 ? 222 ARG A N   1 
ATOM   288  C  CA  . ARG A 1 37  ? 16.060  7.254   -1.403  1.00 53.61 ? 222 ARG A CA  1 
ATOM   289  C  C   . ARG A 1 37  ? 16.130  8.292   -2.515  1.00 53.04 ? 222 ARG A C   1 
ATOM   290  O  O   . ARG A 1 37  ? 16.512  7.974   -3.646  1.00 54.21 ? 222 ARG A O   1 
ATOM   291  C  CB  . ARG A 1 37  ? 17.461  6.866   -0.928  1.00 53.31 ? 222 ARG A CB  1 
ATOM   292  C  CG  . ARG A 1 37  ? 18.294  8.031   -0.422  1.00 54.05 ? 222 ARG A CG  1 
ATOM   293  C  CD  . ARG A 1 37  ? 19.567  7.557   0.263   1.00 54.49 ? 222 ARG A CD  1 
ATOM   294  N  NE  . ARG A 1 37  ? 20.325  6.615   -0.557  1.00 55.13 ? 222 ARG A NE  1 
ATOM   295  C  CZ  . ARG A 1 37  ? 21.117  6.967   -1.565  1.00 55.34 ? 222 ARG A CZ  1 
ATOM   296  N  NH1 . ARG A 1 37  ? 21.254  8.246   -1.890  1.00 54.20 ? 222 ARG A NH1 1 
ATOM   297  N  NH2 . ARG A 1 37  ? 21.771  6.039   -2.253  1.00 56.25 ? 222 ARG A NH2 1 
ATOM   298  N  N   . LEU A 1 38  ? 15.737  9.522   -2.200  1.00 54.26 ? 223 LEU A N   1 
ATOM   299  C  CA  . LEU A 1 38  ? 15.628  10.595  -3.185  1.00 56.70 ? 223 LEU A CA  1 
ATOM   300  C  C   . LEU A 1 38  ? 16.889  11.446  -3.118  1.00 59.13 ? 223 LEU A C   1 
ATOM   301  O  O   . LEU A 1 38  ? 17.119  12.148  -2.128  1.00 59.74 ? 223 LEU A O   1 
ATOM   302  C  CB  . LEU A 1 38  ? 14.380  11.436  -2.927  1.00 55.91 ? 223 LEU A CB  1 
ATOM   303  C  CG  . LEU A 1 38  ? 13.077  10.653  -2.751  1.00 55.64 ? 223 LEU A CG  1 
ATOM   304  C  CD1 . LEU A 1 38  ? 11.893  11.595  -2.590  1.00 54.44 ? 223 LEU A CD1 1 
ATOM   305  C  CD2 . LEU A 1 38  ? 12.861  9.701   -3.919  1.00 57.17 ? 223 LEU A CD2 1 
ATOM   306  N  N   . ASP A 1 39  ? 17.696  11.397  -4.175  1.00 59.79 ? 224 ASP A N   1 
ATOM   307  C  CA  . ASP A 1 39  ? 19.033  11.980  -4.130  1.00 62.16 ? 224 ASP A CA  1 
ATOM   308  C  C   . ASP A 1 39  ? 19.479  12.354  -5.536  1.00 62.03 ? 224 ASP A C   1 
ATOM   309  O  O   . ASP A 1 39  ? 19.525  11.493  -6.421  1.00 61.55 ? 224 ASP A O   1 
ATOM   310  C  CB  . ASP A 1 39  ? 20.014  10.993  -3.491  1.00 65.82 ? 224 ASP A CB  1 
ATOM   311  C  CG  . ASP A 1 39  ? 21.383  11.592  -3.248  1.00 68.53 ? 224 ASP A CG  1 
ATOM   312  O  OD1 . ASP A 1 39  ? 21.528  12.827  -3.364  1.00 70.22 ? 224 ASP A OD1 1 
ATOM   313  O  OD2 . ASP A 1 39  ? 22.315  10.817  -2.940  1.00 69.35 ? 224 ASP A OD2 1 
ATOM   314  N  N   . ASN A 1 40  ? 19.809  13.630  -5.730  1.00 62.82 ? 225 ASN A N   1 
ATOM   315  C  CA  . ASN A 1 40  ? 20.368  14.138  -6.984  1.00 63.54 ? 225 ASN A CA  1 
ATOM   316  C  C   . ASN A 1 40  ? 19.479  13.783  -8.177  1.00 62.70 ? 225 ASN A C   1 
ATOM   317  O  O   . ASN A 1 40  ? 19.921  13.192  -9.165  1.00 65.18 ? 225 ASN A O   1 
ATOM   318  C  CB  . ASN A 1 40  ? 21.799  13.631  -7.189  1.00 66.35 ? 225 ASN A CB  1 
ATOM   319  C  CG  . ASN A 1 40  ? 22.554  14.407  -8.265  1.00 68.86 ? 225 ASN A CG  1 
ATOM   320  O  OD1 . ASN A 1 40  ? 22.760  13.913  -9.376  1.00 70.07 ? 225 ASN A OD1 1 
ATOM   321  N  ND2 . ASN A 1 40  ? 22.971  15.628  -7.937  1.00 68.03 ? 225 ASN A ND2 1 
ATOM   322  N  N   . GLY A 1 41  ? 18.201  14.147  -8.070  1.00 57.95 ? 226 GLY A N   1 
ATOM   323  C  CA  . GLY A 1 41  ? 17.294  14.026  -9.194  1.00 53.39 ? 226 GLY A CA  1 
ATOM   324  C  C   . GLY A 1 41  ? 16.934  12.618  -9.604  1.00 50.31 ? 226 GLY A C   1 
ATOM   325  O  O   . GLY A 1 41  ? 16.471  12.413  -10.730 1.00 50.30 ? 226 GLY A O   1 
ATOM   326  N  N   . THR A 1 42  ? 17.124  11.635  -8.729  1.00 48.65 ? 227 THR A N   1 
ATOM   327  C  CA  . THR A 1 42  ? 16.753  10.263  -9.044  1.00 47.50 ? 227 THR A CA  1 
ATOM   328  C  C   . THR A 1 42  ? 16.240  9.588   -7.778  1.00 48.48 ? 227 THR A C   1 
ATOM   329  O  O   . THR A 1 42  ? 16.168  10.197  -6.707  1.00 48.10 ? 227 THR A O   1 
ATOM   330  C  CB  . THR A 1 42  ? 17.929  9.492   -9.654  1.00 44.91 ? 227 THR A CB  1 
ATOM   331  O  OG1 . THR A 1 42  ? 17.459  8.247   -10.184 1.00 43.87 ? 227 THR A OG1 1 
ATOM   332  C  CG2 . THR A 1 42  ? 18.991  9.218   -8.602  1.00 44.40 ? 227 THR A CG2 1 
ATOM   333  N  N   . SER A 1 43  ? 15.874  8.315   -7.916  1.00 49.96 ? 228 SER A N   1 
ATOM   334  C  CA  . SER A 1 43  ? 15.383  7.509   -6.806  1.00 52.84 ? 228 SER A CA  1 
ATOM   335  C  C   . SER A 1 43  ? 16.211  6.237   -6.734  1.00 51.54 ? 228 SER A C   1 
ATOM   336  O  O   . SER A 1 43  ? 16.226  5.450   -7.685  1.00 52.13 ? 228 SER A O   1 
ATOM   337  C  CB  . SER A 1 43  ? 13.895  7.175   -6.975  1.00 56.14 ? 228 SER A CB  1 
ATOM   338  O  OG  . SER A 1 43  ? 13.096  8.347   -6.965  1.00 57.88 ? 228 SER A OG  1 
ATOM   339  N  N   . VAL A 1 44  ? 16.891  6.035   -5.613  1.00 49.70 ? 229 VAL A N   1 
ATOM   340  C  CA  . VAL A 1 44  ? 17.730  4.858   -5.422  1.00 50.16 ? 229 VAL A CA  1 
ATOM   341  C  C   . VAL A 1 44  ? 16.904  3.786   -4.722  1.00 51.13 ? 229 VAL A C   1 
ATOM   342  O  O   . VAL A 1 44  ? 16.350  4.017   -3.643  1.00 50.19 ? 229 VAL A O   1 
ATOM   343  C  CB  . VAL A 1 44  ? 18.993  5.199   -4.617  1.00 49.56 ? 229 VAL A CB  1 
ATOM   344  C  CG1 . VAL A 1 44  ? 19.952  4.022   -4.622  1.00 48.96 ? 229 VAL A CG1 1 
ATOM   345  C  CG2 . VAL A 1 44  ? 19.662  6.442   -5.182  1.00 48.86 ? 229 VAL A CG2 1 
ATOM   346  N  N   . LYS A 1 45  ? 16.836  2.607   -5.332  1.00 53.78 ? 230 LYS A N   1 
ATOM   347  C  CA  . LYS A 1 45  ? 16.002  1.514   -4.851  1.00 58.18 ? 230 LYS A CA  1 
ATOM   348  C  C   . LYS A 1 45  ? 16.863  0.274   -4.654  1.00 59.94 ? 230 LYS A C   1 
ATOM   349  O  O   . LYS A 1 45  ? 17.589  -0.129  -5.567  1.00 60.07 ? 230 LYS A O   1 
ATOM   350  C  CB  . LYS A 1 45  ? 14.874  1.228   -5.845  1.00 59.43 ? 230 LYS A CB  1 
ATOM   351  C  CG  . LYS A 1 45  ? 13.797  0.284   -5.350  1.00 60.63 ? 230 LYS A CG  1 
ATOM   352  C  CD  . LYS A 1 45  ? 12.743  0.018   -6.427  1.00 59.94 ? 230 LYS A CD  1 
ATOM   353  C  CE  . LYS A 1 45  ? 11.955  1.269   -6.796  1.00 59.69 ? 230 LYS A CE  1 
ATOM   354  N  NZ  . LYS A 1 45  ? 12.655  2.161   -7.769  1.00 60.30 ? 230 LYS A NZ  1 
ATOM   355  N  N   . MET A 1 46  ? 16.779  -0.327  -3.469  1.00 61.97 ? 231 MET A N   1 
ATOM   356  C  CA  . MET A 1 46  ? 17.536  -1.526  -3.135  1.00 63.73 ? 231 MET A CA  1 
ATOM   357  C  C   . MET A 1 46  ? 16.607  -2.729  -3.033  1.00 61.98 ? 231 MET A C   1 
ATOM   358  O  O   . MET A 1 46  ? 15.531  -2.644  -2.433  1.00 62.02 ? 231 MET A O   1 
ATOM   359  C  CB  . MET A 1 46  ? 18.298  -1.348  -1.820  1.00 68.03 ? 231 MET A CB  1 
ATOM   360  C  CG  . MET A 1 46  ? 19.641  -0.656  -1.963  1.00 72.57 ? 231 MET A CG  1 
ATOM   361  S  SD  . MET A 1 46  ? 20.424  -0.364  -0.366  1.00 76.54 ? 231 MET A SD  1 
ATOM   362  C  CE  . MET A 1 46  ? 19.257  0.779   0.366   1.00 77.17 ? 231 MET A CE  1 
ATOM   363  N  N   . ASP A 1 47  ? 17.039  -3.853  -3.611  1.00 60.16 ? 232 ASP A N   1 
ATOM   364  C  CA  . ASP A 1 47  ? 16.216  -5.059  -3.597  1.00 60.88 ? 232 ASP A CA  1 
ATOM   365  C  C   . ASP A 1 47  ? 16.006  -5.584  -2.183  1.00 60.79 ? 232 ASP A C   1 
ATOM   366  O  O   . ASP A 1 47  ? 14.987  -6.227  -1.905  1.00 61.53 ? 232 ASP A O   1 
ATOM   367  C  CB  . ASP A 1 47  ? 16.847  -6.140  -4.474  1.00 63.50 ? 232 ASP A CB  1 
ATOM   368  C  CG  . ASP A 1 47  ? 16.206  -7.502  -4.273  1.00 66.33 ? 232 ASP A CG  1 
ATOM   369  O  OD1 . ASP A 1 47  ? 15.050  -7.690  -4.714  1.00 67.65 ? 232 ASP A OD1 1 
ATOM   370  O  OD2 . ASP A 1 47  ? 16.853  -8.383  -3.668  1.00 66.68 ? 232 ASP A OD2 1 
ATOM   371  N  N   . GLN A 1 48  ? 16.949  -5.328  -1.280  1.00 60.28 ? 233 GLN A N   1 
ATOM   372  C  CA  . GLN A 1 48  ? 16.758  -5.721  0.110   1.00 60.78 ? 233 GLN A CA  1 
ATOM   373  C  C   . GLN A 1 48  ? 15.756  -4.832  0.838   1.00 59.50 ? 233 GLN A C   1 
ATOM   374  O  O   . GLN A 1 48  ? 15.440  -5.112  1.999   1.00 60.22 ? 233 GLN A O   1 
ATOM   375  C  CB  . GLN A 1 48  ? 18.098  -5.723  0.855   1.00 63.58 ? 233 GLN A CB  1 
ATOM   376  C  CG  . GLN A 1 48  ? 18.953  -4.471  0.672   1.00 66.76 ? 233 GLN A CG  1 
ATOM   377  C  CD  . GLN A 1 48  ? 19.835  -4.530  -0.566  1.00 69.94 ? 233 GLN A CD  1 
ATOM   378  O  OE1 . GLN A 1 48  ? 19.356  -4.781  -1.672  1.00 71.76 ? 233 GLN A OE1 1 
ATOM   379  N  NE2 . GLN A 1 48  ? 21.135  -4.304  -0.382  1.00 70.35 ? 233 GLN A NE2 1 
ATOM   380  N  N   . HIS A 1 49  ? 15.254  -3.778  0.193   1.00 57.39 ? 234 HIS A N   1 
ATOM   381  C  CA  . HIS A 1 49  ? 14.197  -2.942  0.748   1.00 56.03 ? 234 HIS A CA  1 
ATOM   382  C  C   . HIS A 1 49  ? 12.861  -3.169  0.049   1.00 52.96 ? 234 HIS A C   1 
ATOM   383  O  O   . HIS A 1 49  ? 11.983  -2.300  0.100   1.00 52.46 ? 234 HIS A O   1 
ATOM   384  C  CB  . HIS A 1 49  ? 14.583  -1.466  0.667   1.00 58.65 ? 234 HIS A CB  1 
ATOM   385  C  CG  . HIS A 1 49  ? 15.680  -1.073  1.604   1.00 61.13 ? 234 HIS A CG  1 
ATOM   386  N  ND1 . HIS A 1 49  ? 16.351  -1.985  2.391   1.00 61.85 ? 234 HIS A ND1 1 
ATOM   387  C  CD2 . HIS A 1 49  ? 16.219  0.137   1.885   1.00 61.78 ? 234 HIS A CD2 1 
ATOM   388  C  CE1 . HIS A 1 49  ? 17.256  -1.353  3.115   1.00 61.74 ? 234 HIS A CE1 1 
ATOM   389  N  NE2 . HIS A 1 49  ? 17.197  -0.065  2.827   1.00 61.67 ? 234 HIS A NE2 1 
ATOM   390  N  N   . MET A 1 50  ? 12.696  -4.308  -0.617  1.00 50.34 ? 235 MET A N   1 
ATOM   391  C  CA  . MET A 1 50  ? 11.474  -4.610  -1.344  1.00 50.18 ? 235 MET A CA  1 
ATOM   392  C  C   . MET A 1 50  ? 10.968  -5.983  -0.928  1.00 49.04 ? 235 MET A C   1 
ATOM   393  O  O   . MET A 1 50  ? 11.727  -6.834  -0.459  1.00 46.46 ? 235 MET A O   1 
ATOM   394  C  CB  . MET A 1 50  ? 11.686  -4.561  -2.865  1.00 51.35 ? 235 MET A CB  1 
ATOM   395  C  CG  . MET A 1 50  ? 12.337  -3.287  -3.369  1.00 52.27 ? 235 MET A CG  1 
ATOM   396  S  SD  . MET A 1 50  ? 12.618  -3.325  -5.153  1.00 53.80 ? 235 MET A SD  1 
ATOM   397  C  CE  . MET A 1 50  ? 10.963  -3.014  -5.762  1.00 54.81 ? 235 MET A CE  1 
ATOM   398  N  N   . GLY A 1 51  ? 9.669   -6.180  -1.107  1.00 49.44 ? 236 GLY A N   1 
ATOM   399  C  CA  . GLY A 1 51  ? 9.019   -7.404  -0.693  1.00 47.89 ? 236 GLY A CA  1 
ATOM   400  C  C   . GLY A 1 51  ? 7.547   -7.148  -0.428  1.00 46.61 ? 236 GLY A C   1 
ATOM   401  O  O   . GLY A 1 51  ? 7.016   -6.077  -0.722  1.00 45.28 ? 236 GLY A O   1 
ATOM   402  N  N   . PHE A 1 52  ? 6.900   -8.163  0.135   1.00 45.91 ? 237 PHE A N   1 
ATOM   403  C  CA  . PHE A 1 52  ? 5.491   -8.057  0.470   1.00 45.56 ? 237 PHE A CA  1 
ATOM   404  C  C   . PHE A 1 52  ? 5.231   -8.703  1.821   1.00 44.91 ? 237 PHE A C   1 
ATOM   405  O  O   . PHE A 1 52  ? 5.888   -9.676  2.202   1.00 44.96 ? 237 PHE A O   1 
ATOM   406  C  CB  . PHE A 1 52  ? 4.598   -8.695  -0.608  1.00 48.41 ? 237 PHE A CB  1 
ATOM   407  C  CG  . PHE A 1 52  ? 4.734   -10.191 -0.716  1.00 51.28 ? 237 PHE A CG  1 
ATOM   408  C  CD1 . PHE A 1 52  ? 5.731   -10.756 -1.499  1.00 50.50 ? 237 PHE A CD1 1 
ATOM   409  C  CD2 . PHE A 1 52  ? 3.850   -11.033 -0.052  1.00 51.23 ? 237 PHE A CD2 1 
ATOM   410  C  CE1 . PHE A 1 52  ? 5.854   -12.130 -1.608  1.00 49.77 ? 237 PHE A CE1 1 
ATOM   411  C  CE2 . PHE A 1 52  ? 3.971   -12.408 -0.158  1.00 51.29 ? 237 PHE A CE2 1 
ATOM   412  C  CZ  . PHE A 1 52  ? 4.975   -12.956 -0.939  1.00 50.27 ? 237 PHE A CZ  1 
ATOM   413  N  N   . LEU A 1 53  ? 4.261   -8.143  2.537   1.00 44.59 ? 238 LEU A N   1 
ATOM   414  C  CA  . LEU A 1 53  ? 3.796   -8.655  3.814   1.00 41.42 ? 238 LEU A CA  1 
ATOM   415  C  C   . LEU A 1 53  ? 2.310   -8.968  3.729   1.00 44.73 ? 238 LEU A C   1 
ATOM   416  O  O   . LEU A 1 53  ? 1.611   -8.529  2.811   1.00 45.04 ? 238 LEU A O   1 
ATOM   417  C  CB  . LEU A 1 53  ? 4.033   -7.642  4.936   1.00 38.40 ? 238 LEU A CB  1 
ATOM   418  C  CG  . LEU A 1 53  ? 5.467   -7.197  5.186   1.00 37.61 ? 238 LEU A CG  1 
ATOM   419  C  CD1 . LEU A 1 53  ? 5.460   -5.817  5.799   1.00 37.24 ? 238 LEU A CD1 1 
ATOM   420  C  CD2 . LEU A 1 53  ? 6.162   -8.184  6.102   1.00 37.29 ? 238 LEU A CD2 1 
ATOM   421  N  N   . CYS A 1 54  ? 1.833   -9.732  4.709   1.00 47.51 ? 239 CYS A N   1 
ATOM   422  C  CA  . CYS A 1 54  ? 0.407   -9.932  4.922   1.00 47.83 ? 239 CYS A CA  1 
ATOM   423  C  C   . CYS A 1 54  ? 0.150   -9.859  6.420   1.00 49.43 ? 239 CYS A C   1 
ATOM   424  O  O   . CYS A 1 54  ? 1.071   -9.642  7.215   1.00 50.02 ? 239 CYS A O   1 
ATOM   425  C  CB  . CYS A 1 54  ? -0.073  -11.256 4.308   1.00 48.35 ? 239 CYS A CB  1 
ATOM   426  S  SG  . CYS A 1 54  ? 0.398   -12.764 5.206   1.00 48.68 ? 239 CYS A SG  1 
ATOM   427  N  N   . ASN A 1 55  ? -1.112  -10.020 6.816   1.00 51.57 ? 240 ASN A N   1 
ATOM   428  C  CA  . ASN A 1 55  ? -1.444  -10.035 8.236   1.00 54.44 ? 240 ASN A CA  1 
ATOM   429  C  C   . ASN A 1 55  ? -0.955  -11.332 8.867   1.00 56.25 ? 240 ASN A C   1 
ATOM   430  O  O   . ASN A 1 55  ? -1.193  -12.421 8.335   1.00 56.28 ? 240 ASN A O   1 
ATOM   431  C  CB  . ASN A 1 55  ? -2.952  -9.894  8.444   1.00 55.34 ? 240 ASN A CB  1 
ATOM   432  C  CG  . ASN A 1 55  ? -3.530  -8.674  7.758   1.00 56.90 ? 240 ASN A CG  1 
ATOM   433  O  OD1 . ASN A 1 55  ? -2.897  -7.622  7.700   1.00 57.01 ? 240 ASN A OD1 1 
ATOM   434  N  ND2 . ASN A 1 55  ? -4.743  -8.811  7.233   1.00 58.26 ? 240 ASN A ND2 1 
ATOM   435  N  N   . GLU A 1 56  ? -0.267  -11.219 10.001  1.00 58.13 ? 241 GLU A N   1 
ATOM   436  C  CA  . GLU A 1 56  ? 0.205   -12.391 10.724  1.00 61.62 ? 241 GLU A CA  1 
ATOM   437  C  C   . GLU A 1 56  ? -0.059  -12.221 12.212  1.00 64.71 ? 241 GLU A C   1 
ATOM   438  O  O   . GLU A 1 56  ? 0.096   -11.125 12.760  1.00 63.87 ? 241 GLU A O   1 
ATOM   439  C  CB  . GLU A 1 56  ? 1.699   -12.645 10.475  1.00 61.04 ? 241 GLU A CB  1 
ATOM   440  C  CG  . GLU A 1 56  ? 2.011   -13.000 9.033   1.00 60.55 ? 241 GLU A CG  1 
ATOM   441  C  CD  . GLU A 1 56  ? 3.436   -13.439 8.828   1.00 61.11 ? 241 GLU A CD  1 
ATOM   442  O  OE1 . GLU A 1 56  ? 4.059   -13.925 9.794   1.00 61.96 ? 241 GLU A OE1 1 
ATOM   443  O  OE2 . GLU A 1 56  ? 3.930   -13.295 7.694   1.00 62.32 ? 241 GLU A OE2 1 
ATOM   444  N  N   . SER A 1 57  ? -0.462  -13.318 12.855  1.00 68.10 ? 250 SER A N   1 
ATOM   445  C  CA  . SER A 1 57  ? -0.779  -13.350 14.285  1.00 70.14 ? 250 SER A CA  1 
ATOM   446  C  C   . SER A 1 57  ? -1.889  -12.333 14.519  1.00 71.69 ? 250 SER A C   1 
ATOM   447  O  O   . SER A 1 57  ? -2.932  -12.425 13.846  1.00 72.51 ? 250 SER A O   1 
ATOM   448  C  CB  . SER A 1 57  ? 0.509   -13.132 15.084  1.00 70.37 ? 250 SER A CB  1 
ATOM   449  O  OG  . SER A 1 57  ? 1.581   -13.888 14.539  1.00 70.43 ? 250 SER A OG  1 
ATOM   450  N  N   . GLY A 1 58  ? -1.729  -11.369 15.419  1.00 70.92 ? 251 GLY A N   1 
ATOM   451  C  CA  . GLY A 1 58  ? -2.688  -10.292 15.551  1.00 70.07 ? 251 GLY A CA  1 
ATOM   452  C  C   . GLY A 1 58  ? -2.099  -8.958  15.141  1.00 70.16 ? 251 GLY A C   1 
ATOM   453  O  O   . GLY A 1 58  ? -2.528  -7.906  15.625  1.00 72.02 ? 251 GLY A O   1 
ATOM   454  N  N   . ARG A 1 59  ? -1.112  -8.987  14.245  1.00 67.44 ? 252 ARG A N   1 
ATOM   455  C  CA  . ARG A 1 59  ? -0.385  -7.798  13.812  1.00 64.20 ? 252 ARG A CA  1 
ATOM   456  C  C   . ARG A 1 59  ? -0.712  -7.544  12.343  1.00 63.06 ? 252 ARG A C   1 
ATOM   457  O  O   . ARG A 1 59  ? -0.358  -8.351  11.476  1.00 63.28 ? 252 ARG A O   1 
ATOM   458  C  CB  . ARG A 1 59  ? 1.118   -7.983  14.026  1.00 61.98 ? 252 ARG A CB  1 
ATOM   459  C  CG  . ARG A 1 59  ? 1.928   -6.704  14.000  1.00 60.79 ? 252 ARG A CG  1 
ATOM   460  C  CD  . ARG A 1 59  ? 1.719   -5.886  15.262  1.00 61.68 ? 252 ARG A CD  1 
ATOM   461  N  NE  . ARG A 1 59  ? 2.513   -4.661  15.247  1.00 62.52 ? 252 ARG A NE  1 
ATOM   462  C  CZ  . ARG A 1 59  ? 2.556   -3.783  16.242  1.00 61.69 ? 252 ARG A CZ  1 
ATOM   463  N  NH1 . ARG A 1 59  ? 1.851   -3.995  17.342  1.00 61.57 ? 252 ARG A NH1 1 
ATOM   464  N  NH2 . ARG A 1 59  ? 3.309   -2.697  16.137  1.00 61.24 ? 252 ARG A NH2 1 
ATOM   465  N  N   . HIS A 1 60  ? -1.385  -6.430  12.063  1.00 61.42 ? 253 HIS A N   1 
ATOM   466  C  CA  . HIS A 1 60  ? -1.796  -6.134  10.699  1.00 60.60 ? 253 HIS A CA  1 
ATOM   467  C  C   . HIS A 1 60  ? -0.586  -5.781  9.833   1.00 56.69 ? 253 HIS A C   1 
ATOM   468  O  O   . HIS A 1 60  ? 0.473   -5.380  10.324  1.00 56.35 ? 253 HIS A O   1 
ATOM   469  C  CB  . HIS A 1 60  ? -2.816  -4.994  10.681  1.00 65.40 ? 253 HIS A CB  1 
ATOM   470  C  CG  . HIS A 1 60  ? -4.016  -5.264  9.821   1.00 71.93 ? 253 HIS A CG  1 
ATOM   471  N  ND1 . HIS A 1 60  ? -4.101  -4.852  8.507   1.00 73.46 ? 253 HIS A ND1 1 
ATOM   472  C  CD2 . HIS A 1 60  ? -5.182  -5.898  10.091  1.00 72.91 ? 253 HIS A CD2 1 
ATOM   473  C  CE1 . HIS A 1 60  ? -5.266  -5.221  8.006   1.00 73.49 ? 253 HIS A CE1 1 
ATOM   474  N  NE2 . HIS A 1 60  ? -5.942  -5.857  8.946   1.00 72.93 ? 253 HIS A NE2 1 
ATOM   475  N  N   . ALA A 1 61  ? -0.765  -5.934  8.519   1.00 53.39 ? 254 ALA A N   1 
ATOM   476  C  CA  . ALA A 1 61  ? 0.345   -5.768  7.587   1.00 51.80 ? 254 ALA A CA  1 
ATOM   477  C  C   . ALA A 1 61  ? 0.974   -4.383  7.696   1.00 52.33 ? 254 ALA A C   1 
ATOM   478  O  O   . ALA A 1 61  ? 2.200   -4.241  7.597   1.00 51.90 ? 254 ALA A O   1 
ATOM   479  C  CB  . ALA A 1 61  ? -0.130  -6.028  6.159   1.00 49.95 ? 254 ALA A CB  1 
ATOM   480  N  N   . GLU A 1 62  ? 0.154   -3.348  7.897   1.00 50.61 ? 255 GLU A N   1 
ATOM   481  C  CA  . GLU A 1 62  ? 0.694   -1.996  7.982   1.00 49.56 ? 255 GLU A CA  1 
ATOM   482  C  C   . GLU A 1 62  ? 1.605   -1.850  9.191   1.00 50.04 ? 255 GLU A C   1 
ATOM   483  O  O   . GLU A 1 62  ? 2.622   -1.149  9.133   1.00 51.27 ? 255 GLU A O   1 
ATOM   484  C  CB  . GLU A 1 62  ? -0.440  -0.972  8.031   1.00 50.24 ? 255 GLU A CB  1 
ATOM   485  C  CG  . GLU A 1 62  ? -1.398  -1.017  6.841   1.00 50.64 ? 255 GLU A CG  1 
ATOM   486  C  CD  . GLU A 1 62  ? -2.589  -1.939  7.067   1.00 52.83 ? 255 GLU A CD  1 
ATOM   487  O  OE1 . GLU A 1 62  ? -2.395  -3.074  7.555   1.00 52.79 ? 255 GLU A OE1 1 
ATOM   488  O  OE2 . GLU A 1 62  ? -3.728  -1.521  6.761   1.00 53.46 ? 255 GLU A OE2 1 
ATOM   489  N  N   . LEU A 1 63  ? 1.271   -2.527  10.288  1.00 50.77 ? 256 LEU A N   1 
ATOM   490  C  CA  . LEU A 1 63  ? 2.111   -2.466  11.476  1.00 52.21 ? 256 LEU A CA  1 
ATOM   491  C  C   . LEU A 1 63  ? 3.294   -3.424  11.394  1.00 51.33 ? 256 LEU A C   1 
ATOM   492  O  O   . LEU A 1 63  ? 4.321   -3.186  12.035  1.00 51.69 ? 256 LEU A O   1 
ATOM   493  C  CB  . LEU A 1 63  ? 1.273   -2.756  12.721  1.00 54.68 ? 256 LEU A CB  1 
ATOM   494  C  CG  . LEU A 1 63  ? 0.044   -1.857  12.872  1.00 57.80 ? 256 LEU A CG  1 
ATOM   495  C  CD1 . LEU A 1 63  ? -0.727  -2.208  14.132  1.00 59.58 ? 256 LEU A CD1 1 
ATOM   496  C  CD2 . LEU A 1 63  ? 0.445   -0.388  12.873  1.00 57.97 ? 256 LEU A CD2 1 
ATOM   497  N  N   . ARG A 1 64  ? 3.179   -4.505  10.617  1.00 51.67 ? 257 ARG A N   1 
ATOM   498  C  CA  . ARG A 1 64  ? 4.317   -5.404  10.447  1.00 51.05 ? 257 ARG A CA  1 
ATOM   499  C  C   . ARG A 1 64  ? 5.418   -4.759  9.617   1.00 48.55 ? 257 ARG A C   1 
ATOM   500  O  O   . ARG A 1 64  ? 6.588   -5.129  9.751   1.00 47.37 ? 257 ARG A O   1 
ATOM   501  C  CB  . ARG A 1 64  ? 3.876   -6.719  9.802   1.00 53.37 ? 257 ARG A CB  1 
ATOM   502  C  CG  . ARG A 1 64  ? 2.919   -7.535  10.651  1.00 56.21 ? 257 ARG A CG  1 
ATOM   503  C  CD  . ARG A 1 64  ? 2.708   -8.934  10.087  1.00 57.96 ? 257 ARG A CD  1 
ATOM   504  N  NE  . ARG A 1 64  ? 3.924   -9.742  10.142  1.00 57.69 ? 257 ARG A NE  1 
ATOM   505  C  CZ  . ARG A 1 64  ? 4.549   -10.232 9.078   1.00 56.26 ? 257 ARG A CZ  1 
ATOM   506  N  NH1 . ARG A 1 64  ? 5.647   -10.958 9.230   1.00 56.79 ? 257 ARG A NH1 1 
ATOM   507  N  NH2 . ARG A 1 64  ? 4.069   -10.012 7.861   1.00 55.21 ? 257 ARG A NH2 1 
ATOM   508  N  N   . PHE A 1 65  ? 5.069   -3.808  8.751   1.00 49.09 ? 258 PHE A N   1 
ATOM   509  C  CA  . PHE A 1 65  ? 6.103   -3.088  8.021   1.00 48.94 ? 258 PHE A CA  1 
ATOM   510  C  C   . PHE A 1 65  ? 6.831   -2.111  8.930   1.00 49.08 ? 258 PHE A C   1 
ATOM   511  O  O   . PHE A 1 65  ? 8.051   -1.942  8.819   1.00 50.09 ? 258 PHE A O   1 
ATOM   512  C  CB  . PHE A 1 65  ? 5.511   -2.349  6.821   1.00 48.57 ? 258 PHE A CB  1 
ATOM   513  C  CG  . PHE A 1 65  ? 6.515   -1.498  6.096   1.00 46.92 ? 258 PHE A CG  1 
ATOM   514  C  CD1 . PHE A 1 65  ? 7.318   -2.045  5.111   1.00 46.57 ? 258 PHE A CD1 1 
ATOM   515  C  CD2 . PHE A 1 65  ? 6.682   -0.162  6.423   1.00 45.87 ? 258 PHE A CD2 1 
ATOM   516  C  CE1 . PHE A 1 65  ? 8.254   -1.275  4.453   1.00 46.04 ? 258 PHE A CE1 1 
ATOM   517  C  CE2 . PHE A 1 65  ? 7.619   0.612   5.771   1.00 46.75 ? 258 PHE A CE2 1 
ATOM   518  C  CZ  . PHE A 1 65  ? 8.406   0.055   4.783   1.00 45.50 ? 258 PHE A CZ  1 
ATOM   519  N  N   . LEU A 1 66  ? 6.097   -1.443  9.822   1.00 49.04 ? 259 LEU A N   1 
ATOM   520  C  CA  . LEU A 1 66  ? 6.739   -0.522  10.750  1.00 50.04 ? 259 LEU A CA  1 
ATOM   521  C  C   . LEU A 1 66  ? 7.730   -1.250  11.642  1.00 54.24 ? 259 LEU A C   1 
ATOM   522  O  O   . LEU A 1 66  ? 8.760   -0.680  12.022  1.00 56.05 ? 259 LEU A O   1 
ATOM   523  C  CB  . LEU A 1 66  ? 5.687   0.200   11.590  1.00 47.62 ? 259 LEU A CB  1 
ATOM   524  C  CG  . LEU A 1 66  ? 4.735   1.094   10.793  1.00 47.14 ? 259 LEU A CG  1 
ATOM   525  C  CD1 . LEU A 1 66  ? 3.742   1.805   11.703  1.00 46.21 ? 259 LEU A CD1 1 
ATOM   526  C  CD2 . LEU A 1 66  ? 5.530   2.095   9.974   1.00 47.30 ? 259 LEU A CD2 1 
ATOM   527  N  N   . ASP A 1 67  ? 7.448   -2.516  11.965  1.00 54.94 ? 260 ASP A N   1 
ATOM   528  C  CA  . ASP A 1 67  ? 8.340   -3.284  12.825  1.00 56.45 ? 260 ASP A CA  1 
ATOM   529  C  C   . ASP A 1 67  ? 9.700   -3.513  12.171  1.00 55.51 ? 260 ASP A C   1 
ATOM   530  O  O   . ASP A 1 67  ? 10.728  -3.508  12.858  1.00 56.17 ? 260 ASP A O   1 
ATOM   531  C  CB  . ASP A 1 67  ? 7.690   -4.617  13.188  1.00 59.98 ? 260 ASP A CB  1 
ATOM   532  C  CG  . ASP A 1 67  ? 6.439   -4.445  14.019  1.00 63.77 ? 260 ASP A CG  1 
ATOM   533  O  OD1 . ASP A 1 67  ? 6.135   -3.297  14.408  1.00 65.17 ? 260 ASP A OD1 1 
ATOM   534  O  OD2 . ASP A 1 67  ? 5.759   -5.462  14.278  1.00 65.39 ? 260 ASP A OD2 1 
ATOM   535  N  N   . LEU A 1 68  ? 9.735   -3.717  10.854  1.00 55.04 ? 261 LEU A N   1 
ATOM   536  C  CA  . LEU A 1 68  ? 10.984  -4.006  10.163  1.00 57.91 ? 261 LEU A CA  1 
ATOM   537  C  C   . LEU A 1 68  ? 11.708  -2.748  9.689   1.00 58.14 ? 261 LEU A C   1 
ATOM   538  O  O   . LEU A 1 68  ? 12.634  -2.844  8.877   1.00 57.37 ? 261 LEU A O   1 
ATOM   539  C  CB  . LEU A 1 68  ? 10.739  -4.963  8.988   1.00 60.38 ? 261 LEU A CB  1 
ATOM   540  C  CG  . LEU A 1 68  ? 9.710   -4.701  7.880   1.00 61.33 ? 261 LEU A CG  1 
ATOM   541  C  CD1 . LEU A 1 68  ? 10.183  -3.655  6.877   1.00 62.00 ? 261 LEU A CD1 1 
ATOM   542  C  CD2 . LEU A 1 68  ? 9.387   -6.007  7.162   1.00 60.34 ? 261 LEU A CD2 1 
ATOM   543  N  N   . VAL A 1 69  ? 11.319  -1.581  10.187  1.00 60.39 ? 262 VAL A N   1 
ATOM   544  C  CA  . VAL A 1 69  ? 11.953  -0.319  9.808   1.00 63.10 ? 262 VAL A CA  1 
ATOM   545  C  C   . VAL A 1 69  ? 13.365  -0.210  10.383  1.00 66.54 ? 262 VAL A C   1 
ATOM   546  O  O   . VAL A 1 69  ? 14.282  0.190   9.649   1.00 68.58 ? 262 VAL A O   1 
ATOM   547  C  CB  . VAL A 1 69  ? 11.084  0.879   10.225  1.00 63.87 ? 262 VAL A CB  1 
ATOM   548  C  CG1 . VAL A 1 69  ? 11.864  2.175   10.093  1.00 64.48 ? 262 VAL A CG1 1 
ATOM   549  C  CG2 . VAL A 1 69  ? 9.819   0.928   9.380   1.00 62.91 ? 262 VAL A CG2 1 
ATOM   550  N  N   . PRO A 1 70  ? 13.610  -0.532  11.662  1.00 66.36 ? 263 PRO A N   1 
ATOM   551  C  CA  . PRO A 1 70  ? 15.000  -0.481  12.152  1.00 66.44 ? 263 PRO A CA  1 
ATOM   552  C  C   . PRO A 1 70  ? 15.948  -1.381  11.379  1.00 66.54 ? 263 PRO A C   1 
ATOM   553  O  O   . PRO A 1 70  ? 17.116  -1.018  11.198  1.00 68.68 ? 263 PRO A O   1 
ATOM   554  C  CB  . PRO A 1 70  ? 14.873  -0.917  13.617  1.00 65.80 ? 263 PRO A CB  1 
ATOM   555  C  CG  . PRO A 1 70  ? 13.493  -0.562  13.988  1.00 65.23 ? 263 PRO A CG  1 
ATOM   556  C  CD  . PRO A 1 70  ? 12.673  -0.821  12.765  1.00 65.29 ? 263 PRO A CD  1 
ATOM   557  N  N   . SER A 1 71  ? 15.481  -2.542  10.912  1.00 64.77 ? 264 SER A N   1 
ATOM   558  C  CA  . SER A 1 71  ? 16.336  -3.451  10.155  1.00 61.95 ? 264 SER A CA  1 
ATOM   559  C  C   . SER A 1 71  ? 16.658  -2.930  8.762   1.00 62.29 ? 264 SER A C   1 
ATOM   560  O  O   . SER A 1 71  ? 17.487  -3.531  8.073   1.00 62.41 ? 264 SER A O   1 
ATOM   561  C  CB  . SER A 1 71  ? 15.684  -4.830  10.047  1.00 59.74 ? 264 SER A CB  1 
ATOM   562  O  OG  . SER A 1 71  ? 14.620  -4.816  9.117   1.00 59.30 ? 264 SER A OG  1 
ATOM   563  N  N   . LEU A 1 72  ? 16.015  -1.845  8.329   1.00 62.75 ? 265 LEU A N   1 
ATOM   564  C  CA  . LEU A 1 72  ? 16.380  -1.210  7.071   1.00 63.03 ? 265 LEU A CA  1 
ATOM   565  C  C   . LEU A 1 72  ? 17.640  -0.374  7.194   1.00 65.87 ? 265 LEU A C   1 
ATOM   566  O  O   . LEU A 1 72  ? 18.266  -0.072  6.173   1.00 67.34 ? 265 LEU A O   1 
ATOM   567  C  CB  . LEU A 1 72  ? 15.238  -0.329  6.567   1.00 61.08 ? 265 LEU A CB  1 
ATOM   568  C  CG  . LEU A 1 72  ? 13.928  -1.061  6.298   1.00 59.40 ? 265 LEU A CG  1 
ATOM   569  C  CD1 . LEU A 1 72  ? 12.874  -0.085  5.823   1.00 58.26 ? 265 LEU A CD1 1 
ATOM   570  C  CD2 . LEU A 1 72  ? 14.150  -2.168  5.281   1.00 59.18 ? 265 LEU A CD2 1 
ATOM   571  N  N   . GLN A 1 73  ? 18.020  -0.001  8.418   1.00 66.74 ? 266 GLN A N   1 
ATOM   572  C  CA  . GLN A 1 73  ? 19.218  0.799   8.666   1.00 67.81 ? 266 GLN A CA  1 
ATOM   573  C  C   . GLN A 1 73  ? 19.172  2.108   7.881   1.00 67.13 ? 266 GLN A C   1 
ATOM   574  O  O   . GLN A 1 73  ? 20.175  2.552   7.319   1.00 68.43 ? 266 GLN A O   1 
ATOM   575  C  CB  . GLN A 1 73  ? 20.487  0.005   8.343   1.00 69.36 ? 266 GLN A CB  1 
ATOM   576  C  CG  . GLN A 1 73  ? 20.618  -1.296  9.123   1.00 72.22 ? 266 GLN A CG  1 
ATOM   577  C  CD  . GLN A 1 73  ? 21.740  -2.185  8.608   1.00 74.63 ? 266 GLN A CD  1 
ATOM   578  O  OE1 . GLN A 1 73  ? 22.638  -2.567  9.361   1.00 75.31 ? 266 GLN A OE1 1 
ATOM   579  N  NE2 . GLN A 1 73  ? 21.688  -2.525  7.323   1.00 75.03 ? 266 GLN A NE2 1 
ATOM   580  N  N   . LEU A 1 74  ? 17.997  2.728   7.838   1.00 64.43 ? 267 LEU A N   1 
ATOM   581  C  CA  . LEU A 1 74  ? 17.844  3.985   7.122   1.00 63.83 ? 267 LEU A CA  1 
ATOM   582  C  C   . LEU A 1 74  ? 18.683  5.081   7.766   1.00 65.41 ? 267 LEU A C   1 
ATOM   583  O  O   . LEU A 1 74  ? 18.922  5.086   8.976   1.00 65.62 ? 267 LEU A O   1 
ATOM   584  C  CB  . LEU A 1 74  ? 16.376  4.409   7.088   1.00 61.58 ? 267 LEU A CB  1 
ATOM   585  C  CG  . LEU A 1 74  ? 15.417  3.494   6.327   1.00 59.85 ? 267 LEU A CG  1 
ATOM   586  C  CD1 . LEU A 1 74  ? 14.042  4.132   6.247   1.00 59.15 ? 267 LEU A CD1 1 
ATOM   587  C  CD2 . LEU A 1 74  ? 15.951  3.180   4.937   1.00 58.91 ? 267 LEU A CD2 1 
ATOM   588  N  N   . ASP A 1 75  ? 19.131  6.021   6.938   1.00 67.45 ? 268 ASP A N   1 
ATOM   589  C  CA  . ASP A 1 75  ? 19.930  7.139   7.419   1.00 71.06 ? 268 ASP A CA  1 
ATOM   590  C  C   . ASP A 1 75  ? 19.010  8.292   7.787   1.00 72.00 ? 268 ASP A C   1 
ATOM   591  O  O   . ASP A 1 75  ? 18.306  8.812   6.912   1.00 72.54 ? 268 ASP A O   1 
ATOM   592  C  CB  . ASP A 1 75  ? 20.926  7.583   6.360   1.00 75.09 ? 268 ASP A CB  1 
ATOM   593  C  CG  . ASP A 1 75  ? 21.995  8.511   6.912   1.00 79.20 ? 268 ASP A CG  1 
ATOM   594  O  OD1 . ASP A 1 75  ? 21.649  9.461   7.647   1.00 80.42 ? 268 ASP A OD1 1 
ATOM   595  O  OD2 . ASP A 1 75  ? 23.189  8.284   6.611   1.00 81.38 ? 268 ASP A OD2 1 
ATOM   596  N  N   . PRO A 1 76  ? 18.982  8.727   9.051   1.00 73.00 ? 269 PRO A N   1 
ATOM   597  C  CA  . PRO A 1 76  ? 18.077  9.818   9.440   1.00 72.85 ? 269 PRO A CA  1 
ATOM   598  C  C   . PRO A 1 76  ? 18.459  11.177  8.876   1.00 72.12 ? 269 PRO A C   1 
ATOM   599  O  O   . PRO A 1 76  ? 17.763  12.160  9.159   1.00 71.48 ? 269 PRO A O   1 
ATOM   600  C  CB  . PRO A 1 76  ? 18.165  9.817   10.976  1.00 73.17 ? 269 PRO A CB  1 
ATOM   601  C  CG  . PRO A 1 76  ? 18.758  8.484   11.338  1.00 73.84 ? 269 PRO A CG  1 
ATOM   602  C  CD  . PRO A 1 76  ? 19.675  8.144   10.209  1.00 73.31 ? 269 PRO A CD  1 
ATOM   603  N  N   . ALA A 1 77  ? 19.531  11.271  8.090   1.00 72.19 ? 270 ALA A N   1 
ATOM   604  C  CA  . ALA A 1 77  ? 19.965  12.529  7.499   1.00 73.54 ? 270 ALA A CA  1 
ATOM   605  C  C   . ALA A 1 77  ? 19.558  12.671  6.038   1.00 73.20 ? 270 ALA A C   1 
ATOM   606  O  O   . ALA A 1 77  ? 19.953  13.646  5.388   1.00 72.87 ? 270 ALA A O   1 
ATOM   607  C  CB  . ALA A 1 77  ? 21.482  12.678  7.631   1.00 74.58 ? 270 ALA A CB  1 
ATOM   608  N  N   . GLN A 1 78  ? 18.783  11.728  5.503   1.00 71.77 ? 271 GLN A N   1 
ATOM   609  C  CA  . GLN A 1 78  ? 18.393  11.737  4.101   1.00 68.58 ? 271 GLN A CA  1 
ATOM   610  C  C   . GLN A 1 78  ? 16.896  11.484  3.982   1.00 66.72 ? 271 GLN A C   1 
ATOM   611  O  O   . GLN A 1 78  ? 16.215  11.160  4.958   1.00 67.46 ? 271 GLN A O   1 
ATOM   612  C  CB  . GLN A 1 78  ? 19.181  10.697  3.291   1.00 66.56 ? 271 GLN A CB  1 
ATOM   613  C  CG  . GLN A 1 78  ? 20.687  10.886  3.348   1.00 63.90 ? 271 GLN A CG  1 
ATOM   614  C  CD  . GLN A 1 78  ? 21.405  10.150  2.239   1.00 63.25 ? 271 GLN A CD  1 
ATOM   615  O  OE1 . GLN A 1 78  ? 21.070  10.295  1.063   1.00 62.08 ? 271 GLN A OE1 1 
ATOM   616  N  NE2 . GLN A 1 78  ? 22.396  9.348   2.609   1.00 63.75 ? 271 GLN A NE2 1 
ATOM   617  N  N   . ILE A 1 79  ? 16.390  11.632  2.762   1.00 64.24 ? 272 ILE A N   1 
ATOM   618  C  CA  . ILE A 1 79  ? 14.962  11.573  2.475   1.00 60.84 ? 272 ILE A CA  1 
ATOM   619  C  C   . ILE A 1 79  ? 14.656  10.253  1.786   1.00 58.34 ? 272 ILE A C   1 
ATOM   620  O  O   . ILE A 1 79  ? 15.141  9.994   0.678   1.00 58.15 ? 272 ILE A O   1 
ATOM   621  C  CB  . ILE A 1 79  ? 14.516  12.760  1.609   1.00 61.18 ? 272 ILE A CB  1 
ATOM   622  C  CG1 . ILE A 1 79  ? 14.613  14.057  2.410   1.00 62.28 ? 272 ILE A CG1 1 
ATOM   623  C  CG2 . ILE A 1 79  ? 13.111  12.533  1.074   1.00 61.39 ? 272 ILE A CG2 1 
ATOM   624  C  CD1 . ILE A 1 79  ? 13.913  13.993  3.748   1.00 63.41 ? 272 ILE A CD1 1 
ATOM   625  N  N   . TYR A 1 80  ? 13.847  9.424   2.435   1.00 56.48 ? 273 TYR A N   1 
ATOM   626  C  CA  . TYR A 1 80  ? 13.366  8.179   1.856   1.00 55.10 ? 273 TYR A CA  1 
ATOM   627  C  C   . TYR A 1 80  ? 11.870  8.283   1.601   1.00 54.82 ? 273 TYR A C   1 
ATOM   628  O  O   . TYR A 1 80  ? 11.119  8.773   2.449   1.00 55.05 ? 273 TYR A O   1 
ATOM   629  C  CB  . TYR A 1 80  ? 13.644  6.992   2.780   1.00 55.55 ? 273 TYR A CB  1 
ATOM   630  C  CG  . TYR A 1 80  ? 15.101  6.796   3.131   1.00 55.85 ? 273 TYR A CG  1 
ATOM   631  C  CD1 . TYR A 1 80  ? 15.686  7.496   4.179   1.00 55.85 ? 273 TYR A CD1 1 
ATOM   632  C  CD2 . TYR A 1 80  ? 15.891  5.899   2.422   1.00 55.25 ? 273 TYR A CD2 1 
ATOM   633  C  CE1 . TYR A 1 80  ? 17.014  7.314   4.503   1.00 55.66 ? 273 TYR A CE1 1 
ATOM   634  C  CE2 . TYR A 1 80  ? 17.218  5.710   2.741   1.00 55.10 ? 273 TYR A CE2 1 
ATOM   635  C  CZ  . TYR A 1 80  ? 17.773  6.419   3.781   1.00 54.81 ? 273 TYR A CZ  1 
ATOM   636  O  OH  . TYR A 1 80  ? 19.094  6.232   4.100   1.00 54.93 ? 273 TYR A OH  1 
ATOM   637  N  N   . ARG A 1 81  ? 11.438  7.826   0.431   1.00 55.17 ? 274 ARG A N   1 
ATOM   638  C  CA  . ARG A 1 81  ? 10.021  7.696   0.122   1.00 53.96 ? 274 ARG A CA  1 
ATOM   639  C  C   . ARG A 1 81  ? 9.646   6.222   0.151   1.00 50.66 ? 274 ARG A C   1 
ATOM   640  O  O   . ARG A 1 81  ? 10.216  5.416   -0.590  1.00 50.51 ? 274 ARG A O   1 
ATOM   641  C  CB  . ARG A 1 81  ? 9.680   8.312   -1.234  1.00 56.89 ? 274 ARG A CB  1 
ATOM   642  C  CG  . ARG A 1 81  ? 8.226   8.100   -1.630  1.00 61.20 ? 274 ARG A CG  1 
ATOM   643  C  CD  . ARG A 1 81  ? 7.740   9.200   -2.549  1.00 65.51 ? 274 ARG A CD  1 
ATOM   644  N  NE  . ARG A 1 81  ? 8.689   9.446   -3.626  1.00 70.06 ? 274 ARG A NE  1 
ATOM   645  C  CZ  . ARG A 1 81  ? 8.753   8.719   -4.734  1.00 72.93 ? 274 ARG A CZ  1 
ATOM   646  N  NH1 . ARG A 1 81  ? 7.921   7.701   -4.903  1.00 72.78 ? 274 ARG A NH1 1 
ATOM   647  N  NH2 . ARG A 1 81  ? 9.651   9.005   -5.670  1.00 73.71 ? 274 ARG A NH2 1 
ATOM   648  N  N   . VAL A 1 82  ? 8.699   5.876   1.011   1.00 49.75 ? 275 VAL A N   1 
ATOM   649  C  CA  . VAL A 1 82  ? 8.179   4.520   1.132   1.00 49.26 ? 275 VAL A CA  1 
ATOM   650  C  C   . VAL A 1 82  ? 6.870   4.436   0.365   1.00 46.31 ? 275 VAL A C   1 
ATOM   651  O  O   . VAL A 1 82  ? 6.031   5.340   0.454   1.00 45.19 ? 275 VAL A O   1 
ATOM   652  C  CB  . VAL A 1 82  ? 7.979   4.141   2.612   1.00 51.72 ? 275 VAL A CB  1 
ATOM   653  C  CG1 . VAL A 1 82  ? 7.414   2.731   2.736   1.00 52.48 ? 275 VAL A CG1 1 
ATOM   654  C  CG2 . VAL A 1 82  ? 9.290   4.274   3.372   1.00 51.67 ? 275 VAL A CG2 1 
ATOM   655  N  N   . THR A 1 83  ? 6.693   3.362   -0.399  1.00 46.11 ? 276 THR A N   1 
ATOM   656  C  CA  . THR A 1 83  ? 5.456   3.134   -1.137  1.00 46.73 ? 276 THR A CA  1 
ATOM   657  C  C   . THR A 1 83  ? 4.811   1.841   -0.659  1.00 45.05 ? 276 THR A C   1 
ATOM   658  O  O   . THR A 1 83  ? 5.489   0.820   -0.515  1.00 44.63 ? 276 THR A O   1 
ATOM   659  C  CB  . THR A 1 83  ? 5.699   3.079   -2.650  1.00 47.52 ? 276 THR A CB  1 
ATOM   660  O  OG1 . THR A 1 83  ? 6.191   4.349   -3.102  1.00 48.87 ? 276 THR A OG1 1 
ATOM   661  C  CG2 . THR A 1 83  ? 4.408   2.759   -3.394  1.00 45.83 ? 276 THR A CG2 1 
ATOM   662  N  N   . TRP A 1 84  ? 3.506   1.895   -0.402  1.00 45.15 ? 277 TRP A N   1 
ATOM   663  C  CA  . TRP A 1 84  ? 2.703   0.722   -0.078  1.00 43.20 ? 277 TRP A CA  1 
ATOM   664  C  C   . TRP A 1 84  ? 1.732   0.462   -1.221  1.00 41.60 ? 277 TRP A C   1 
ATOM   665  O  O   . TRP A 1 84  ? 0.994   1.367   -1.625  1.00 40.62 ? 277 TRP A O   1 
ATOM   666  C  CB  . TRP A 1 84  ? 1.928   0.922   1.221   1.00 43.52 ? 277 TRP A CB  1 
ATOM   667  C  CG  . TRP A 1 84  ? 2.771   0.933   2.442   1.00 43.43 ? 277 TRP A CG  1 
ATOM   668  C  CD1 . TRP A 1 84  ? 4.101   0.650   2.526   1.00 44.28 ? 277 TRP A CD1 1 
ATOM   669  C  CD2 . TRP A 1 84  ? 2.340   1.243   3.770   1.00 43.99 ? 277 TRP A CD2 1 
ATOM   670  N  NE1 . TRP A 1 84  ? 4.528   0.763   3.826   1.00 44.94 ? 277 TRP A NE1 1 
ATOM   671  C  CE2 . TRP A 1 84  ? 3.464   1.128   4.611   1.00 45.41 ? 277 TRP A CE2 1 
ATOM   672  C  CE3 . TRP A 1 84  ? 1.111   1.605   4.330   1.00 43.90 ? 277 TRP A CE3 1 
ATOM   673  C  CZ2 . TRP A 1 84  ? 3.396   1.361   5.983   1.00 46.36 ? 277 TRP A CZ2 1 
ATOM   674  C  CZ3 . TRP A 1 84  ? 1.045   1.838   5.691   1.00 44.28 ? 277 TRP A CZ3 1 
ATOM   675  C  CH2 . TRP A 1 84  ? 2.179   1.715   6.504   1.00 46.26 ? 277 TRP A CH2 1 
ATOM   676  N  N   . PHE A 1 85  ? 1.745   -0.763  -1.744  1.00 40.21 ? 278 PHE A N   1 
ATOM   677  C  CA  . PHE A 1 85  ? 0.711   -1.258  -2.652  1.00 39.80 ? 278 PHE A CA  1 
ATOM   678  C  C   . PHE A 1 85  ? -0.093  -2.267  -1.844  1.00 40.38 ? 278 PHE A C   1 
ATOM   679  O  O   . PHE A 1 85  ? 0.381   -3.378  -1.585  1.00 40.72 ? 278 PHE A O   1 
ATOM   680  C  CB  . PHE A 1 85  ? 1.306   -1.894  -3.906  1.00 39.33 ? 278 PHE A CB  1 
ATOM   681  C  CG  . PHE A 1 85  ? 2.082   -0.937  -4.774  1.00 40.89 ? 278 PHE A CG  1 
ATOM   682  C  CD1 . PHE A 1 85  ? 1.429   -0.090  -5.654  1.00 41.12 ? 278 PHE A CD1 1 
ATOM   683  C  CD2 . PHE A 1 85  ? 3.470   -0.904  -4.727  1.00 41.79 ? 278 PHE A CD2 1 
ATOM   684  C  CE1 . PHE A 1 85  ? 2.143   0.783   -6.459  1.00 41.55 ? 278 PHE A CE1 1 
ATOM   685  C  CE2 . PHE A 1 85  ? 4.188   -0.034  -5.532  1.00 41.45 ? 278 PHE A CE2 1 
ATOM   686  C  CZ  . PHE A 1 85  ? 3.524   0.809   -6.396  1.00 40.83 ? 278 PHE A CZ  1 
ATOM   687  N  N   . ILE A 1 86  ? -1.301  -1.881  -1.435  1.00 39.69 ? 279 ILE A N   1 
ATOM   688  C  CA  . ILE A 1 86  ? -2.061  -2.641  -0.450  1.00 40.88 ? 279 ILE A CA  1 
ATOM   689  C  C   . ILE A 1 86  ? -3.397  -3.074  -1.048  1.00 42.84 ? 279 ILE A C   1 
ATOM   690  O  O   . ILE A 1 86  ? -4.057  -2.309  -1.763  1.00 42.72 ? 279 ILE A O   1 
ATOM   691  C  CB  . ILE A 1 86  ? -2.239  -1.831  0.854   1.00 41.90 ? 279 ILE A CB  1 
ATOM   692  C  CG1 . ILE A 1 86  ? -2.830  -2.706  1.961   1.00 43.89 ? 279 ILE A CG1 1 
ATOM   693  C  CG2 . ILE A 1 86  ? -3.061  -0.565  0.624   1.00 41.25 ? 279 ILE A CG2 1 
ATOM   694  C  CD1 . ILE A 1 86  ? -2.625  -2.134  3.355   1.00 45.60 ? 279 ILE A CD1 1 
ATOM   695  N  N   . SER A 1 87  ? -3.786  -4.315  -0.752  1.00 43.66 ? 280 SER A N   1 
ATOM   696  C  CA  . SER A 1 87  ? -4.942  -4.963  -1.361  1.00 43.15 ? 280 SER A CA  1 
ATOM   697  C  C   . SER A 1 87  ? -6.244  -4.704  -0.614  1.00 46.73 ? 280 SER A C   1 
ATOM   698  O  O   . SER A 1 87  ? -7.297  -5.174  -1.054  1.00 46.96 ? 280 SER A O   1 
ATOM   699  C  CB  . SER A 1 87  ? -4.704  -6.474  -1.459  1.00 40.91 ? 280 SER A CB  1 
ATOM   700  O  OG  . SER A 1 87  ? -4.584  -7.057  -0.173  1.00 40.38 ? 280 SER A OG  1 
ATOM   701  N  N   . TRP A 1 88  ? -6.204  -3.977  0.498   1.00 50.08 ? 281 TRP A N   1 
ATOM   702  C  CA  . TRP A 1 88  ? -7.400  -3.639  1.256   1.00 52.01 ? 281 TRP A CA  1 
ATOM   703  C  C   . TRP A 1 88  ? -7.381  -2.147  1.567   1.00 53.59 ? 281 TRP A C   1 
ATOM   704  O  O   . TRP A 1 88  ? -6.417  -1.442  1.259   1.00 55.97 ? 281 TRP A O   1 
ATOM   705  C  CB  . TRP A 1 88  ? -7.495  -4.468  2.543   1.00 52.05 ? 281 TRP A CB  1 
ATOM   706  C  CG  . TRP A 1 88  ? -8.886  -4.579  3.072   1.00 53.04 ? 281 TRP A CG  1 
ATOM   707  C  CD1 . TRP A 1 88  ? -9.341  -4.148  4.284   1.00 54.01 ? 281 TRP A CD1 1 
ATOM   708  C  CD2 . TRP A 1 88  ? -10.014 -5.151  2.397   1.00 53.41 ? 281 TRP A CD2 1 
ATOM   709  N  NE1 . TRP A 1 88  ? -10.683 -4.424  4.410   1.00 54.53 ? 281 TRP A NE1 1 
ATOM   710  C  CE2 . TRP A 1 88  ? -11.120 -5.039  3.265   1.00 55.18 ? 281 TRP A CE2 1 
ATOM   711  C  CE3 . TRP A 1 88  ? -10.197 -5.748  1.146   1.00 52.03 ? 281 TRP A CE3 1 
ATOM   712  C  CZ2 . TRP A 1 88  ? -12.391 -5.504  2.919   1.00 54.87 ? 281 TRP A CZ2 1 
ATOM   713  C  CZ3 . TRP A 1 88  ? -11.453 -6.209  0.805   1.00 52.63 ? 281 TRP A CZ3 1 
ATOM   714  C  CH2 . TRP A 1 88  ? -12.535 -6.084  1.689   1.00 54.05 ? 281 TRP A CH2 1 
ATOM   715  N  N   . SER A 1 89  ? -8.462  -1.664  2.172   1.00 51.92 ? 282 SER A N   1 
ATOM   716  C  CA  . SER A 1 89  ? -8.507  -0.277  2.613   1.00 48.32 ? 282 SER A CA  1 
ATOM   717  C  C   . SER A 1 89  ? -7.359  -0.020  3.585   1.00 45.93 ? 282 SER A C   1 
ATOM   718  O  O   . SER A 1 89  ? -7.145  -0.822  4.504   1.00 48.22 ? 282 SER A O   1 
ATOM   719  C  CB  . SER A 1 89  ? -9.851  0.035   3.278   1.00 45.53 ? 282 SER A CB  1 
ATOM   720  O  OG  . SER A 1 89  ? -10.087 1.433   3.338   1.00 42.86 ? 282 SER A OG  1 
ATOM   721  N  N   . PRO A 1 90  ? -6.593  1.054   3.409   1.00 43.16 ? 283 PRO A N   1 
ATOM   722  C  CA  . PRO A 1 90  ? -5.457  1.303   4.307   1.00 42.04 ? 283 PRO A CA  1 
ATOM   723  C  C   . PRO A 1 90  ? -5.921  1.502   5.743   1.00 43.46 ? 283 PRO A C   1 
ATOM   724  O  O   . PRO A 1 90  ? -6.880  2.230   6.008   1.00 43.43 ? 283 PRO A O   1 
ATOM   725  C  CB  . PRO A 1 90  ? -4.822  2.576   3.734   1.00 41.55 ? 283 PRO A CB  1 
ATOM   726  C  CG  . PRO A 1 90  ? -5.321  2.666   2.326   1.00 41.31 ? 283 PRO A CG  1 
ATOM   727  C  CD  . PRO A 1 90  ? -6.690  2.063   2.342   1.00 41.84 ? 283 PRO A CD  1 
ATOM   728  N  N   . CYS A 1 91  ? -5.235  0.826   6.667   1.00 46.29 ? 284 CYS A N   1 
ATOM   729  C  CA  . CYS A 1 91  ? -5.459  0.985   8.107   1.00 50.11 ? 284 CYS A CA  1 
ATOM   730  C  C   . CYS A 1 91  ? -6.875  0.581   8.511   1.00 52.06 ? 284 CYS A C   1 
ATOM   731  O  O   . CYS A 1 91  ? -7.513  1.221   9.348   1.00 51.59 ? 284 CYS A O   1 
ATOM   732  C  CB  . CYS A 1 91  ? -5.137  2.409   8.560   1.00 52.99 ? 284 CYS A CB  1 
ATOM   733  S  SG  . CYS A 1 91  ? -3.406  2.587   9.037   1.00 56.06 ? 284 CYS A SG  1 
ATOM   734  N  N   . PHE A 1 92  ? -7.354  -0.518  7.925   1.00 54.68 ? 285 PHE A N   1 
ATOM   735  C  CA  . PHE A 1 92  ? -8.680  -1.038  8.225   1.00 56.00 ? 285 PHE A CA  1 
ATOM   736  C  C   . PHE A 1 92  ? -8.802  -1.553  9.656   1.00 57.97 ? 285 PHE A C   1 
ATOM   737  O  O   . PHE A 1 92  ? -9.914  -1.588  10.192  1.00 57.08 ? 285 PHE A O   1 
ATOM   738  C  CB  . PHE A 1 92  ? -9.019  -2.150  7.232   1.00 55.08 ? 285 PHE A CB  1 
ATOM   739  C  CG  . PHE A 1 92  ? -10.404 -2.691  7.380   1.00 54.39 ? 285 PHE A CG  1 
ATOM   740  C  CD1 . PHE A 1 92  ? -11.492 -1.974  6.918   1.00 55.01 ? 285 PHE A CD1 1 
ATOM   741  C  CD2 . PHE A 1 92  ? -10.619 -3.923  7.975   1.00 54.54 ? 285 PHE A CD2 1 
ATOM   742  C  CE1 . PHE A 1 92  ? -12.776 -2.471  7.050   1.00 55.79 ? 285 PHE A CE1 1 
ATOM   743  C  CE2 . PHE A 1 92  ? -11.897 -4.428  8.111   1.00 54.68 ? 285 PHE A CE2 1 
ATOM   744  C  CZ  . PHE A 1 92  ? -12.979 -3.701  7.648   1.00 55.29 ? 285 PHE A CZ  1 
ATOM   745  N  N   . SER A 1 93  ? -7.699  -1.948  10.285  1.00 62.02 ? 286 SER A N   1 
ATOM   746  C  CA  . SER A 1 93  ? -7.758  -2.485  11.638  1.00 65.12 ? 286 SER A CA  1 
ATOM   747  C  C   . SER A 1 93  ? -7.760  -1.364  12.672  1.00 65.79 ? 286 SER A C   1 
ATOM   748  O  O   . SER A 1 93  ? -7.264  -0.260  12.431  1.00 63.93 ? 286 SER A O   1 
ATOM   749  C  CB  . SER A 1 93  ? -6.589  -3.440  11.899  1.00 67.74 ? 286 SER A CB  1 
ATOM   750  O  OG  . SER A 1 93  ? -5.356  -2.908  11.439  1.00 69.03 ? 286 SER A OG  1 
ATOM   751  N  N   . TRP A 1 94  ? -8.329  -1.667  13.838  1.00 69.34 ? 287 TRP A N   1 
ATOM   752  C  CA  . TRP A 1 94  ? -8.492  -0.673  14.890  1.00 72.68 ? 287 TRP A CA  1 
ATOM   753  C  C   . TRP A 1 94  ? -7.135  -0.233  15.427  1.00 69.78 ? 287 TRP A C   1 
ATOM   754  O  O   . TRP A 1 94  ? -6.236  -1.053  15.636  1.00 69.16 ? 287 TRP A O   1 
ATOM   755  C  CB  . TRP A 1 94  ? -9.351  -1.241  16.024  1.00 78.30 ? 287 TRP A CB  1 
ATOM   756  C  CG  . TRP A 1 94  ? -10.004 -0.201  16.906  1.00 84.01 ? 287 TRP A CG  1 
ATOM   757  C  CD1 . TRP A 1 94  ? -9.378  0.650   17.775  1.00 86.24 ? 287 TRP A CD1 1 
ATOM   758  C  CD2 . TRP A 1 94  ? -11.410 0.077   17.017  1.00 85.84 ? 287 TRP A CD2 1 
ATOM   759  N  NE1 . TRP A 1 94  ? -10.305 1.445   18.409  1.00 87.23 ? 287 TRP A NE1 1 
ATOM   760  C  CE2 . TRP A 1 94  ? -11.558 1.114   17.964  1.00 86.94 ? 287 TRP A CE2 1 
ATOM   761  C  CE3 . TRP A 1 94  ? -12.556 -0.446  16.405  1.00 85.77 ? 287 TRP A CE3 1 
ATOM   762  C  CZ2 . TRP A 1 94  ? -12.808 1.638   18.313  1.00 86.61 ? 287 TRP A CZ2 1 
ATOM   763  C  CZ3 . TRP A 1 94  ? -13.797 0.076   16.755  1.00 86.17 ? 287 TRP A CZ3 1 
ATOM   764  C  CH2 . TRP A 1 94  ? -13.912 1.106   17.699  1.00 86.18 ? 287 TRP A CH2 1 
ATOM   765  N  N   . GLY A 1 95  ? -6.991  1.074   15.643  1.00 67.78 ? 288 GLY A N   1 
ATOM   766  C  CA  . GLY A 1 95  ? -5.759  1.642   16.155  1.00 65.37 ? 288 GLY A CA  1 
ATOM   767  C  C   . GLY A 1 95  ? -4.603  1.678   15.179  1.00 62.19 ? 288 GLY A C   1 
ATOM   768  O  O   . GLY A 1 95  ? -3.514  2.130   15.553  1.00 62.01 ? 288 GLY A O   1 
ATOM   769  N  N   . CYS A 1 96  ? -4.803  1.227   13.943  1.00 59.46 ? 289 CYS A N   1 
ATOM   770  C  CA  . CYS A 1 96  ? -3.708  1.182   12.982  1.00 57.91 ? 289 CYS A CA  1 
ATOM   771  C  C   . CYS A 1 96  ? -3.292  2.584   12.544  1.00 56.82 ? 289 CYS A C   1 
ATOM   772  O  O   . CYS A 1 96  ? -2.095  2.881   12.454  1.00 57.16 ? 289 CYS A O   1 
ATOM   773  C  CB  . CYS A 1 96  ? -4.124  0.323   11.788  1.00 57.35 ? 289 CYS A CB  1 
ATOM   774  S  SG  . CYS A 1 96  ? -2.963  0.222   10.415  1.00 58.11 ? 289 CYS A SG  1 
ATOM   775  N  N   . ALA A 1 97  ? -4.265  3.464   12.288  1.00 55.01 ? 290 ALA A N   1 
ATOM   776  C  CA  . ALA A 1 97  ? -3.947  4.816   11.834  1.00 53.59 ? 290 ALA A CA  1 
ATOM   777  C  C   . ALA A 1 97  ? -3.229  5.628   12.907  1.00 53.46 ? 290 ALA A C   1 
ATOM   778  O  O   . ALA A 1 97  ? -2.429  6.510   12.578  1.00 52.26 ? 290 ALA A O   1 
ATOM   779  C  CB  . ALA A 1 97  ? -5.222  5.535   11.393  1.00 53.31 ? 290 ALA A CB  1 
ATOM   780  N  N   . GLY A 1 98  ? -3.493  5.350   14.184  1.00 53.53 ? 291 GLY A N   1 
ATOM   781  C  CA  . GLY A 1 98  ? -2.811  6.078   15.242  1.00 53.27 ? 291 GLY A CA  1 
ATOM   782  C  C   . GLY A 1 98  ? -1.334  5.740   15.334  1.00 54.38 ? 291 GLY A C   1 
ATOM   783  O  O   . GLY A 1 98  ? -0.505  6.610   15.617  1.00 53.81 ? 291 GLY A O   1 
ATOM   784  N  N   . GLU A 1 99  ? -0.982  4.473   15.104  1.00 54.72 ? 292 GLU A N   1 
ATOM   785  C  CA  . GLU A 1 99  ? 0.424   4.089   15.150  1.00 56.19 ? 292 GLU A CA  1 
ATOM   786  C  C   . GLU A 1 99  ? 1.184   4.626   13.942  1.00 53.79 ? 292 GLU A C   1 
ATOM   787  O  O   . GLU A 1 99  ? 2.312   5.115   14.078  1.00 53.91 ? 292 GLU A O   1 
ATOM   788  C  CB  . GLU A 1 99  ? 0.549   2.571   15.241  1.00 60.03 ? 292 GLU A CB  1 
ATOM   789  C  CG  . GLU A 1 99  ? -0.187  1.987   16.428  1.00 66.70 ? 292 GLU A CG  1 
ATOM   790  C  CD  . GLU A 1 99  ? 0.075   0.507   16.608  1.00 73.56 ? 292 GLU A CD  1 
ATOM   791  O  OE1 . GLU A 1 99  ? 1.129   0.027   16.138  1.00 76.21 ? 292 GLU A OE1 1 
ATOM   792  O  OE2 . GLU A 1 99  ? -0.776  -0.174  17.221  1.00 75.91 ? 292 GLU A OE2 1 
ATOM   793  N  N   . VAL A 1 100 ? 0.583   4.548   12.754  1.00 51.73 ? 293 VAL A N   1 
ATOM   794  C  CA  . VAL A 1 100 ? 1.219   5.102   11.562  1.00 50.39 ? 293 VAL A CA  1 
ATOM   795  C  C   . VAL A 1 100 ? 1.356   6.615   11.686  1.00 50.49 ? 293 VAL A C   1 
ATOM   796  O  O   . VAL A 1 100 ? 2.336   7.204   11.218  1.00 49.80 ? 293 VAL A O   1 
ATOM   797  C  CB  . VAL A 1 100 ? 0.428   4.703   10.304  1.00 50.01 ? 293 VAL A CB  1 
ATOM   798  C  CG1 . VAL A 1 100 ? 1.014   5.359   9.070   1.00 48.76 ? 293 VAL A CG1 1 
ATOM   799  C  CG2 . VAL A 1 100 ? 0.414   3.194   10.152  1.00 51.08 ? 293 VAL A CG2 1 
ATOM   800  N  N   . ARG A 1 101 ? 0.381   7.265   12.326  1.00 51.76 ? 294 ARG A N   1 
ATOM   801  C  CA  . ARG A 1 101 ? 0.468   8.707   12.543  1.00 53.05 ? 294 ARG A CA  1 
ATOM   802  C  C   . ARG A 1 101 ? 1.622   9.047   13.476  1.00 53.06 ? 294 ARG A C   1 
ATOM   803  O  O   . ARG A 1 101 ? 2.409   9.960   13.200  1.00 52.09 ? 294 ARG A O   1 
ATOM   804  C  CB  . ARG A 1 101 ? -0.850  9.242   13.102  1.00 54.57 ? 294 ARG A CB  1 
ATOM   805  C  CG  . ARG A 1 101 ? -0.820  10.728  13.417  1.00 58.23 ? 294 ARG A CG  1 
ATOM   806  C  CD  . ARG A 1 101 ? -2.216  11.293  13.651  1.00 61.94 ? 294 ARG A CD  1 
ATOM   807  N  NE  . ARG A 1 101 ? -2.837  10.788  14.874  1.00 64.83 ? 294 ARG A NE  1 
ATOM   808  C  CZ  . ARG A 1 101 ? -3.986  11.245  15.367  1.00 67.36 ? 294 ARG A CZ  1 
ATOM   809  N  NH1 . ARG A 1 101 ? -4.489  10.736  16.484  1.00 67.61 ? 294 ARG A NH1 1 
ATOM   810  N  NH2 . ARG A 1 101 ? -4.636  12.216  14.740  1.00 68.44 ? 294 ARG A NH2 1 
ATOM   811  N  N   . ALA A 1 102 ? 1.736   8.319   14.589  1.00 53.47 ? 295 ALA A N   1 
ATOM   812  C  CA  . ALA A 1 102 ? 2.845   8.545   15.507  1.00 54.60 ? 295 ALA A CA  1 
ATOM   813  C  C   . ALA A 1 102 ? 4.179   8.244   14.840  1.00 55.08 ? 295 ALA A C   1 
ATOM   814  O  O   . ALA A 1 102 ? 5.167   8.955   15.058  1.00 55.86 ? 295 ALA A O   1 
ATOM   815  C  CB  . ALA A 1 102 ? 2.673   7.690   16.763  1.00 55.26 ? 295 ALA A CB  1 
ATOM   816  N  N   . PHE A 1 103 ? 4.224   7.197   14.014  1.00 54.77 ? 296 PHE A N   1 
ATOM   817  C  CA  . PHE A 1 103 ? 5.469   6.835   13.347  1.00 53.58 ? 296 PHE A CA  1 
ATOM   818  C  C   . PHE A 1 103 ? 5.948   7.946   12.421  1.00 54.60 ? 296 PHE A C   1 
ATOM   819  O  O   . PHE A 1 103 ? 7.148   8.238   12.360  1.00 56.00 ? 296 PHE A O   1 
ATOM   820  C  CB  . PHE A 1 103 ? 5.287   5.535   12.569  1.00 52.74 ? 296 PHE A CB  1 
ATOM   821  C  CG  . PHE A 1 103 ? 6.546   5.045   11.928  1.00 52.41 ? 296 PHE A CG  1 
ATOM   822  C  CD1 . PHE A 1 103 ? 7.406   4.211   12.620  1.00 52.89 ? 296 PHE A CD1 1 
ATOM   823  C  CD2 . PHE A 1 103 ? 6.883   5.431   10.643  1.00 52.24 ? 296 PHE A CD2 1 
ATOM   824  C  CE1 . PHE A 1 103 ? 8.572   3.762   12.040  1.00 52.79 ? 296 PHE A CE1 1 
ATOM   825  C  CE2 . PHE A 1 103 ? 8.050   4.988   10.055  1.00 52.85 ? 296 PHE A CE2 1 
ATOM   826  C  CZ  . PHE A 1 103 ? 8.896   4.152   10.753  1.00 52.88 ? 296 PHE A CZ  1 
ATOM   827  N  N   . LEU A 1 104 ? 5.030   8.565   11.676  1.00 54.07 ? 297 LEU A N   1 
ATOM   828  C  CA  . LEU A 1 104 ? 5.427   9.650   10.785  1.00 54.02 ? 297 LEU A CA  1 
ATOM   829  C  C   . LEU A 1 104 ? 5.937   10.856  11.562  1.00 56.57 ? 297 LEU A C   1 
ATOM   830  O  O   . LEU A 1 104 ? 6.850   11.547  11.102  1.00 56.39 ? 297 LEU A O   1 
ATOM   831  C  CB  . LEU A 1 104 ? 4.256   10.048  9.888   1.00 51.34 ? 297 LEU A CB  1 
ATOM   832  C  CG  . LEU A 1 104 ? 3.852   9.021   8.825   1.00 49.08 ? 297 LEU A CG  1 
ATOM   833  C  CD1 . LEU A 1 104 ? 2.699   9.537   7.977   1.00 48.20 ? 297 LEU A CD1 1 
ATOM   834  C  CD2 . LEU A 1 104 ? 5.048   8.662   7.957   1.00 48.61 ? 297 LEU A CD2 1 
ATOM   835  N  N   . GLN A 1 105 ? 5.366   11.114  12.741  1.00 60.07 ? 298 GLN A N   1 
ATOM   836  C  CA  . GLN A 1 105 ? 5.808   12.243  13.549  1.00 62.58 ? 298 GLN A CA  1 
ATOM   837  C  C   . GLN A 1 105 ? 7.217   12.037  14.084  1.00 66.18 ? 298 GLN A C   1 
ATOM   838  O  O   . GLN A 1 105 ? 7.968   13.008  14.227  1.00 66.94 ? 298 GLN A O   1 
ATOM   839  C  CB  . GLN A 1 105 ? 4.831   12.473  14.699  1.00 62.13 ? 298 GLN A CB  1 
ATOM   840  C  CG  . GLN A 1 105 ? 3.432   12.841  14.245  1.00 61.80 ? 298 GLN A CG  1 
ATOM   841  C  CD  . GLN A 1 105 ? 2.461   12.947  15.397  1.00 63.06 ? 298 GLN A CD  1 
ATOM   842  O  OE1 . GLN A 1 105 ? 2.815   12.686  16.546  1.00 63.42 ? 298 GLN A OE1 1 
ATOM   843  N  NE2 . GLN A 1 105 ? 1.224   13.334  15.098  1.00 63.49 ? 298 GLN A NE2 1 
ATOM   844  N  N   . GLU A 1 106 ? 7.594   10.789  14.378  1.00 69.01 ? 299 GLU A N   1 
ATOM   845  C  CA  . GLU A 1 106 ? 8.939   10.498  14.870  1.00 71.27 ? 299 GLU A CA  1 
ATOM   846  C  C   . GLU A 1 106 ? 9.960   10.479  13.739  1.00 70.07 ? 299 GLU A C   1 
ATOM   847  O  O   . GLU A 1 106 ? 11.059  11.026  13.882  1.00 70.44 ? 299 GLU A O   1 
ATOM   848  C  CB  . GLU A 1 106 ? 8.959   9.155   15.602  1.00 74.50 ? 299 GLU A CB  1 
ATOM   849  C  CG  . GLU A 1 106 ? 7.929   9.006   16.710  1.00 77.86 ? 299 GLU A CG  1 
ATOM   850  C  CD  . GLU A 1 106 ? 7.817   7.572   17.201  1.00 80.64 ? 299 GLU A CD  1 
ATOM   851  O  OE1 . GLU A 1 106 ? 8.723   6.766   16.896  1.00 81.86 ? 299 GLU A OE1 1 
ATOM   852  O  OE2 . GLU A 1 106 ? 6.821   7.249   17.884  1.00 81.24 ? 299 GLU A OE2 1 
ATOM   853  N  N   . ASN A 1 107 ? 9.619   9.844   12.619  1.00 67.75 ? 300 ASN A N   1 
ATOM   854  C  CA  . ASN A 1 107 ? 10.546  9.671   11.503  1.00 64.48 ? 300 ASN A CA  1 
ATOM   855  C  C   . ASN A 1 107 ? 10.184  10.645  10.386  1.00 63.95 ? 300 ASN A C   1 
ATOM   856  O  O   . ASN A 1 107 ? 9.643   10.282  9.341   1.00 65.44 ? 300 ASN A O   1 
ATOM   857  C  CB  . ASN A 1 107 ? 10.520  8.227   11.017  1.00 63.44 ? 300 ASN A CB  1 
ATOM   858  C  CG  . ASN A 1 107 ? 10.625  7.236   12.148  1.00 64.56 ? 300 ASN A CG  1 
ATOM   859  O  OD1 . ASN A 1 107 ? 11.719  6.820   12.521  1.00 66.30 ? 300 ASN A OD1 1 
ATOM   860  N  ND2 . ASN A 1 107 ? 9.483   6.853   12.707  1.00 64.01 ? 300 ASN A ND2 1 
ATOM   861  N  N   . THR A 1 108 ? 10.505  11.913  10.630  1.00 62.53 ? 301 THR A N   1 
ATOM   862  C  CA  . THR A 1 108 ? 10.189  12.957  9.669   1.00 62.58 ? 301 THR A CA  1 
ATOM   863  C  C   . THR A 1 108 ? 10.985  12.836  8.377   1.00 63.11 ? 301 THR A C   1 
ATOM   864  O  O   . THR A 1 108 ? 10.673  13.544  7.412   1.00 62.97 ? 301 THR A O   1 
ATOM   865  C  CB  . THR A 1 108 ? 10.428  14.323  10.303  1.00 63.20 ? 301 THR A CB  1 
ATOM   866  O  OG1 . THR A 1 108 ? 11.810  14.443  10.656  1.00 64.79 ? 301 THR A OG1 1 
ATOM   867  C  CG2 . THR A 1 108 ? 9.590   14.461  11.559  1.00 63.49 ? 301 THR A CG2 1 
ATOM   868  N  N   . HIS A 1 109 ? 11.991  11.963  8.329   1.00 62.98 ? 302 HIS A N   1 
ATOM   869  C  CA  . HIS A 1 109 ? 12.765  11.728  7.117   1.00 63.94 ? 302 HIS A CA  1 
ATOM   870  C  C   . HIS A 1 109 ? 12.100  10.731  6.176   1.00 64.18 ? 302 HIS A C   1 
ATOM   871  O  O   . HIS A 1 109 ? 12.715  10.336  5.178   1.00 64.05 ? 302 HIS A O   1 
ATOM   872  C  CB  . HIS A 1 109 ? 14.167  11.234  7.478   1.00 64.62 ? 302 HIS A CB  1 
ATOM   873  C  CG  . HIS A 1 109 ? 14.177  9.922   8.199   1.00 65.38 ? 302 HIS A CG  1 
ATOM   874  N  ND1 . HIS A 1 109 ? 13.756  9.787   9.505   1.00 65.57 ? 302 HIS A ND1 1 
ATOM   875  C  CD2 . HIS A 1 109 ? 14.565  8.687   7.799   1.00 65.60 ? 302 HIS A CD2 1 
ATOM   876  C  CE1 . HIS A 1 109 ? 13.882  8.525   9.877   1.00 65.46 ? 302 HIS A CE1 1 
ATOM   877  N  NE2 . HIS A 1 109 ? 14.371  7.838   8.861   1.00 65.42 ? 302 HIS A NE2 1 
ATOM   878  N  N   . VAL A 1 110 ? 10.864  10.332  6.467   1.00 63.22 ? 303 VAL A N   1 
ATOM   879  C  CA  . VAL A 1 110 ? 10.146  9.315   5.709   1.00 61.19 ? 303 VAL A CA  1 
ATOM   880  C  C   . VAL A 1 110 ? 8.895   9.940   5.106   1.00 59.70 ? 303 VAL A C   1 
ATOM   881  O  O   . VAL A 1 110 ? 8.137   10.626  5.801   1.00 60.41 ? 303 VAL A O   1 
ATOM   882  C  CB  . VAL A 1 110 ? 9.779   8.114   6.598   1.00 60.68 ? 303 VAL A CB  1 
ATOM   883  C  CG1 . VAL A 1 110 ? 9.025   7.066   5.799   1.00 58.72 ? 303 VAL A CG1 1 
ATOM   884  C  CG2 . VAL A 1 110 ? 11.034  7.524   7.230   1.00 61.54 ? 303 VAL A CG2 1 
ATOM   885  N  N   . ARG A 1 111 ? 8.683   9.702   3.816   1.00 58.61 ? 304 ARG A N   1 
ATOM   886  C  CA  . ARG A 1 111 ? 7.453   10.068  3.128   1.00 57.81 ? 304 ARG A CA  1 
ATOM   887  C  C   . ARG A 1 111 ? 6.717   8.787   2.763   1.00 56.51 ? 304 ARG A C   1 
ATOM   888  O  O   . ARG A 1 111 ? 7.273   7.927   2.073   1.00 58.74 ? 304 ARG A O   1 
ATOM   889  C  CB  . ARG A 1 111 ? 7.747   10.899  1.880   1.00 59.38 ? 304 ARG A CB  1 
ATOM   890  C  CG  . ARG A 1 111 ? 8.582   12.136  2.145   1.00 62.81 ? 304 ARG A CG  1 
ATOM   891  C  CD  . ARG A 1 111 ? 7.982   12.963  3.270   1.00 67.29 ? 304 ARG A CD  1 
ATOM   892  N  NE  . ARG A 1 111 ? 8.621   14.269  3.396   1.00 70.64 ? 304 ARG A NE  1 
ATOM   893  C  CZ  . ARG A 1 111 ? 9.710   14.501  4.121   1.00 73.50 ? 304 ARG A CZ  1 
ATOM   894  N  NH1 . ARG A 1 111 ? 10.291  13.514  4.787   1.00 74.53 ? 304 ARG A NH1 1 
ATOM   895  N  NH2 . ARG A 1 111 ? 10.220  15.725  4.179   1.00 74.86 ? 304 ARG A NH2 1 
ATOM   896  N  N   . LEU A 1 112 ? 5.476   8.658   3.227   1.00 53.78 ? 305 LEU A N   1 
ATOM   897  C  CA  . LEU A 1 112 ? 4.680   7.453   3.021   1.00 50.19 ? 305 LEU A CA  1 
ATOM   898  C  C   . LEU A 1 112 ? 3.673   7.693   1.904   1.00 48.62 ? 305 LEU A C   1 
ATOM   899  O  O   . LEU A 1 112 ? 2.851   8.612   1.990   1.00 48.60 ? 305 LEU A O   1 
ATOM   900  C  CB  . LEU A 1 112 ? 3.966   7.045   4.310   1.00 48.84 ? 305 LEU A CB  1 
ATOM   901  C  CG  . LEU A 1 112 ? 2.956   5.899   4.218   1.00 47.55 ? 305 LEU A CG  1 
ATOM   902  C  CD1 . LEU A 1 112 ? 3.613   4.624   3.716   1.00 47.37 ? 305 LEU A CD1 1 
ATOM   903  C  CD2 . LEU A 1 112 ? 2.305   5.672   5.570   1.00 47.34 ? 305 LEU A CD2 1 
ATOM   904  N  N   . ARG A 1 113 ? 3.741   6.867   0.862   1.00 48.43 ? 306 ARG A N   1 
ATOM   905  C  CA  . ARG A 1 113 ? 2.824   6.920   -0.271  1.00 50.36 ? 306 ARG A CA  1 
ATOM   906  C  C   . ARG A 1 113 ? 2.054   5.609   -0.323  1.00 48.72 ? 306 ARG A C   1 
ATOM   907  O  O   . ARG A 1 113 ? 2.657   4.536   -0.438  1.00 47.64 ? 306 ARG A O   1 
ATOM   908  C  CB  . ARG A 1 113 ? 3.579   7.158   -1.580  1.00 54.82 ? 306 ARG A CB  1 
ATOM   909  C  CG  . ARG A 1 113 ? 2.692   7.249   -2.809  1.00 58.80 ? 306 ARG A CG  1 
ATOM   910  C  CD  . ARG A 1 113 ? 3.522   7.470   -4.065  1.00 61.82 ? 306 ARG A CD  1 
ATOM   911  N  NE  . ARG A 1 113 ? 4.451   6.369   -4.305  1.00 64.40 ? 306 ARG A NE  1 
ATOM   912  C  CZ  . ARG A 1 113 ? 5.290   6.300   -5.336  1.00 64.85 ? 306 ARG A CZ  1 
ATOM   913  N  NH1 . ARG A 1 113 ? 6.097   5.255   -5.464  1.00 64.22 ? 306 ARG A NH1 1 
ATOM   914  N  NH2 . ARG A 1 113 ? 5.328   7.277   -6.234  1.00 64.37 ? 306 ARG A NH2 1 
ATOM   915  N  N   . ILE A 1 114 ? 0.728   5.693   -0.238  1.00 46.98 ? 307 ILE A N   1 
ATOM   916  C  CA  . ILE A 1 114 ? -0.128  4.517   -0.146  1.00 47.96 ? 307 ILE A CA  1 
ATOM   917  C  C   . ILE A 1 114 ? -0.979  4.429   -1.406  1.00 50.38 ? 307 ILE A C   1 
ATOM   918  O  O   . ILE A 1 114 ? -1.775  5.332   -1.694  1.00 53.21 ? 307 ILE A O   1 
ATOM   919  C  CB  . ILE A 1 114 ? -1.009  4.557   1.112   1.00 46.56 ? 307 ILE A CB  1 
ATOM   920  C  CG1 . ILE A 1 114 ? -0.141  4.712   2.362   1.00 45.42 ? 307 ILE A CG1 1 
ATOM   921  C  CG2 . ILE A 1 114 ? -1.854  3.296   1.206   1.00 44.95 ? 307 ILE A CG2 1 
ATOM   922  C  CD1 . ILE A 1 114 ? -0.931  4.790   3.651   1.00 44.28 ? 307 ILE A CD1 1 
ATOM   923  N  N   . LYS A 1 115 ? -0.814  3.336   -2.149  1.00 49.84 ? 308 LYS A N   1 
ATOM   924  C  CA  . LYS A 1 115 ? -1.625  3.016   -3.318  1.00 49.02 ? 308 LYS A CA  1 
ATOM   925  C  C   . LYS A 1 115 ? -2.481  1.801   -2.966  1.00 46.57 ? 308 LYS A C   1 
ATOM   926  O  O   . LYS A 1 115 ? -1.950  0.704   -2.752  1.00 45.30 ? 308 LYS A O   1 
ATOM   927  C  CB  . LYS A 1 115 ? -0.743  2.742   -4.535  1.00 51.69 ? 308 LYS A CB  1 
ATOM   928  C  CG  . LYS A 1 115 ? 0.099   3.925   -5.003  1.00 54.00 ? 308 LYS A CG  1 
ATOM   929  C  CD  . LYS A 1 115 ? -0.666  4.779   -5.997  1.00 57.68 ? 308 LYS A CD  1 
ATOM   930  C  CE  . LYS A 1 115 ? 0.218   5.852   -6.617  1.00 61.50 ? 308 LYS A CE  1 
ATOM   931  N  NZ  . LYS A 1 115 ? 0.663   6.864   -5.617  1.00 64.17 ? 308 LYS A NZ  1 
ATOM   932  N  N   . ALA A 1 116 ? -3.798  1.993   -2.915  1.00 44.65 ? 309 ALA A N   1 
ATOM   933  C  CA  . ALA A 1 116 ? -4.724  0.987   -2.410  1.00 43.74 ? 309 ALA A CA  1 
ATOM   934  C  C   . ALA A 1 116 ? -5.587  0.414   -3.527  1.00 42.60 ? 309 ALA A C   1 
ATOM   935  O  O   . ALA A 1 116 ? -6.130  1.154   -4.352  1.00 44.33 ? 309 ALA A O   1 
ATOM   936  C  CB  . ALA A 1 116 ? -5.626  1.576   -1.321  1.00 43.38 ? 309 ALA A CB  1 
ATOM   937  N  N   . ALA A 1 117 ? -5.733  -0.914  -3.528  1.00 39.73 ? 310 ALA A N   1 
ATOM   938  C  CA  . ALA A 1 117 ? -6.604  -1.560  -4.502  1.00 38.12 ? 310 ALA A CA  1 
ATOM   939  C  C   . ALA A 1 117 ? -8.063  -1.155  -4.319  1.00 38.78 ? 310 ALA A C   1 
ATOM   940  O  O   . ALA A 1 117 ? -8.822  -1.129  -5.295  1.00 37.26 ? 310 ALA A O   1 
ATOM   941  C  CB  . ALA A 1 117 ? -6.459  -3.077  -4.409  1.00 37.27 ? 310 ALA A CB  1 
ATOM   942  N  N   . ARG A 1 118 ? -8.474  -0.839  -3.092  1.00 40.67 ? 311 ARG A N   1 
ATOM   943  C  CA  . ARG A 1 118 ? -9.840  -0.398  -2.824  1.00 41.25 ? 311 ARG A CA  1 
ATOM   944  C  C   . ARG A 1 118 ? -9.875  0.292   -1.469  1.00 42.93 ? 311 ARG A C   1 
ATOM   945  O  O   . ARG A 1 118 ? -8.886  0.315   -0.733  1.00 43.82 ? 311 ARG A O   1 
ATOM   946  C  CB  . ARG A 1 118 ? -10.831 -1.568  -2.853  1.00 37.96 ? 311 ARG A CB  1 
ATOM   947  C  CG  . ARG A 1 118 ? -10.640 -2.562  -1.716  1.00 35.15 ? 311 ARG A CG  1 
ATOM   948  C  CD  . ARG A 1 118 ? -11.789 -3.545  -1.659  1.00 35.39 ? 311 ARG A CD  1 
ATOM   949  N  NE  . ARG A 1 118 ? -11.717 -4.549  -2.719  1.00 36.68 ? 311 ARG A NE  1 
ATOM   950  C  CZ  . ARG A 1 118 ? -12.778 -5.153  -3.245  1.00 36.17 ? 311 ARG A CZ  1 
ATOM   951  N  NH1 . ARG A 1 118 ? -12.625 -6.062  -4.201  1.00 32.45 ? 311 ARG A NH1 1 
ATOM   952  N  NH2 . ARG A 1 118 ? -14.001 -4.836  -2.822  1.00 37.01 ? 311 ARG A NH2 1 
ATOM   953  N  N   . ILE A 1 119 ? -11.039 0.862   -1.147  1.00 43.48 ? 312 ILE A N   1 
ATOM   954  C  CA  . ILE A 1 119 ? -11.290 1.441   0.166   1.00 43.78 ? 312 ILE A CA  1 
ATOM   955  C  C   . ILE A 1 119 ? -12.611 0.901   0.698   1.00 41.70 ? 312 ILE A C   1 
ATOM   956  O  O   . ILE A 1 119 ? -13.435 0.358   -0.040  1.00 41.64 ? 312 ILE A O   1 
ATOM   957  C  CB  . ILE A 1 119 ? -11.319 2.987   0.152   1.00 44.45 ? 312 ILE A CB  1 
ATOM   958  C  CG1 . ILE A 1 119 ? -12.519 3.496   -0.643  1.00 42.59 ? 312 ILE A CG1 1 
ATOM   959  C  CG2 . ILE A 1 119 ? -10.017 3.547   -0.407  1.00 44.39 ? 312 ILE A CG2 1 
ATOM   960  C  CD1 . ILE A 1 119 ? -12.591 4.997   -0.706  1.00 42.30 ? 312 ILE A CD1 1 
ATOM   961  N  N   . TYR A 1 120 ? -12.806 1.069   2.003   1.00 40.63 ? 313 TYR A N   1 
ATOM   962  C  CA  . TYR A 1 120 ? -13.987 0.581   2.712   1.00 39.86 ? 313 TYR A CA  1 
ATOM   963  C  C   . TYR A 1 120 ? -14.717 1.795   3.279   1.00 39.70 ? 313 TYR A C   1 
ATOM   964  O  O   . TYR A 1 120 ? -14.506 2.179   4.432   1.00 41.41 ? 313 TYR A O   1 
ATOM   965  C  CB  . TYR A 1 120 ? -13.589 -0.403  3.805   1.00 40.56 ? 313 TYR A CB  1 
ATOM   966  C  CG  . TYR A 1 120 ? -14.722 -1.263  4.305   1.00 43.58 ? 313 TYR A CG  1 
ATOM   967  C  CD1 . TYR A 1 120 ? -15.515 -0.853  5.368   1.00 45.11 ? 313 TYR A CD1 1 
ATOM   968  C  CD2 . TYR A 1 120 ? -15.003 -2.491  3.715   1.00 45.38 ? 313 TYR A CD2 1 
ATOM   969  C  CE1 . TYR A 1 120 ? -16.552 -1.640  5.829   1.00 46.00 ? 313 TYR A CE1 1 
ATOM   970  C  CE2 . TYR A 1 120 ? -16.040 -3.287  4.170   1.00 44.92 ? 313 TYR A CE2 1 
ATOM   971  C  CZ  . TYR A 1 120 ? -16.812 -2.855  5.226   1.00 46.43 ? 313 TYR A CZ  1 
ATOM   972  O  OH  . TYR A 1 120 ? -17.847 -3.639  5.689   1.00 49.11 ? 313 TYR A OH  1 
ATOM   973  N  N   . ASP A 1 121 ? -15.577 2.401   2.466   1.00 38.31 ? 314 ASP A N   1 
ATOM   974  C  CA  . ASP A 1 121 ? -16.283 3.617   2.864   1.00 39.34 ? 314 ASP A CA  1 
ATOM   975  C  C   . ASP A 1 121 ? -17.438 3.242   3.786   1.00 40.54 ? 314 ASP A C   1 
ATOM   976  O  O   . ASP A 1 121 ? -18.536 2.905   3.332   1.00 40.81 ? 314 ASP A O   1 
ATOM   977  C  CB  . ASP A 1 121 ? -16.772 4.378   1.637   1.00 40.12 ? 314 ASP A CB  1 
ATOM   978  C  CG  . ASP A 1 121 ? -17.435 5.699   1.990   1.00 41.27 ? 314 ASP A CG  1 
ATOM   979  O  OD1 . ASP A 1 121 ? -17.401 6.101   3.174   1.00 39.41 ? 314 ASP A OD1 1 
ATOM   980  O  OD2 . ASP A 1 121 ? -17.996 6.336   1.074   1.00 43.41 ? 314 ASP A OD2 1 
ATOM   981  N  N   . ASP A 1 122 ? -17.191 3.307   5.093   1.00 41.10 ? 315 ASP A N   1 
ATOM   982  C  CA  . ASP A 1 122 ? -18.219 3.058   6.093   1.00 44.01 ? 315 ASP A CA  1 
ATOM   983  C  C   . ASP A 1 122 ? -18.925 4.330   6.547   1.00 44.15 ? 315 ASP A C   1 
ATOM   984  O  O   . ASP A 1 122 ? -19.874 4.246   7.335   1.00 43.84 ? 315 ASP A O   1 
ATOM   985  C  CB  . ASP A 1 122 ? -17.610 2.355   7.315   1.00 44.75 ? 315 ASP A CB  1 
ATOM   986  C  CG  . ASP A 1 122 ? -16.536 3.195   8.006   1.00 45.54 ? 315 ASP A CG  1 
ATOM   987  O  OD1 . ASP A 1 122 ? -16.164 4.264   7.473   1.00 46.21 ? 315 ASP A OD1 1 
ATOM   988  O  OD2 . ASP A 1 122 ? -16.059 2.786   9.086   1.00 45.22 ? 315 ASP A OD2 1 
ATOM   989  N  N   . GLN A 1 123 ? -18.480 5.497   6.077   1.00 44.32 ? 316 GLN A N   1 
ATOM   990  C  CA  . GLN A 1 123 ? -18.905 6.781   6.629   1.00 45.28 ? 316 GLN A CA  1 
ATOM   991  C  C   . GLN A 1 123 ? -18.744 6.790   8.148   1.00 45.72 ? 316 GLN A C   1 
ATOM   992  O  O   . GLN A 1 123 ? -19.519 7.422   8.873   1.00 44.91 ? 316 GLN A O   1 
ATOM   993  C  CB  . GLN A 1 123 ? -20.340 7.117   6.207   1.00 47.40 ? 316 GLN A CB  1 
ATOM   994  C  CG  . GLN A 1 123 ? -20.475 7.371   4.702   1.00 48.32 ? 316 GLN A CG  1 
ATOM   995  C  CD  . GLN A 1 123 ? -21.915 7.395   4.220   1.00 48.82 ? 316 GLN A CD  1 
ATOM   996  O  OE1 . GLN A 1 123 ? -22.849 7.248   5.006   1.00 48.97 ? 316 GLN A OE1 1 
ATOM   997  N  NE2 . GLN A 1 123 ? -22.097 7.575   2.916   1.00 48.44 ? 316 GLN A NE2 1 
ATOM   998  N  N   . GLY A 1 124 ? -17.722 6.081   8.628   1.00 46.94 ? 317 GLY A N   1 
ATOM   999  C  CA  . GLY A 1 124 ? -17.431 5.965   10.041  1.00 48.42 ? 317 GLY A CA  1 
ATOM   1000 C  C   . GLY A 1 124 ? -15.943 5.969   10.338  1.00 50.27 ? 317 GLY A C   1 
ATOM   1001 O  O   . GLY A 1 124 ? -15.220 6.861   9.888   1.00 51.93 ? 317 GLY A O   1 
ATOM   1002 N  N   . ARG A 1 125 ? -15.467 4.963   11.077  1.00 50.43 ? 318 ARG A N   1 
ATOM   1003 C  CA  . ARG A 1 125 ? -14.095 4.990   11.570  1.00 52.41 ? 318 ARG A CA  1 
ATOM   1004 C  C   . ARG A 1 125 ? -13.074 4.607   10.501  1.00 52.17 ? 318 ARG A C   1 
ATOM   1005 O  O   . ARG A 1 125 ? -11.923 5.053   10.569  1.00 50.52 ? 318 ARG A O   1 
ATOM   1006 C  CB  . ARG A 1 125 ? -13.955 4.069   12.783  1.00 53.78 ? 318 ARG A CB  1 
ATOM   1007 C  CG  . ARG A 1 125 ? -13.935 2.592   12.445  1.00 56.06 ? 318 ARG A CG  1 
ATOM   1008 C  CD  . ARG A 1 125 ? -13.461 1.772   13.629  1.00 59.46 ? 318 ARG A CD  1 
ATOM   1009 N  NE  . ARG A 1 125 ? -13.098 0.416   13.233  1.00 62.55 ? 318 ARG A NE  1 
ATOM   1010 C  CZ  . ARG A 1 125 ? -11.887 0.060   12.816  1.00 65.02 ? 318 ARG A CZ  1 
ATOM   1011 N  NH1 . ARG A 1 125 ? -10.916 0.961   12.738  1.00 66.35 ? 318 ARG A NH1 1 
ATOM   1012 N  NH2 . ARG A 1 125 ? -11.644 -1.199  12.475  1.00 65.91 ? 318 ARG A NH2 1 
ATOM   1013 N  N   . CYS A 1 126 ? -13.455 3.781   9.525   1.00 53.39 ? 319 CYS A N   1 
ATOM   1014 C  CA  . CYS A 1 126 ? -12.528 3.462   8.444   1.00 54.63 ? 319 CYS A CA  1 
ATOM   1015 C  C   . CYS A 1 126 ? -12.332 4.659   7.526   1.00 53.63 ? 319 CYS A C   1 
ATOM   1016 O  O   . CYS A 1 126 ? -11.228 4.886   7.016   1.00 52.44 ? 319 CYS A O   1 
ATOM   1017 C  CB  . CYS A 1 126 ? -13.028 2.255   7.656   1.00 57.82 ? 319 CYS A CB  1 
ATOM   1018 S  SG  . CYS A 1 126 ? -12.971 0.701   8.579   1.00 60.49 ? 319 CYS A SG  1 
ATOM   1019 N  N   . GLN A 1 127 ? -13.394 5.435   7.304   1.00 53.33 ? 320 GLN A N   1 
ATOM   1020 C  CA  . GLN A 1 127 ? -13.270 6.675   6.546   1.00 52.54 ? 320 GLN A CA  1 
ATOM   1021 C  C   . GLN A 1 127 ? -12.442 7.703   7.308   1.00 53.11 ? 320 GLN A C   1 
ATOM   1022 O  O   . GLN A 1 127 ? -11.678 8.466   6.705   1.00 53.02 ? 320 GLN A O   1 
ATOM   1023 C  CB  . GLN A 1 127 ? -14.661 7.221   6.223   1.00 50.47 ? 320 GLN A CB  1 
ATOM   1024 C  CG  . GLN A 1 127 ? -14.676 8.614   5.617   1.00 48.54 ? 320 GLN A CG  1 
ATOM   1025 C  CD  . GLN A 1 127 ? -16.060 9.233   5.630   1.00 46.07 ? 320 GLN A CD  1 
ATOM   1026 O  OE1 . GLN A 1 127 ? -16.380 10.046  6.498   1.00 46.41 ? 320 GLN A OE1 1 
ATOM   1027 N  NE2 . GLN A 1 127 ? -16.888 8.851   4.669   1.00 44.58 ? 320 GLN A NE2 1 
ATOM   1028 N  N   . GLU A 1 128 ? -12.572 7.730   8.637   1.00 54.27 ? 321 GLU A N   1 
ATOM   1029 C  CA  . GLU A 1 128 ? -11.766 8.646   9.437   1.00 57.33 ? 321 GLU A CA  1 
ATOM   1030 C  C   . GLU A 1 128 ? -10.298 8.237   9.448   1.00 57.49 ? 321 GLU A C   1 
ATOM   1031 O  O   . GLU A 1 128 ? -9.418  9.096   9.574   1.00 58.94 ? 321 GLU A O   1 
ATOM   1032 C  CB  . GLU A 1 128 ? -12.315 8.717   10.864  1.00 60.30 ? 321 GLU A CB  1 
ATOM   1033 C  CG  . GLU A 1 128 ? -11.575 9.684   11.774  1.00 64.87 ? 321 GLU A CG  1 
ATOM   1034 C  CD  . GLU A 1 128 ? -11.575 11.111  11.246  1.00 71.34 ? 321 GLU A CD  1 
ATOM   1035 O  OE1 . GLU A 1 128 ? -12.485 11.467  10.467  1.00 73.50 ? 321 GLU A OE1 1 
ATOM   1036 O  OE2 . GLU A 1 128 ? -10.660 11.881  11.611  1.00 73.92 ? 321 GLU A OE2 1 
ATOM   1037 N  N   . ALA A 1 129 ? -10.016 6.940   9.313   1.00 55.66 ? 322 ALA A N   1 
ATOM   1038 C  CA  . ALA A 1 129 ? -8.632  6.484   9.262   1.00 55.35 ? 322 ALA A CA  1 
ATOM   1039 C  C   . ALA A 1 129 ? -7.941  6.962   7.992   1.00 53.73 ? 322 ALA A C   1 
ATOM   1040 O  O   . ALA A 1 129 ? -6.755  7.307   8.019   1.00 53.30 ? 322 ALA A O   1 
ATOM   1041 C  CB  . ALA A 1 129 ? -8.575  4.960   9.362   1.00 56.73 ? 322 ALA A CB  1 
ATOM   1042 N  N   . LEU A 1 130 ? -8.666  6.984   6.869   1.00 53.34 ? 323 LEU A N   1 
ATOM   1043 C  CA  . LEU A 1 130 ? -8.091  7.485   5.624   1.00 54.06 ? 323 LEU A CA  1 
ATOM   1044 C  C   . LEU A 1 130 ? -7.745  8.966   5.732   1.00 54.86 ? 323 LEU A C   1 
ATOM   1045 O  O   . LEU A 1 130 ? -6.693  9.404   5.249   1.00 54.36 ? 323 LEU A O   1 
ATOM   1046 C  CB  . LEU A 1 130 ? -9.057  7.241   4.463   1.00 53.29 ? 323 LEU A CB  1 
ATOM   1047 C  CG  . LEU A 1 130 ? -9.420  5.782   4.163   1.00 51.57 ? 323 LEU A CG  1 
ATOM   1048 C  CD1 . LEU A 1 130 ? -10.343 5.687   2.957   1.00 50.69 ? 323 LEU A CD1 1 
ATOM   1049 C  CD2 . LEU A 1 130 ? -8.169  4.947   3.947   1.00 50.07 ? 323 LEU A CD2 1 
ATOM   1050 N  N   . GLN A 1 131 ? -8.616  9.754   6.365   1.00 56.43 ? 324 GLN A N   1 
ATOM   1051 C  CA  . GLN A 1 131 ? -8.325  11.172  6.546   1.00 57.15 ? 324 GLN A CA  1 
ATOM   1052 C  C   . GLN A 1 131 ? -7.223  11.394  7.569   1.00 55.71 ? 324 GLN A C   1 
ATOM   1053 O  O   . GLN A 1 131 ? -6.463  12.362  7.459   1.00 55.54 ? 324 GLN A O   1 
ATOM   1054 C  CB  . GLN A 1 131 ? -9.587  11.914  6.970   1.00 59.20 ? 324 GLN A CB  1 
ATOM   1055 C  CG  . GLN A 1 131 ? -10.690 11.882  5.949   1.00 61.48 ? 324 GLN A CG  1 
ATOM   1056 C  CD  . GLN A 1 131 ? -11.894 12.666  6.403   1.00 63.99 ? 324 GLN A CD  1 
ATOM   1057 O  OE1 . GLN A 1 131 ? -12.544 12.306  7.384   1.00 65.05 ? 324 GLN A OE1 1 
ATOM   1058 N  NE2 . GLN A 1 131 ? -12.189 13.760  5.707   1.00 64.49 ? 324 GLN A NE2 1 
ATOM   1059 N  N   . MET A 1 132 ? -7.127  10.520  8.570   1.00 55.73 ? 325 MET A N   1 
ATOM   1060 C  CA  . MET A 1 132 ? -6.061  10.639  9.556   1.00 57.89 ? 325 MET A CA  1 
ATOM   1061 C  C   . MET A 1 132 ? -4.691  10.435  8.918   1.00 55.70 ? 325 MET A C   1 
ATOM   1062 O  O   . MET A 1 132 ? -3.732  11.136  9.259   1.00 55.38 ? 325 MET A O   1 
ATOM   1063 C  CB  . MET A 1 132 ? -6.303  9.640   10.689  1.00 62.80 ? 325 MET A CB  1 
ATOM   1064 C  CG  . MET A 1 132 ? -5.187  9.542   11.707  1.00 69.94 ? 325 MET A CG  1 
ATOM   1065 S  SD  . MET A 1 132 ? -5.826  9.278   13.372  1.00 77.15 ? 325 MET A SD  1 
ATOM   1066 C  CE  . MET A 1 132 ? -7.190  8.153   13.059  1.00 77.71 ? 325 MET A CE  1 
ATOM   1067 N  N   . LEU A 1 133 ? -4.583  9.489   7.979   1.00 53.53 ? 326 LEU A N   1 
ATOM   1068 C  CA  . LEU A 1 133 ? -3.317  9.277   7.282   1.00 52.48 ? 326 LEU A CA  1 
ATOM   1069 C  C   . LEU A 1 133 ? -2.936  10.494  6.447   1.00 53.36 ? 326 LEU A C   1 
ATOM   1070 O  O   . LEU A 1 133 ? -1.767  10.894  6.419   1.00 51.48 ? 326 LEU A O   1 
ATOM   1071 C  CB  . LEU A 1 133 ? -3.403  8.030   6.399   1.00 51.30 ? 326 LEU A CB  1 
ATOM   1072 C  CG  . LEU A 1 133 ? -3.719  6.695   7.079   1.00 49.34 ? 326 LEU A CG  1 
ATOM   1073 C  CD1 . LEU A 1 133 ? -3.738  5.562   6.064   1.00 49.17 ? 326 LEU A CD1 1 
ATOM   1074 C  CD2 . LEU A 1 133 ? -2.730  6.404   8.190   1.00 48.54 ? 326 LEU A CD2 1 
ATOM   1075 N  N   . ARG A 1 134 ? -3.913  11.089  5.755   1.00 55.98 ? 327 ARG A N   1 
ATOM   1076 C  CA  . ARG A 1 134 ? -3.659  12.301  4.979   1.00 57.72 ? 327 ARG A CA  1 
ATOM   1077 C  C   . ARG A 1 134 ? -3.109  13.412  5.862   1.00 59.41 ? 327 ARG A C   1 
ATOM   1078 O  O   . ARG A 1 134 ? -2.108  14.054  5.522   1.00 60.45 ? 327 ARG A O   1 
ATOM   1079 C  CB  . ARG A 1 134 ? -4.947  12.756  4.292   1.00 58.64 ? 327 ARG A CB  1 
ATOM   1080 C  CG  . ARG A 1 134 ? -4.898  14.177  3.735   1.00 59.13 ? 327 ARG A CG  1 
ATOM   1081 C  CD  . ARG A 1 134 ? -6.300  14.783  3.640   1.00 60.70 ? 327 ARG A CD  1 
ATOM   1082 N  NE  . ARG A 1 134 ? -6.932  14.911  4.953   1.00 62.43 ? 327 ARG A NE  1 
ATOM   1083 C  CZ  . ARG A 1 134 ? -8.198  15.269  5.150   1.00 64.40 ? 327 ARG A CZ  1 
ATOM   1084 N  NH1 . ARG A 1 134 ? -8.988  15.536  4.118   1.00 65.39 ? 327 ARG A NH1 1 
ATOM   1085 N  NH2 . ARG A 1 134 ? -8.679  15.358  6.383   1.00 64.31 ? 327 ARG A NH2 1 
ATOM   1086 N  N   . ASP A 1 135 ? -3.750  13.650  7.007   1.00 59.61 ? 328 ASP A N   1 
ATOM   1087 C  CA  . ASP A 1 135 ? -3.328  14.730  7.891   1.00 58.98 ? 328 ASP A CA  1 
ATOM   1088 C  C   . ASP A 1 135 ? -1.984  14.446  8.549   1.00 56.89 ? 328 ASP A C   1 
ATOM   1089 O  O   . ASP A 1 135 ? -1.291  15.389  8.946   1.00 58.35 ? 328 ASP A O   1 
ATOM   1090 C  CB  . ASP A 1 135 ? -4.402  14.983  8.951   1.00 60.29 ? 328 ASP A CB  1 
ATOM   1091 C  CG  . ASP A 1 135 ? -5.730  15.420  8.346   1.00 63.12 ? 328 ASP A CG  1 
ATOM   1092 O  OD1 . ASP A 1 135 ? -5.782  15.638  7.116   1.00 64.30 ? 328 ASP A OD1 1 
ATOM   1093 O  OD2 . ASP A 1 135 ? -6.724  15.542  9.094   1.00 64.18 ? 328 ASP A OD2 1 
ATOM   1094 N  N   . ALA A 1 136 ? -1.597  13.180  8.677   1.00 53.45 ? 329 ALA A N   1 
ATOM   1095 C  CA  . ALA A 1 136 ? -0.268  12.854  9.176   1.00 51.98 ? 329 ALA A CA  1 
ATOM   1096 C  C   . ALA A 1 136 ? 0.807   12.969  8.103   1.00 52.40 ? 329 ALA A C   1 
ATOM   1097 O  O   . ALA A 1 136 ? 1.986   12.766  8.409   1.00 54.63 ? 329 ALA A O   1 
ATOM   1098 C  CB  . ALA A 1 136 ? -0.255  11.446  9.774   1.00 50.49 ? 329 ALA A CB  1 
ATOM   1099 N  N   . GLY A 1 137 ? 0.438   13.283  6.863   1.00 49.81 ? 330 GLY A N   1 
ATOM   1100 C  CA  . GLY A 1 137 ? 1.393   13.481  5.790   1.00 48.70 ? 330 GLY A CA  1 
ATOM   1101 C  C   . GLY A 1 137 ? 1.344   12.445  4.691   1.00 48.53 ? 330 GLY A C   1 
ATOM   1102 O  O   . GLY A 1 137 ? 1.909   12.685  3.616   1.00 49.40 ? 330 GLY A O   1 
ATOM   1103 N  N   . ALA A 1 138 ? 0.689   11.307  4.912   1.00 46.36 ? 331 ALA A N   1 
ATOM   1104 C  CA  . ALA A 1 138 ? 0.649   10.255  3.908   1.00 46.42 ? 331 ALA A CA  1 
ATOM   1105 C  C   . ALA A 1 138 ? -0.080  10.714  2.651   1.00 47.89 ? 331 ALA A C   1 
ATOM   1106 O  O   . ALA A 1 138 ? -0.986  11.554  2.691   1.00 47.90 ? 331 ALA A O   1 
ATOM   1107 C  CB  . ALA A 1 138 ? -0.023  9.001   4.468   1.00 46.28 ? 331 ALA A CB  1 
ATOM   1108 N  N   . GLN A 1 139 ? 0.328   10.146  1.523   1.00 50.03 ? 332 GLN A N   1 
ATOM   1109 C  CA  . GLN A 1 139 ? -0.253  10.437  0.219   1.00 54.88 ? 332 GLN A CA  1 
ATOM   1110 C  C   . GLN A 1 139 ? -0.971  9.179   -0.255  1.00 55.99 ? 332 GLN A C   1 
ATOM   1111 O  O   . GLN A 1 139 ? -0.322  8.198   -0.639  1.00 58.50 ? 332 GLN A O   1 
ATOM   1112 C  CB  . GLN A 1 139 ? 0.836   10.872  -0.754  1.00 58.72 ? 332 GLN A CB  1 
ATOM   1113 C  CG  . GLN A 1 139 ? 0.351   11.277  -2.125  1.00 62.81 ? 332 GLN A CG  1 
ATOM   1114 C  CD  . GLN A 1 139 ? 1.504   11.513  -3.083  1.00 66.47 ? 332 GLN A CD  1 
ATOM   1115 O  OE1 . GLN A 1 139 ? 1.929   10.603  -3.800  1.00 67.76 ? 332 GLN A OE1 1 
ATOM   1116 N  NE2 . GLN A 1 139 ? 2.026   12.734  -3.088  1.00 67.16 ? 332 GLN A NE2 1 
ATOM   1117 N  N   . VAL A 1 140 ? -2.305  9.210   -0.228  1.00 52.55 ? 333 VAL A N   1 
ATOM   1118 C  CA  . VAL A 1 140 ? -3.140  8.026   -0.413  1.00 48.99 ? 333 VAL A CA  1 
ATOM   1119 C  C   . VAL A 1 140 ? -3.915  8.159   -1.717  1.00 49.09 ? 333 VAL A C   1 
ATOM   1120 O  O   . VAL A 1 140 ? -4.579  9.177   -1.949  1.00 51.11 ? 333 VAL A O   1 
ATOM   1121 C  CB  . VAL A 1 140 ? -4.103  7.836   0.773   1.00 47.22 ? 333 VAL A CB  1 
ATOM   1122 C  CG1 . VAL A 1 140 ? -4.719  6.446   0.743   1.00 46.20 ? 333 VAL A CG1 1 
ATOM   1123 C  CG2 . VAL A 1 140 ? -3.388  8.096   2.096   1.00 46.50 ? 333 VAL A CG2 1 
ATOM   1124 N  N   . SER A 1 141 ? -3.852  7.125   -2.556  1.00 46.61 ? 334 SER A N   1 
ATOM   1125 C  CA  . SER A 1 141 ? -4.574  7.130   -3.821  1.00 47.81 ? 334 SER A CA  1 
ATOM   1126 C  C   . SER A 1 141 ? -4.920  5.701   -4.226  1.00 47.31 ? 334 SER A C   1 
ATOM   1127 O  O   . SER A 1 141 ? -4.328  4.734   -3.736  1.00 47.86 ? 334 SER A O   1 
ATOM   1128 C  CB  . SER A 1 141 ? -3.764  7.824   -4.926  1.00 48.58 ? 334 SER A CB  1 
ATOM   1129 O  OG  . SER A 1 141 ? -2.527  7.166   -5.149  1.00 49.34 ? 334 SER A OG  1 
ATOM   1130 N  N   . ILE A 1 142 ? -5.892  5.582   -5.140  1.00 43.98 ? 335 ILE A N   1 
ATOM   1131 C  CA  . ILE A 1 142 ? -6.378  4.285   -5.606  1.00 42.63 ? 335 ILE A CA  1 
ATOM   1132 C  C   . ILE A 1 142 ? -5.455  3.752   -6.694  1.00 44.36 ? 335 ILE A C   1 
ATOM   1133 O  O   . ILE A 1 142 ? -4.998  4.504   -7.564  1.00 48.04 ? 335 ILE A O   1 
ATOM   1134 C  CB  . ILE A 1 142 ? -7.829  4.401   -6.117  1.00 40.93 ? 335 ILE A CB  1 
ATOM   1135 C  CG1 . ILE A 1 142 ? -8.794  4.683   -4.961  1.00 39.97 ? 335 ILE A CG1 1 
ATOM   1136 C  CG2 . ILE A 1 142 ? -8.254  3.140   -6.861  1.00 39.29 ? 335 ILE A CG2 1 
ATOM   1137 C  CD1 . ILE A 1 142 ? -8.954  3.532   -3.990  1.00 38.69 ? 335 ILE A CD1 1 
ATOM   1138 N  N   . MET A 1 143 ? -5.174  2.448   -6.644  1.00 41.29 ? 336 MET A N   1 
ATOM   1139 C  CA  . MET A 1 143 ? -4.383  1.803   -7.684  1.00 40.17 ? 336 MET A CA  1 
ATOM   1140 C  C   . MET A 1 143 ? -5.134  1.808   -9.011  1.00 40.41 ? 336 MET A C   1 
ATOM   1141 O  O   . MET A 1 143 ? -6.305  1.420   -9.075  1.00 39.93 ? 336 MET A O   1 
ATOM   1142 C  CB  . MET A 1 143 ? -4.049  0.360   -7.289  1.00 39.22 ? 336 MET A CB  1 
ATOM   1143 C  CG  . MET A 1 143 ? -3.130  0.209   -6.087  1.00 39.38 ? 336 MET A CG  1 
ATOM   1144 S  SD  . MET A 1 143 ? -2.853  -1.520  -5.607  1.00 40.64 ? 336 MET A SD  1 
ATOM   1145 C  CE  . MET A 1 143 ? -1.856  -2.122  -6.964  1.00 39.77 ? 336 MET A CE  1 
ATOM   1146 N  N   . THR A 1 144 ? -4.457  2.236   -10.076 1.00 41.69 ? 337 THR A N   1 
ATOM   1147 C  CA  . THR A 1 144 ? -4.983  2.124   -11.428 1.00 41.52 ? 337 THR A CA  1 
ATOM   1148 C  C   . THR A 1 144 ? -4.298  0.956   -12.135 1.00 39.27 ? 337 THR A C   1 
ATOM   1149 O  O   . THR A 1 144 ? -3.521  0.213   -11.533 1.00 38.67 ? 337 THR A O   1 
ATOM   1150 C  CB  . THR A 1 144 ? -4.798  3.436   -12.196 1.00 42.15 ? 337 THR A CB  1 
ATOM   1151 O  OG1 . THR A 1 144 ? -3.400  3.692   -12.390 1.00 43.83 ? 337 THR A OG1 1 
ATOM   1152 C  CG2 . THR A 1 144 ? -5.415  4.584   -11.432 1.00 41.49 ? 337 THR A CG2 1 
ATOM   1153 N  N   . TYR A 1 145 ? -4.595  0.784   -13.427 1.00 41.18 ? 338 TYR A N   1 
ATOM   1154 C  CA  . TYR A 1 145 ? -3.975  -0.291  -14.201 1.00 43.10 ? 338 TYR A CA  1 
ATOM   1155 C  C   . TYR A 1 145 ? -2.456  -0.222  -14.116 1.00 44.45 ? 338 TYR A C   1 
ATOM   1156 O  O   . TYR A 1 145 ? -1.780  -1.256  -14.076 1.00 44.06 ? 338 TYR A O   1 
ATOM   1157 C  CB  . TYR A 1 145 ? -4.437  -0.216  -15.661 1.00 43.87 ? 338 TYR A CB  1 
ATOM   1158 C  CG  . TYR A 1 145 ? -3.876  -1.304  -16.559 1.00 46.72 ? 338 TYR A CG  1 
ATOM   1159 C  CD1 . TYR A 1 145 ? -2.596  -1.209  -17.094 1.00 49.92 ? 338 TYR A CD1 1 
ATOM   1160 C  CD2 . TYR A 1 145 ? -4.634  -2.417  -16.884 1.00 48.90 ? 338 TYR A CD2 1 
ATOM   1161 C  CE1 . TYR A 1 145 ? -2.085  -2.201  -17.909 1.00 53.39 ? 338 TYR A CE1 1 
ATOM   1162 C  CE2 . TYR A 1 145 ? -4.136  -3.413  -17.702 1.00 50.99 ? 338 TYR A CE2 1 
ATOM   1163 C  CZ  . TYR A 1 145 ? -2.863  -3.302  -18.212 1.00 55.03 ? 338 TYR A CZ  1 
ATOM   1164 O  OH  . TYR A 1 145 ? -2.359  -4.294  -19.025 1.00 58.63 ? 338 TYR A OH  1 
ATOM   1165 N  N   . ASP A 1 146 ? -1.908  0.994   -14.098 1.00 45.99 ? 339 ASP A N   1 
ATOM   1166 C  CA  . ASP A 1 146 ? -0.471  1.182   -13.936 1.00 48.30 ? 339 ASP A CA  1 
ATOM   1167 C  C   . ASP A 1 146 ? 0.045   0.453   -12.700 1.00 46.58 ? 339 ASP A C   1 
ATOM   1168 O  O   . ASP A 1 146 ? 0.982   -0.347  -12.783 1.00 47.71 ? 339 ASP A O   1 
ATOM   1169 C  CB  . ASP A 1 146 ? -0.164  2.678   -13.847 1.00 52.77 ? 339 ASP A CB  1 
ATOM   1170 C  CG  . ASP A 1 146 ? 1.303   2.998   -14.068 1.00 58.21 ? 339 ASP A CG  1 
ATOM   1171 O  OD1 . ASP A 1 146 ? 2.172   2.158   -13.740 1.00 60.71 ? 339 ASP A OD1 1 
ATOM   1172 O  OD2 . ASP A 1 146 ? 1.591   4.107   -14.568 1.00 60.22 ? 339 ASP A OD2 1 
ATOM   1173 N  N   . GLU A 1 147 ? -0.567  0.712   -11.543 1.00 44.72 ? 340 GLU A N   1 
ATOM   1174 C  CA  . GLU A 1 147 ? -0.073  0.119   -10.306 1.00 45.74 ? 340 GLU A CA  1 
ATOM   1175 C  C   . GLU A 1 147 ? -0.262  -1.392  -10.289 1.00 44.09 ? 340 GLU A C   1 
ATOM   1176 O  O   . GLU A 1 147 ? 0.588   -2.122  -9.765  1.00 42.97 ? 340 GLU A O   1 
ATOM   1177 C  CB  . GLU A 1 147 ? -0.763  0.760   -9.102  1.00 47.85 ? 340 GLU A CB  1 
ATOM   1178 C  CG  . GLU A 1 147 ? -0.200  2.118   -8.715  1.00 51.70 ? 340 GLU A CG  1 
ATOM   1179 C  CD  . GLU A 1 147 ? -0.646  3.231   -9.643  1.00 54.91 ? 340 GLU A CD  1 
ATOM   1180 O  OE1 . GLU A 1 147 ? -1.573  2.994   -10.449 1.00 57.04 ? 340 GLU A OE1 1 
ATOM   1181 O  OE2 . GLU A 1 147 ? -0.072  4.340   -9.561  1.00 55.23 ? 340 GLU A OE2 1 
ATOM   1182 N  N   . PHE A 1 148 ? -1.375  -1.885  -10.840 1.00 43.38 ? 341 PHE A N   1 
ATOM   1183 C  CA  . PHE A 1 148 ? -1.582  -3.328  -10.882 1.00 43.61 ? 341 PHE A CA  1 
ATOM   1184 C  C   . PHE A 1 148 ? -0.540  -4.001  -11.767 1.00 44.78 ? 341 PHE A C   1 
ATOM   1185 O  O   . PHE A 1 148 ? 0.030   -5.034  -11.395 1.00 42.83 ? 341 PHE A O   1 
ATOM   1186 C  CB  . PHE A 1 148 ? -2.996  -3.647  -11.371 1.00 42.93 ? 341 PHE A CB  1 
ATOM   1187 C  CG  . PHE A 1 148 ? -4.074  -3.336  -10.367 1.00 43.19 ? 341 PHE A CG  1 
ATOM   1188 C  CD1 . PHE A 1 148 ? -4.136  -4.019  -9.161  1.00 43.10 ? 341 PHE A CD1 1 
ATOM   1189 C  CD2 . PHE A 1 148 ? -5.036  -2.374  -10.636 1.00 42.85 ? 341 PHE A CD2 1 
ATOM   1190 C  CE1 . PHE A 1 148 ? -5.128  -3.738  -8.237  1.00 42.14 ? 341 PHE A CE1 1 
ATOM   1191 C  CE2 . PHE A 1 148 ? -6.032  -2.088  -9.715  1.00 41.25 ? 341 PHE A CE2 1 
ATOM   1192 C  CZ  . PHE A 1 148 ? -6.075  -2.770  -8.515  1.00 40.99 ? 341 PHE A CZ  1 
ATOM   1193 N  N   . GLU A 1 149 ? -0.261  -3.410  -12.929 1.00 47.79 ? 342 GLU A N   1 
ATOM   1194 C  CA  . GLU A 1 149 ? 0.732   -3.968  -13.836 1.00 47.61 ? 342 GLU A CA  1 
ATOM   1195 C  C   . GLU A 1 149 ? 2.130   -3.883  -13.242 1.00 46.00 ? 342 GLU A C   1 
ATOM   1196 O  O   . GLU A 1 149 ? 2.939   -4.805  -13.410 1.00 47.53 ? 342 GLU A O   1 
ATOM   1197 C  CB  . GLU A 1 149 ? 0.673   -3.239  -15.175 1.00 51.61 ? 342 GLU A CB  1 
ATOM   1198 C  CG  . GLU A 1 149 ? 1.423   -3.927  -16.293 1.00 57.12 ? 342 GLU A CG  1 
ATOM   1199 C  CD  . GLU A 1 149 ? 1.657   -3.007  -17.469 1.00 61.56 ? 342 GLU A CD  1 
ATOM   1200 O  OE1 . GLU A 1 149 ? 2.153   -1.882  -17.244 1.00 63.30 ? 342 GLU A OE1 1 
ATOM   1201 O  OE2 . GLU A 1 149 ? 1.338   -3.400  -18.611 1.00 62.72 ? 342 GLU A OE2 1 
ATOM   1202 N  N   . TYR A 1 150 ? 2.437   -2.786  -12.544 1.00 43.05 ? 343 TYR A N   1 
ATOM   1203 C  CA  . TYR A 1 150 ? 3.765   -2.648  -11.959 1.00 42.29 ? 343 TYR A CA  1 
ATOM   1204 C  C   . TYR A 1 150 ? 4.013   -3.717  -10.903 1.00 45.68 ? 343 TYR A C   1 
ATOM   1205 O  O   . TYR A 1 150 ? 5.082   -4.340  -10.882 1.00 48.32 ? 343 TYR A O   1 
ATOM   1206 C  CB  . TYR A 1 150 ? 3.952   -1.248  -11.372 1.00 39.93 ? 343 TYR A CB  1 
ATOM   1207 C  CG  . TYR A 1 150 ? 5.260   -1.087  -10.625 1.00 40.99 ? 343 TYR A CG  1 
ATOM   1208 C  CD1 . TYR A 1 150 ? 6.469   -0.967  -11.306 1.00 40.18 ? 343 TYR A CD1 1 
ATOM   1209 C  CD2 . TYR A 1 150 ? 5.290   -1.066  -9.237  1.00 42.53 ? 343 TYR A CD2 1 
ATOM   1210 C  CE1 . TYR A 1 150 ? 7.667   -0.828  -10.625 1.00 38.79 ? 343 TYR A CE1 1 
ATOM   1211 C  CE2 . TYR A 1 150 ? 6.480   -0.929  -8.547  1.00 43.10 ? 343 TYR A CE2 1 
ATOM   1212 C  CZ  . TYR A 1 150 ? 7.665   -0.810  -9.244  1.00 41.88 ? 343 TYR A CZ  1 
ATOM   1213 O  OH  . TYR A 1 150 ? 8.841   -0.671  -8.542  1.00 41.75 ? 343 TYR A OH  1 
ATOM   1214 N  N   . CYS A 1 151 ? 3.032   -3.960  -10.029 1.00 44.88 ? 344 CYS A N   1 
ATOM   1215 C  CA  . CYS A 1 151 ? 3.192   -5.001  -9.017  1.00 45.77 ? 344 CYS A CA  1 
ATOM   1216 C  C   . CYS A 1 151 ? 3.339   -6.375  -9.654  1.00 47.51 ? 344 CYS A C   1 
ATOM   1217 O  O   . CYS A 1 151 ? 4.187   -7.171  -9.234  1.00 49.62 ? 344 CYS A O   1 
ATOM   1218 C  CB  . CYS A 1 151 ? 2.009   -4.991  -8.053  1.00 44.80 ? 344 CYS A CB  1 
ATOM   1219 S  SG  . CYS A 1 151 ? 1.963   -3.542  -7.022  1.00 44.14 ? 344 CYS A SG  1 
ATOM   1220 N  N   . TRP A 1 152 ? 2.519   -6.674  -10.666 1.00 46.17 ? 345 TRP A N   1 
ATOM   1221 C  CA  . TRP A 1 152 ? 2.637   -7.951  -11.361 1.00 44.98 ? 345 TRP A CA  1 
ATOM   1222 C  C   . TRP A 1 152 ? 4.045   -8.148  -11.909 1.00 44.66 ? 345 TRP A C   1 
ATOM   1223 O  O   . TRP A 1 152 ? 4.616   -9.240  -11.797 1.00 45.35 ? 345 TRP A O   1 
ATOM   1224 C  CB  . TRP A 1 152 ? 1.596   -8.035  -12.478 1.00 44.79 ? 345 TRP A CB  1 
ATOM   1225 C  CG  . TRP A 1 152 ? 1.680   -9.277  -13.320 1.00 46.32 ? 345 TRP A CG  1 
ATOM   1226 C  CD1 . TRP A 1 152 ? 2.344   -9.417  -14.506 1.00 48.06 ? 345 TRP A CD1 1 
ATOM   1227 C  CD2 . TRP A 1 152 ? 1.071   -10.548 -13.049 1.00 44.88 ? 345 TRP A CD2 1 
ATOM   1228 N  NE1 . TRP A 1 152 ? 2.184   -10.695 -14.990 1.00 48.31 ? 345 TRP A NE1 1 
ATOM   1229 C  CE2 . TRP A 1 152 ? 1.409   -11.409 -14.114 1.00 45.98 ? 345 TRP A CE2 1 
ATOM   1230 C  CE3 . TRP A 1 152 ? 0.279   -11.043 -12.009 1.00 43.54 ? 345 TRP A CE3 1 
ATOM   1231 C  CZ2 . TRP A 1 152 ? 0.980   -12.732 -14.170 1.00 44.40 ? 345 TRP A CZ2 1 
ATOM   1232 C  CZ3 . TRP A 1 152 ? -0.146  -12.359 -12.065 1.00 42.57 ? 345 TRP A CZ3 1 
ATOM   1233 C  CH2 . TRP A 1 152 ? 0.206   -13.187 -13.138 1.00 43.62 ? 345 TRP A CH2 1 
ATOM   1234 N  N   . ASP A 1 153 ? 4.632   -7.096  -12.484 1.00 41.39 ? 346 ASP A N   1 
ATOM   1235 C  CA  . ASP A 1 153 ? 5.991   -7.213  -12.997 1.00 39.79 ? 346 ASP A CA  1 
ATOM   1236 C  C   . ASP A 1 153 ? 7.028   -7.227  -11.880 1.00 42.35 ? 346 ASP A C   1 
ATOM   1237 O  O   . ASP A 1 153 ? 8.047   -7.913  -12.000 1.00 44.24 ? 346 ASP A O   1 
ATOM   1238 C  CB  . ASP A 1 153 ? 6.288   -6.073  -13.975 1.00 35.03 ? 346 ASP A CB  1 
ATOM   1239 C  CG  . ASP A 1 153 ? 5.495   -6.184  -15.266 1.00 36.00 ? 346 ASP A CG  1 
ATOM   1240 O  OD1 . ASP A 1 153 ? 5.018   -7.293  -15.586 1.00 36.88 ? 346 ASP A OD1 1 
ATOM   1241 O  OD2 . ASP A 1 153 ? 5.347   -5.166  -15.970 1.00 36.49 ? 346 ASP A OD2 1 
ATOM   1242 N  N   . THR A 1 154 ? 6.781   -6.505  -10.785 1.00 42.13 ? 347 THR A N   1 
ATOM   1243 C  CA  . THR A 1 154 ? 7.792   -6.291  -9.756  1.00 39.37 ? 347 THR A CA  1 
ATOM   1244 C  C   . THR A 1 154 ? 7.758   -7.335  -8.645  1.00 41.39 ? 347 THR A C   1 
ATOM   1245 O  O   . THR A 1 154 ? 8.815   -7.812  -8.220  1.00 43.15 ? 347 THR A O   1 
ATOM   1246 C  CB  . THR A 1 154 ? 7.626   -4.899  -9.143  1.00 38.55 ? 347 THR A CB  1 
ATOM   1247 O  OG1 . THR A 1 154 ? 7.816   -3.905  -10.155 1.00 38.17 ? 347 THR A OG1 1 
ATOM   1248 C  CG2 . THR A 1 154 ? 8.634   -4.678  -8.023  1.00 37.61 ? 347 THR A CG2 1 
ATOM   1249 N  N   . PHE A 1 155 ? 6.571   -7.704  -8.159  1.00 40.40 ? 348 PHE A N   1 
ATOM   1250 C  CA  . PHE A 1 155 ? 6.463   -8.497  -6.941  1.00 39.18 ? 348 PHE A CA  1 
ATOM   1251 C  C   . PHE A 1 155 ? 5.931   -9.908  -7.148  1.00 38.24 ? 348 PHE A C   1 
ATOM   1252 O  O   . PHE A 1 155 ? 5.955   -10.697 -6.199  1.00 37.88 ? 348 PHE A O   1 
ATOM   1253 C  CB  . PHE A 1 155 ? 5.563   -7.783  -5.920  1.00 39.19 ? 348 PHE A CB  1 
ATOM   1254 C  CG  . PHE A 1 155 ? 6.121   -6.485  -5.420  1.00 39.80 ? 348 PHE A CG  1 
ATOM   1255 C  CD1 . PHE A 1 155 ? 7.107   -6.469  -4.441  1.00 39.70 ? 348 PHE A CD1 1 
ATOM   1256 C  CD2 . PHE A 1 155 ? 5.650   -5.277  -5.914  1.00 40.14 ? 348 PHE A CD2 1 
ATOM   1257 C  CE1 . PHE A 1 155 ? 7.624   -5.271  -3.965  1.00 38.65 ? 348 PHE A CE1 1 
ATOM   1258 C  CE2 . PHE A 1 155 ? 6.160   -4.072  -5.445  1.00 40.58 ? 348 PHE A CE2 1 
ATOM   1259 C  CZ  . PHE A 1 155 ? 7.151   -4.070  -4.467  1.00 39.40 ? 348 PHE A CZ  1 
ATOM   1260 N  N   . VAL A 1 156 ? 5.463   -10.251 -8.344  1.00 40.01 ? 349 VAL A N   1 
ATOM   1261 C  CA  . VAL A 1 156 ? 4.767   -11.508 -8.591  1.00 42.60 ? 349 VAL A CA  1 
ATOM   1262 C  C   . VAL A 1 156 ? 5.682   -12.464 -9.350  1.00 45.91 ? 349 VAL A C   1 
ATOM   1263 O  O   . VAL A 1 156 ? 6.463   -12.043 -10.212 1.00 46.56 ? 349 VAL A O   1 
ATOM   1264 C  CB  . VAL A 1 156 ? 3.458   -11.256 -9.364  1.00 45.30 ? 349 VAL A CB  1 
ATOM   1265 C  CG1 . VAL A 1 156 ? 2.706   -12.555 -9.606  1.00 45.50 ? 349 VAL A CG1 1 
ATOM   1266 C  CG2 . VAL A 1 156 ? 2.585   -10.276 -8.599  1.00 46.83 ? 349 VAL A CG2 1 
ATOM   1267 N  N   . TYR A 1 157 ? 5.589   -13.754 -9.013  1.00 47.73 ? 350 TYR A N   1 
ATOM   1268 C  CA  . TYR A 1 157 ? 6.308   -14.814 -9.724  1.00 46.86 ? 350 TYR A CA  1 
ATOM   1269 C  C   . TYR A 1 157 ? 5.557   -15.111 -11.020 1.00 46.21 ? 350 TYR A C   1 
ATOM   1270 O  O   . TYR A 1 157 ? 4.782   -16.065 -11.134 1.00 44.93 ? 350 TYR A O   1 
ATOM   1271 C  CB  . TYR A 1 157 ? 6.446   -16.055 -8.848  1.00 45.40 ? 350 TYR A CB  1 
ATOM   1272 C  CG  . TYR A 1 157 ? 7.116   -17.229 -9.535  1.00 46.46 ? 350 TYR A CG  1 
ATOM   1273 C  CD1 . TYR A 1 157 ? 8.434   -17.145 -9.978  1.00 47.98 ? 350 TYR A CD1 1 
ATOM   1274 C  CD2 . TYR A 1 157 ? 6.434   -18.425 -9.729  1.00 46.08 ? 350 TYR A CD2 1 
ATOM   1275 C  CE1 . TYR A 1 157 ? 9.054   -18.221 -10.604 1.00 48.87 ? 350 TYR A CE1 1 
ATOM   1276 C  CE2 . TYR A 1 157 ? 7.037   -19.501 -10.352 1.00 47.61 ? 350 TYR A CE2 1 
ATOM   1277 C  CZ  . TYR A 1 157 ? 8.351   -19.399 -10.787 1.00 49.40 ? 350 TYR A CZ  1 
ATOM   1278 O  OH  . TYR A 1 157 ? 8.957   -20.474 -11.407 1.00 48.19 ? 350 TYR A OH  1 
ATOM   1279 N  N   . ARG A 1 158 ? 5.806   -14.267 -12.019 1.00 46.42 ? 351 ARG A N   1 
ATOM   1280 C  CA  . ARG A 1 158 ? 5.061   -14.318 -13.268 1.00 48.44 ? 351 ARG A CA  1 
ATOM   1281 C  C   . ARG A 1 158 ? 5.722   -15.174 -14.338 1.00 51.92 ? 351 ARG A C   1 
ATOM   1282 O  O   . ARG A 1 158 ? 5.042   -15.572 -15.292 1.00 52.48 ? 351 ARG A O   1 
ATOM   1283 C  CB  . ARG A 1 158 ? 4.859   -12.903 -13.815 1.00 47.12 ? 351 ARG A CB  1 
ATOM   1284 C  CG  . ARG A 1 158 ? 6.129   -12.085 -13.858 1.00 46.67 ? 351 ARG A CG  1 
ATOM   1285 C  CD  . ARG A 1 158 ? 5.986   -10.915 -14.808 1.00 48.28 ? 351 ARG A CD  1 
ATOM   1286 N  NE  . ARG A 1 158 ? 7.197   -10.107 -14.850 1.00 50.43 ? 351 ARG A NE  1 
ATOM   1287 C  CZ  . ARG A 1 158 ? 7.581   -9.399  -15.906 1.00 52.46 ? 351 ARG A CZ  1 
ATOM   1288 N  NH1 . ARG A 1 158 ? 8.704   -8.693  -15.859 1.00 52.85 ? 351 ARG A NH1 1 
ATOM   1289 N  NH2 . ARG A 1 158 ? 6.848   -9.408  -17.011 1.00 53.25 ? 351 ARG A NH2 1 
ATOM   1290 N  N   . GLN A 1 159 ? 7.017   -15.461 -14.210 1.00 55.08 ? 352 GLN A N   1 
ATOM   1291 C  CA  . GLN A 1 159 ? 7.754   -16.238 -15.208 1.00 59.14 ? 352 GLN A CA  1 
ATOM   1292 C  C   . GLN A 1 159 ? 7.647   -15.603 -16.594 1.00 61.48 ? 352 GLN A C   1 
ATOM   1293 O  O   . GLN A 1 159 ? 7.335   -16.263 -17.587 1.00 62.55 ? 352 GLN A O   1 
ATOM   1294 C  CB  . GLN A 1 159 ? 7.281   -17.695 -15.241 1.00 59.67 ? 352 GLN A CB  1 
ATOM   1295 C  CG  . GLN A 1 159 ? 7.849   -18.575 -14.144 1.00 59.81 ? 352 GLN A CG  1 
ATOM   1296 C  CD  . GLN A 1 159 ? 7.438   -20.026 -14.308 1.00 60.36 ? 352 GLN A CD  1 
ATOM   1297 O  OE1 . GLN A 1 159 ? 6.380   -20.321 -14.864 1.00 59.77 ? 352 GLN A OE1 1 
ATOM   1298 N  NE2 . GLN A 1 159 ? 8.279   -20.941 -13.835 1.00 61.37 ? 352 GLN A NE2 1 
ATOM   1299 N  N   . GLY A 1 160 ? 7.902   -14.299 -16.655 1.00 62.09 ? 353 GLY A N   1 
ATOM   1300 C  CA  . GLY A 1 160 ? 7.876   -13.586 -17.913 1.00 63.01 ? 353 GLY A CA  1 
ATOM   1301 C  C   . GLY A 1 160 ? 6.515   -13.410 -18.548 1.00 64.61 ? 353 GLY A C   1 
ATOM   1302 O  O   . GLY A 1 160 ? 6.435   -12.832 -19.638 1.00 65.47 ? 353 GLY A O   1 
ATOM   1303 N  N   . CYS A 1 161 ? 5.443   -13.891 -17.920 1.00 64.63 ? 354 CYS A N   1 
ATOM   1304 C  CA  . CYS A 1 161 ? 4.111   -13.672 -18.466 1.00 64.43 ? 354 CYS A CA  1 
ATOM   1305 C  C   . CYS A 1 161 ? 3.685   -12.224 -18.240 1.00 61.00 ? 354 CYS A C   1 
ATOM   1306 O  O   . CYS A 1 161 ? 4.045   -11.623 -17.221 1.00 60.81 ? 354 CYS A O   1 
ATOM   1307 C  CB  . CYS A 1 161 ? 3.096   -14.619 -17.824 1.00 68.09 ? 354 CYS A CB  1 
ATOM   1308 S  SG  . CYS A 1 161 ? 3.174   -16.330 -18.410 1.00 71.10 ? 354 CYS A SG  1 
ATOM   1309 N  N   . PRO A 1 162 ? 2.938   -11.631 -19.168 1.00 57.52 ? 355 PRO A N   1 
ATOM   1310 C  CA  . PRO A 1 162 ? 2.467   -10.259 -18.977 1.00 56.04 ? 355 PRO A CA  1 
ATOM   1311 C  C   . PRO A 1 162 ? 1.249   -10.211 -18.067 1.00 56.54 ? 355 PRO A C   1 
ATOM   1312 O  O   . PRO A 1 162 ? 0.543   -11.200 -17.869 1.00 58.51 ? 355 PRO A O   1 
ATOM   1313 C  CB  . PRO A 1 162 ? 2.104   -9.817  -20.396 1.00 54.47 ? 355 PRO A CB  1 
ATOM   1314 C  CG  . PRO A 1 162 ? 1.653   -11.076 -21.044 1.00 54.83 ? 355 PRO A CG  1 
ATOM   1315 C  CD  . PRO A 1 162 ? 2.523   -12.174 -20.474 1.00 55.35 ? 355 PRO A CD  1 
ATOM   1316 N  N   . PHE A 1 163 ? 1.015   -9.024  -17.512 1.00 54.65 ? 356 PHE A N   1 
ATOM   1317 C  CA  . PHE A 1 163 ? -0.164  -8.810  -16.684 1.00 53.02 ? 356 PHE A CA  1 
ATOM   1318 C  C   . PHE A 1 163 ? -1.426  -8.902  -17.533 1.00 51.02 ? 356 PHE A C   1 
ATOM   1319 O  O   . PHE A 1 163 ? -1.518  -8.285  -18.598 1.00 51.64 ? 356 PHE A O   1 
ATOM   1320 C  CB  . PHE A 1 163 ? -0.086  -7.451  -15.992 1.00 53.24 ? 356 PHE A CB  1 
ATOM   1321 C  CG  . PHE A 1 163 ? -1.351  -7.055  -15.287 1.00 53.34 ? 356 PHE A CG  1 
ATOM   1322 C  CD1 . PHE A 1 163 ? -1.799  -7.770  -14.191 1.00 52.59 ? 356 PHE A CD1 1 
ATOM   1323 C  CD2 . PHE A 1 163 ? -2.089  -5.965  -15.716 1.00 53.77 ? 356 PHE A CD2 1 
ATOM   1324 C  CE1 . PHE A 1 163 ? -2.965  -7.410  -13.541 1.00 52.09 ? 356 PHE A CE1 1 
ATOM   1325 C  CE2 . PHE A 1 163 ? -3.255  -5.599  -15.067 1.00 51.77 ? 356 PHE A CE2 1 
ATOM   1326 C  CZ  . PHE A 1 163 ? -3.691  -6.324  -13.978 1.00 51.54 ? 356 PHE A CZ  1 
ATOM   1327 N  N   . GLN A 1 164 ? -2.395  -9.681  -17.064 1.00 51.04 ? 357 GLN A N   1 
ATOM   1328 C  CA  . GLN A 1 164 ? -3.680  -9.800  -17.744 1.00 53.46 ? 357 GLN A CA  1 
ATOM   1329 C  C   . GLN A 1 164 ? -4.781  -9.241  -16.853 1.00 52.05 ? 357 GLN A C   1 
ATOM   1330 O  O   . GLN A 1 164 ? -5.076  -9.830  -15.802 1.00 51.86 ? 357 GLN A O   1 
ATOM   1331 C  CB  . GLN A 1 164 ? -3.969  -11.257 -18.101 1.00 58.86 ? 357 GLN A CB  1 
ATOM   1332 C  CG  . GLN A 1 164 ? -5.198  -11.452 -18.975 1.00 64.42 ? 357 GLN A CG  1 
ATOM   1333 C  CD  . GLN A 1 164 ? -5.228  -12.823 -19.627 1.00 68.22 ? 357 GLN A CD  1 
ATOM   1334 O  OE1 . GLN A 1 164 ? -4.201  -13.496 -19.727 1.00 69.50 ? 357 GLN A OE1 1 
ATOM   1335 N  NE2 . GLN A 1 164 ? -6.410  -13.245 -20.073 1.00 68.96 ? 357 GLN A NE2 1 
ATOM   1336 N  N   . PRO A 1 165 ? -5.413  -8.130  -17.222 1.00 50.59 ? 358 PRO A N   1 
ATOM   1337 C  CA  . PRO A 1 165 ? -6.381  -7.501  -16.318 1.00 50.48 ? 358 PRO A CA  1 
ATOM   1338 C  C   . PRO A 1 165 ? -7.677  -8.283  -16.233 1.00 50.84 ? 358 PRO A C   1 
ATOM   1339 O  O   . PRO A 1 165 ? -8.106  -8.930  -17.190 1.00 52.65 ? 358 PRO A O   1 
ATOM   1340 C  CB  . PRO A 1 165 ? -6.612  -6.126  -16.953 1.00 49.99 ? 358 PRO A CB  1 
ATOM   1341 C  CG  . PRO A 1 165 ? -6.348  -6.350  -18.402 1.00 48.87 ? 358 PRO A CG  1 
ATOM   1342 C  CD  . PRO A 1 165 ? -5.239  -7.363  -18.466 1.00 48.97 ? 358 PRO A CD  1 
ATOM   1343 N  N   . TRP A 1 166 ? -8.307  -8.207  -15.063 1.00 50.39 ? 359 TRP A N   1 
ATOM   1344 C  CA  . TRP A 1 166 ? -9.613  -8.808  -14.852 1.00 48.41 ? 359 TRP A CA  1 
ATOM   1345 C  C   . TRP A 1 166 ? -10.715 -7.881  -15.367 1.00 49.98 ? 359 TRP A C   1 
ATOM   1346 O  O   . TRP A 1 166 ? -10.484 -6.714  -15.697 1.00 49.37 ? 359 TRP A O   1 
ATOM   1347 C  CB  . TRP A 1 166 ? -9.819  -9.126  -13.373 1.00 45.96 ? 359 TRP A CB  1 
ATOM   1348 C  CG  . TRP A 1 166 ? -9.458  -7.989  -12.465 1.00 44.78 ? 359 TRP A CG  1 
ATOM   1349 C  CD1 . TRP A 1 166 ? -10.214 -6.887  -12.189 1.00 44.20 ? 359 TRP A CD1 1 
ATOM   1350 C  CD2 . TRP A 1 166 ? -8.249  -7.846  -11.711 1.00 44.49 ? 359 TRP A CD2 1 
ATOM   1351 N  NE1 . TRP A 1 166 ? -9.549  -6.065  -11.311 1.00 43.77 ? 359 TRP A NE1 1 
ATOM   1352 C  CE2 . TRP A 1 166 ? -8.342  -6.633  -11.000 1.00 43.64 ? 359 TRP A CE2 1 
ATOM   1353 C  CE3 . TRP A 1 166 ? -7.097  -8.625  -11.567 1.00 43.44 ? 359 TRP A CE3 1 
ATOM   1354 C  CZ2 . TRP A 1 166 ? -7.327  -6.180  -10.163 1.00 43.44 ? 359 TRP A CZ2 1 
ATOM   1355 C  CZ3 . TRP A 1 166 ? -6.091  -8.175  -10.735 1.00 42.10 ? 359 TRP A CZ3 1 
ATOM   1356 C  CH2 . TRP A 1 166 ? -6.212  -6.964  -10.042 1.00 43.37 ? 359 TRP A CH2 1 
ATOM   1357 N  N   . ASP A 1 167 ? -11.931 -8.417  -15.434 1.00 52.00 ? 360 ASP A N   1 
ATOM   1358 C  CA  . ASP A 1 167 ? -13.049 -7.658  -15.979 1.00 56.41 ? 360 ASP A CA  1 
ATOM   1359 C  C   . ASP A 1 167 ? -13.411 -6.490  -15.072 1.00 52.99 ? 360 ASP A C   1 
ATOM   1360 O  O   . ASP A 1 167 ? -13.523 -6.644  -13.852 1.00 52.49 ? 360 ASP A O   1 
ATOM   1361 C  CB  . ASP A 1 167 ? -14.265 -8.558  -16.173 1.00 64.19 ? 360 ASP A CB  1 
ATOM   1362 C  CG  . ASP A 1 167 ? -14.295 -9.200  -17.537 1.00 71.96 ? 360 ASP A CG  1 
ATOM   1363 O  OD1 . ASP A 1 167 ? -13.256 -9.158  -18.232 1.00 74.44 ? 360 ASP A OD1 1 
ATOM   1364 O  OD2 . ASP A 1 167 ? -15.360 -9.735  -17.918 1.00 75.40 ? 360 ASP A OD2 1 
ATOM   1365 N  N   . GLY A 1 168 ? -13.599 -5.320  -15.676 1.00 51.45 ? 361 GLY A N   1 
ATOM   1366 C  CA  . GLY A 1 168 ? -14.020 -4.143  -14.951 1.00 50.87 ? 361 GLY A CA  1 
ATOM   1367 C  C   . GLY A 1 168 ? -12.952 -3.469  -14.126 1.00 50.57 ? 361 GLY A C   1 
ATOM   1368 O  O   . GLY A 1 168 ? -13.285 -2.592  -13.323 1.00 53.14 ? 361 GLY A O   1 
ATOM   1369 N  N   . LEU A 1 169 ? -11.680 -3.838  -14.304 1.00 48.64 ? 362 LEU A N   1 
ATOM   1370 C  CA  . LEU A 1 169 ? -10.610 -3.267  -13.490 1.00 47.94 ? 362 LEU A CA  1 
ATOM   1371 C  C   . LEU A 1 169 ? -10.623 -1.744  -13.541 1.00 47.59 ? 362 LEU A C   1 
ATOM   1372 O  O   . LEU A 1 169 ? -10.507 -1.080  -12.504 1.00 47.03 ? 362 LEU A O   1 
ATOM   1373 C  CB  . LEU A 1 169 ? -9.254  -3.819  -13.950 1.00 46.63 ? 362 LEU A CB  1 
ATOM   1374 C  CG  . LEU A 1 169 ? -7.981  -3.497  -13.156 1.00 47.27 ? 362 LEU A CG  1 
ATOM   1375 C  CD1 . LEU A 1 169 ? -6.949  -4.590  -13.354 1.00 48.78 ? 362 LEU A CD1 1 
ATOM   1376 C  CD2 . LEU A 1 169 ? -7.376  -2.162  -13.557 1.00 46.83 ? 362 LEU A CD2 1 
ATOM   1377 N  N   . GLU A 1 170 ? -10.779 -1.172  -14.735 1.00 47.98 ? 363 GLU A N   1 
ATOM   1378 C  CA  . GLU A 1 170 ? -10.718 0.281   -14.851 1.00 49.77 ? 363 GLU A CA  1 
ATOM   1379 C  C   . GLU A 1 170 ? -11.972 0.936   -14.284 1.00 49.05 ? 363 GLU A C   1 
ATOM   1380 O  O   . GLU A 1 170 ? -11.879 1.959   -13.596 1.00 49.11 ? 363 GLU A O   1 
ATOM   1381 C  CB  . GLU A 1 170 ? -10.505 0.687   -16.308 1.00 54.85 ? 363 GLU A CB  1 
ATOM   1382 C  CG  . GLU A 1 170 ? -10.012 2.118   -16.467 1.00 62.02 ? 363 GLU A CG  1 
ATOM   1383 C  CD  . GLU A 1 170 ? -9.681  2.477   -17.904 1.00 68.77 ? 363 GLU A CD  1 
ATOM   1384 O  OE1 . GLU A 1 170 ? -10.608 2.517   -18.740 1.00 71.54 ? 363 GLU A OE1 1 
ATOM   1385 O  OE2 . GLU A 1 170 ? -8.489  2.713   -18.199 1.00 70.98 ? 363 GLU A OE2 1 
ATOM   1386 N  N   . GLU A 1 171 ? -13.151 0.367   -14.564 1.00 48.35 ? 364 GLU A N   1 
ATOM   1387 C  CA  . GLU A 1 171 ? -14.391 0.934   -14.038 1.00 47.55 ? 364 GLU A CA  1 
ATOM   1388 C  C   . GLU A 1 171 ? -14.409 0.891   -12.519 1.00 45.46 ? 364 GLU A C   1 
ATOM   1389 O  O   . GLU A 1 171 ? -14.765 1.877   -11.863 1.00 45.23 ? 364 GLU A O   1 
ATOM   1390 C  CB  . GLU A 1 171 ? -15.607 0.190   -14.593 1.00 50.60 ? 364 GLU A CB  1 
ATOM   1391 C  CG  . GLU A 1 171 ? -15.760 0.245   -16.097 1.00 55.88 ? 364 GLU A CG  1 
ATOM   1392 C  CD  . GLU A 1 171 ? -15.089 -0.924  -16.788 1.00 60.87 ? 364 GLU A CD  1 
ATOM   1393 O  OE1 . GLU A 1 171 ? -13.871 -1.134  -16.570 1.00 60.90 ? 364 GLU A OE1 1 
ATOM   1394 O  OE2 . GLU A 1 171 ? -15.789 -1.641  -17.536 1.00 63.61 ? 364 GLU A OE2 1 
ATOM   1395 N  N   . HIS A 1 172 ? -14.039 -0.255  -11.942 1.00 43.89 ? 365 HIS A N   1 
ATOM   1396 C  CA  . HIS A 1 172 ? -13.952 -0.357  -10.491 1.00 44.42 ? 365 HIS A CA  1 
ATOM   1397 C  C   . HIS A 1 172 ? -13.001 0.691   -9.931  1.00 44.61 ? 365 HIS A C   1 
ATOM   1398 O  O   . HIS A 1 172 ? -13.323 1.372   -8.950  1.00 45.63 ? 365 HIS A O   1 
ATOM   1399 C  CB  . HIS A 1 172 ? -13.494 -1.760  -10.089 1.00 45.48 ? 365 HIS A CB  1 
ATOM   1400 C  CG  . HIS A 1 172 ? -14.377 -2.858  -10.597 1.00 47.27 ? 365 HIS A CG  1 
ATOM   1401 N  ND1 . HIS A 1 172 ? -15.712 -2.670  -10.879 1.00 48.21 ? 365 HIS A ND1 1 
ATOM   1402 C  CD2 . HIS A 1 172 ? -14.111 -4.155  -10.881 1.00 47.65 ? 365 HIS A CD2 1 
ATOM   1403 C  CE1 . HIS A 1 172 ? -16.233 -3.805  -11.312 1.00 48.02 ? 365 HIS A CE1 1 
ATOM   1404 N  NE2 . HIS A 1 172 ? -15.283 -4.721  -11.323 1.00 47.13 ? 365 HIS A NE2 1 
ATOM   1405 N  N   . SER A 1 173 ? -11.837 0.851   -10.566 1.00 44.55 ? 366 SER A N   1 
ATOM   1406 C  CA  . SER A 1 173 ? -10.800 1.735   -10.043 1.00 45.02 ? 366 SER A CA  1 
ATOM   1407 C  C   . SER A 1 173 ? -11.247 3.191   -10.044 1.00 42.38 ? 366 SER A C   1 
ATOM   1408 O  O   . SER A 1 173 ? -10.997 3.921   -9.078  1.00 40.07 ? 366 SER A O   1 
ATOM   1409 C  CB  . SER A 1 173 ? -9.520  1.563   -10.861 1.00 48.80 ? 366 SER A CB  1 
ATOM   1410 O  OG  . SER A 1 173 ? -8.471  2.368   -10.358 1.00 51.70 ? 366 SER A OG  1 
ATOM   1411 N  N   . GLN A 1 174 ? -11.912 3.635   -11.115 1.00 43.17 ? 367 GLN A N   1 
ATOM   1412 C  CA  . GLN A 1 174 ? -12.301 5.041   -11.206 1.00 44.66 ? 367 GLN A CA  1 
ATOM   1413 C  C   . GLN A 1 174 ? -13.394 5.385   -10.198 1.00 42.47 ? 367 GLN A C   1 
ATOM   1414 O  O   . GLN A 1 174 ? -13.362 6.458   -9.583  1.00 42.57 ? 367 GLN A O   1 
ATOM   1415 C  CB  . GLN A 1 174 ? -12.760 5.373   -12.625 1.00 46.97 ? 367 GLN A CB  1 
ATOM   1416 C  CG  . GLN A 1 174 ? -11.647 5.345   -13.658 1.00 49.53 ? 367 GLN A CG  1 
ATOM   1417 C  CD  . GLN A 1 174 ? -12.117 5.803   -15.022 1.00 51.93 ? 367 GLN A CD  1 
ATOM   1418 O  OE1 . GLN A 1 174 ? -13.215 6.340   -15.163 1.00 55.28 ? 367 GLN A OE1 1 
ATOM   1419 N  NE2 . GLN A 1 174 ? -11.290 5.592   -16.035 1.00 51.68 ? 367 GLN A NE2 1 
ATOM   1420 N  N   . ALA A 1 175 ? -14.368 4.487   -10.021 1.00 38.19 ? 368 ALA A N   1 
ATOM   1421 C  CA  . ALA A 1 175 ? -15.409 4.709   -9.025  1.00 34.67 ? 368 ALA A CA  1 
ATOM   1422 C  C   . ALA A 1 175 ? -14.828 4.723   -7.615  1.00 34.14 ? 368 ALA A C   1 
ATOM   1423 O  O   . ALA A 1 175 ? -15.172 5.590   -6.802  1.00 33.50 ? 368 ALA A O   1 
ATOM   1424 C  CB  . ALA A 1 175 ? -16.491 3.637   -9.156  1.00 34.35 ? 368 ALA A CB  1 
ATOM   1425 N  N   . LEU A 1 176 ? -13.948 3.768   -7.305  1.00 35.27 ? 369 LEU A N   1 
ATOM   1426 C  CA  . LEU A 1 176 ? -13.245 3.790   -6.025  1.00 36.28 ? 369 LEU A CA  1 
ATOM   1427 C  C   . LEU A 1 176 ? -12.413 5.056   -5.877  1.00 39.25 ? 369 LEU A C   1 
ATOM   1428 O  O   . LEU A 1 176 ? -12.326 5.628   -4.784  1.00 38.07 ? 369 LEU A O   1 
ATOM   1429 C  CB  . LEU A 1 176 ? -12.360 2.551   -5.894  1.00 33.55 ? 369 LEU A CB  1 
ATOM   1430 C  CG  . LEU A 1 176 ? -13.101 1.237   -5.654  1.00 33.01 ? 369 LEU A CG  1 
ATOM   1431 C  CD1 . LEU A 1 176 ? -12.242 0.050   -6.055  1.00 32.60 ? 369 LEU A CD1 1 
ATOM   1432 C  CD2 . LEU A 1 176 ? -13.526 1.133   -4.193  1.00 32.24 ? 369 LEU A CD2 1 
ATOM   1433 N  N   . SER A 1 177 ? -11.791 5.505   -6.972  1.00 42.67 ? 370 SER A N   1 
ATOM   1434 C  CA  . SER A 1 177 ? -11.003 6.732   -6.936  1.00 46.04 ? 370 SER A CA  1 
ATOM   1435 C  C   . SER A 1 177 ? -11.880 7.943   -6.648  1.00 43.05 ? 370 SER A C   1 
ATOM   1436 O  O   . SER A 1 177 ? -11.497 8.821   -5.868  1.00 39.70 ? 370 SER A O   1 
ATOM   1437 C  CB  . SER A 1 177 ? -10.254 6.907   -8.259  1.00 51.66 ? 370 SER A CB  1 
ATOM   1438 O  OG  . SER A 1 177 ? -9.409  8.050   -8.245  1.00 54.40 ? 370 SER A OG  1 
ATOM   1439 N  N   . GLY A 1 178 ? -13.060 8.005   -7.267  1.00 45.14 ? 371 GLY A N   1 
ATOM   1440 C  CA  . GLY A 1 178 ? -13.950 9.132   -7.035  1.00 46.00 ? 371 GLY A CA  1 
ATOM   1441 C  C   . GLY A 1 178 ? -14.389 9.245   -5.588  1.00 47.64 ? 371 GLY A C   1 
ATOM   1442 O  O   . GLY A 1 178 ? -14.427 10.341  -5.024  1.00 48.83 ? 371 GLY A O   1 
ATOM   1443 N  N   . ARG A 1 179 ? -14.716 8.109   -4.962  1.00 46.28 ? 372 ARG A N   1 
ATOM   1444 C  CA  . ARG A 1 179 ? -15.142 8.129   -3.567  1.00 46.43 ? 372 ARG A CA  1 
ATOM   1445 C  C   . ARG A 1 179 ? -13.999 8.528   -2.645  1.00 46.85 ? 372 ARG A C   1 
ATOM   1446 O  O   . ARG A 1 179 ? -14.185 9.345   -1.733  1.00 47.63 ? 372 ARG A O   1 
ATOM   1447 C  CB  . ARG A 1 179 ? -15.696 6.761   -3.164  1.00 48.16 ? 372 ARG A CB  1 
ATOM   1448 C  CG  . ARG A 1 179 ? -16.962 6.364   -3.900  1.00 49.06 ? 372 ARG A CG  1 
ATOM   1449 C  CD  . ARG A 1 179 ? -18.027 7.431   -3.750  1.00 50.91 ? 372 ARG A CD  1 
ATOM   1450 N  NE  . ARG A 1 179 ? -19.197 7.149   -4.576  1.00 54.12 ? 372 ARG A NE  1 
ATOM   1451 C  CZ  . ARG A 1 179 ? -20.315 6.587   -4.127  1.00 54.34 ? 372 ARG A CZ  1 
ATOM   1452 N  NH1 . ARG A 1 179 ? -21.323 6.367   -4.958  1.00 54.41 ? 372 ARG A NH1 1 
ATOM   1453 N  NH2 . ARG A 1 179 ? -20.427 6.247   -2.849  1.00 53.59 ? 372 ARG A NH2 1 
ATOM   1454 N  N   . LEU A 1 180 ? -12.811 7.960   -2.867  1.00 47.05 ? 373 LEU A N   1 
ATOM   1455 C  CA  . LEU A 1 180 ? -11.662 8.285   -2.029  1.00 46.19 ? 373 LEU A CA  1 
ATOM   1456 C  C   . LEU A 1 180 ? -11.305 9.762   -2.127  1.00 47.28 ? 373 LEU A C   1 
ATOM   1457 O  O   . LEU A 1 180 ? -11.029 10.410  -1.111  1.00 48.03 ? 373 LEU A O   1 
ATOM   1458 C  CB  . LEU A 1 180 ? -10.461 7.421   -2.420  1.00 42.94 ? 373 LEU A CB  1 
ATOM   1459 C  CG  . LEU A 1 180 ? -9.169  7.763   -1.676  1.00 40.40 ? 373 LEU A CG  1 
ATOM   1460 C  CD1 . LEU A 1 180 ? -9.325  7.496   -0.187  1.00 39.66 ? 373 LEU A CD1 1 
ATOM   1461 C  CD2 . LEU A 1 180 ? -7.987  6.999   -2.245  1.00 39.85 ? 373 LEU A CD2 1 
ATOM   1462 N  N   . ARG A 1 181 ? -11.305 10.312  -3.344  1.00 46.68 ? 374 ARG A N   1 
ATOM   1463 C  CA  . ARG A 1 181 ? -10.989 11.727  -3.510  1.00 47.07 ? 374 ARG A CA  1 
ATOM   1464 C  C   . ARG A 1 181 ? -11.962 12.598  -2.726  1.00 47.94 ? 374 ARG A C   1 
ATOM   1465 O  O   . ARG A 1 181 ? -11.543 13.509  -2.002  1.00 49.48 ? 374 ARG A O   1 
ATOM   1466 C  CB  . ARG A 1 181 ? -10.982 12.093  -5.000  1.00 45.67 ? 374 ARG A CB  1 
ATOM   1467 C  CG  . ARG A 1 181 ? -9.761  11.556  -5.741  1.00 44.64 ? 374 ARG A CG  1 
ATOM   1468 C  CD  . ARG A 1 181 ? -9.853  11.672  -7.262  1.00 44.88 ? 374 ARG A CD  1 
ATOM   1469 N  NE  . ARG A 1 181 ? -8.567  11.349  -7.885  1.00 46.57 ? 374 ARG A NE  1 
ATOM   1470 C  CZ  . ARG A 1 181 ? -8.348  11.265  -9.196  1.00 46.93 ? 374 ARG A CZ  1 
ATOM   1471 N  NH1 . ARG A 1 181 ? -9.330  11.472  -10.060 1.00 47.23 ? 374 ARG A NH1 1 
ATOM   1472 N  NH2 . ARG A 1 181 ? -7.137  10.971  -9.645  1.00 46.33 ? 374 ARG A NH2 1 
ATOM   1473 N  N   . ALA A 1 182 ? -13.264 12.306  -2.825  1.00 47.31 ? 375 ALA A N   1 
ATOM   1474 C  CA  . ALA A 1 182 ? -14.261 13.062  -2.072  1.00 43.59 ? 375 ALA A CA  1 
ATOM   1475 C  C   . ALA A 1 182 ? -14.008 12.991  -0.571  1.00 43.88 ? 375 ALA A C   1 
ATOM   1476 O  O   . ALA A 1 182 ? -14.271 13.962  0.149   1.00 43.80 ? 375 ALA A O   1 
ATOM   1477 C  CB  . ALA A 1 182 ? -15.662 12.548  -2.400  1.00 41.57 ? 375 ALA A CB  1 
ATOM   1478 N  N   . ILE A 1 183 ? -13.493 11.864  -0.081  1.00 45.27 ? 376 ILE A N   1 
ATOM   1479 C  CA  . ILE A 1 183 ? -13.214 11.727  1.346   1.00 46.59 ? 376 ILE A CA  1 
ATOM   1480 C  C   . ILE A 1 183 ? -12.052 12.627  1.756   1.00 49.68 ? 376 ILE A C   1 
ATOM   1481 O  O   . ILE A 1 183 ? -12.110 13.316  2.781   1.00 51.06 ? 376 ILE A O   1 
ATOM   1482 C  CB  . ILE A 1 183 ? -12.934 10.256  1.695   1.00 44.03 ? 376 ILE A CB  1 
ATOM   1483 C  CG1 . ILE A 1 183 ? -14.198 9.419   1.522   1.00 43.80 ? 376 ILE A CG1 1 
ATOM   1484 C  CG2 . ILE A 1 183 ? -12.407 10.133  3.112   1.00 43.61 ? 376 ILE A CG2 1 
ATOM   1485 C  CD1 . ILE A 1 183 ? -13.979 7.946   1.768   1.00 44.06 ? 376 ILE A CD1 1 
ATOM   1486 N  N   . LEU A 1 184 ? -10.983 12.633  0.970   1.00 51.17 ? 377 LEU A N   1 
ATOM   1487 C  CA  . LEU A 1 184 ? -9.777  13.361  1.333   1.00 52.61 ? 377 LEU A CA  1 
ATOM   1488 C  C   . LEU A 1 184 ? -9.757  14.786  0.800   1.00 55.48 ? 377 LEU A C   1 
ATOM   1489 O  O   . LEU A 1 184 ? -8.800  15.517  1.072   1.00 56.88 ? 377 LEU A O   1 
ATOM   1490 C  CB  . LEU A 1 184 ? -8.542  12.605  0.838   1.00 51.18 ? 377 LEU A CB  1 
ATOM   1491 C  CG  . LEU A 1 184 ? -8.417  11.183  1.384   1.00 50.46 ? 377 LEU A CG  1 
ATOM   1492 C  CD1 . LEU A 1 184 ? -7.206  10.486  0.795   1.00 50.74 ? 377 LEU A CD1 1 
ATOM   1493 C  CD2 . LEU A 1 184 ? -8.349  11.198  2.904   1.00 50.52 ? 377 LEU A CD2 1 
ATOM   1494 N  N   . GLN A 1 185 ? -10.783 15.193  0.058   1.00 58.02 ? 378 GLN A N   1 
ATOM   1495 C  CA  . GLN A 1 185 ? -10.834 16.540  -0.493  1.00 60.51 ? 378 GLN A CA  1 
ATOM   1496 C  C   . GLN A 1 185 ? -10.812 17.582  0.620   1.00 62.49 ? 378 GLN A C   1 
ATOM   1497 O  O   . GLN A 1 185 ? -11.397 17.388  1.688   1.00 62.23 ? 378 GLN A O   1 
ATOM   1498 C  CB  . GLN A 1 185 ? -12.098 16.703  -1.339  1.00 62.65 ? 378 GLN A CB  1 
ATOM   1499 C  CG  . GLN A 1 185 ? -12.269 18.070  -1.975  1.00 65.49 ? 378 GLN A CG  1 
ATOM   1500 C  CD  . GLN A 1 185 ? -13.715 18.367  -2.324  1.00 67.74 ? 378 GLN A CD  1 
ATOM   1501 O  OE1 . GLN A 1 185 ? -14.426 19.013  -1.555  1.00 68.39 ? 378 GLN A OE1 1 
ATOM   1502 N  NE2 . GLN A 1 185 ? -14.159 17.897  -3.485  1.00 68.75 ? 378 GLN A NE2 1 
ATOM   1503 N  N   . LEU A 1 186 ? -10.117 18.688  0.366   1.00 66.29 ? 379 LEU A N   1 
ATOM   1504 C  CA  . LEU A 1 186 ? -10.137 19.838  1.269   1.00 70.57 ? 379 LEU A CA  1 
ATOM   1505 C  C   . LEU A 1 186 ? -10.083 21.146  0.485   1.00 72.62 ? 379 LEU A C   1 
ATOM   1506 O  O   . LEU A 1 186 ? -9.784  21.153  -0.710  1.00 74.28 ? 379 LEU A O   1 
ATOM   1507 C  CB  . LEU A 1 186 ? -8.977  19.771  2.264   1.00 71.85 ? 379 LEU A CB  1 
ATOM   1508 C  CG  . LEU A 1 186 ? -9.202  18.888  3.493   1.00 72.93 ? 379 LEU A CG  1 
ATOM   1509 C  CD1 . LEU A 1 186 ? -7.937  18.803  4.334   1.00 72.91 ? 379 LEU A CD1 1 
ATOM   1510 C  CD2 . LEU A 1 186 ? -10.376 19.406  4.321   1.00 72.77 ? 379 LEU A CD2 1 
HETATM 1511 CL CL  . CL  B 2 .   ? -7.240  8.363   -6.162  1.00 60.06 ? 401 CL  A CL  1 
HETATM 1512 O  O   . HOH C 3 .   ? -5.843  -2.453  5.555   1.00 42.96 ? 501 HOH A O   1 
HETATM 1513 O  O   . HOH C 3 .   ? -8.841  -0.245  -8.139  1.00 40.34 ? 502 HOH A O   1 
HETATM 1514 O  O   . HOH C 3 .   ? -18.666 5.455   -1.084  1.00 35.46 ? 503 HOH A O   1 
HETATM 1515 O  O   . HOH C 3 .   ? 15.847  2.192   9.608   1.00 52.58 ? 504 HOH A O   1 
HETATM 1516 O  O   . HOH C 3 .   ? -0.455  7.843   -3.548  1.00 44.91 ? 505 HOH A O   1 
HETATM 1517 O  O   . HOH C 3 .   ? 4.077   -19.636 -6.183  1.00 53.01 ? 506 HOH A O   1 
HETATM 1518 O  O   . HOH C 3 .   ? 8.869   4.588   -2.807  1.00 45.18 ? 507 HOH A O   1 
HETATM 1519 O  O   . HOH C 3 .   ? -9.580  2.053   5.992   1.00 43.96 ? 508 HOH A O   1 
HETATM 1520 O  O   . HOH C 3 .   ? -14.770 -1.768  -1.262  1.00 50.64 ? 509 HOH A O   1 
HETATM 1521 O  O   . HOH C 3 .   ? 16.431  1.237   -1.092  1.00 60.35 ? 510 HOH A O   1 
HETATM 1522 O  O   . HOH C 3 .   ? 5.127   -4.993  -18.848 1.00 33.67 ? 511 HOH A O   1 
HETATM 1523 O  O   . HOH C 3 .   ? -21.336 -7.380  -1.820  1.00 35.94 ? 512 HOH A O   1 
HETATM 1524 O  O   . HOH C 3 .   ? 3.951   -6.911  -18.412 1.00 41.25 ? 513 HOH A O   1 
HETATM 1525 O  O   . HOH C 3 .   ? -3.066  -4.646  13.889  1.00 52.68 ? 514 HOH A O   1 
HETATM 1526 O  O   . HOH C 3 .   ? 9.188   -14.340 -12.268 1.00 48.83 ? 515 HOH A O   1 
HETATM 1527 O  O   . HOH C 3 .   ? 8.428   -10.889 0.170   1.00 43.38 ? 516 HOH A O   1 
HETATM 1528 O  O   . HOH C 3 .   ? -12.374 -8.727  -2.448  1.00 49.68 ? 517 HOH A O   1 
HETATM 1529 O  O   . HOH C 3 .   ? -7.309  1.945   -14.523 1.00 39.05 ? 518 HOH A O   1 
HETATM 1530 O  O   . HOH C 3 .   ? 7.395   -4.930  -18.513 1.00 39.92 ? 519 HOH A O   1 
HETATM 1531 O  O   . HOH C 3 .   ? -13.352 9.695   -10.883 1.00 34.49 ? 520 HOH A O   1 
HETATM 1532 O  O   . HOH C 3 .   ? 26.488  8.089   5.487   1.00 63.99 ? 521 HOH A O   1 
HETATM 1533 O  O   . HOH C 3 .   ? -9.421  -8.097  4.858   1.00 48.74 ? 522 HOH A O   1 
# 
